data_8VVK
#
_entry.id   8VVK
#
_cell.length_a   149.647
_cell.length_b   149.647
_cell.length_c   315.727
_cell.angle_alpha   90.000
_cell.angle_beta   90.000
_cell.angle_gamma   120.000
#
_symmetry.space_group_name_H-M   'P 61 2 2'
#
loop_
_entity.id
_entity.type
_entity.pdbx_description
1 polymer GP38
2 polymer 'ADI-46143 Fab Light Chain'
3 polymer 'ADI-46143 Fab Heavy Chain'
4 branched 2-acetamido-2-deoxy-beta-D-glucopyranose-(1-4)-2-acetamido-2-deoxy-beta-D-glucopyranose
5 branched beta-D-mannopyranose-(1-4)-2-acetamido-2-deoxy-beta-D-glucopyranose-(1-4)-2-acetamido-2-deoxy-beta-D-glucopyranose
6 water water
#
loop_
_entity_poly.entity_id
_entity_poly.type
_entity_poly.pdbx_seq_one_letter_code
_entity_poly.pdbx_strand_id
1 'polypeptide(L)'
;NLKMEIILTLSQGLKKYYGKILRLLQLTLEEDTEGLLEWCKRNLGLDCDDTFFQKRIEEFFITGEGHFNEVLQFRTPGTL
STTESTPAGLPTAEPFKSYFAKGFLSIDSGYYSAKCYSGTSNSGLQLINITRHSTRIVDTPGPKITNLKTINCINLKASI
FKEHREVEINVLLPQVAVNLSNCHVVIKSHVCDYSLDIDGAVRLPHIYHEGVFIPGTYKIVIDKKNKLNDRCTLFTDCVI
KGREVRKGQSVLRQYKTEIRIGKASTGS
;
A,B
2 'polypeptide(L)'
;SYVLTQPPSVSVAPGQTAKITCGGNNIGGKSVHWYQQKPGQAPVLVVYDDSDRPSGIPERFSGSNSGNTATLTISRVEAG
DEAGYFCQVWDGSGDQVVFGGGTKLTVLQPKAAPSVTLFPPSSEELQANKATLVCLISDFYPGAVTVAWKADSSPVKAGV
ETTTPSKQSNNKYAASSYLSLTPEQWKSHRSYSCQVTHEGSTVEKTVAPTECS
;
C,L
3 'polypeptide(L)'
;QLQLQESGPGLEKPSETLSLTCIVSGGSISSSDYFWGWIRQPPGKGLEWIGSIYYSGSTYYNPSLKSRVTTSVDTSKNQF
SLKVMSVTAADTAMYYCARGGYGGYESDAYDIWGQGTMVTVSSASTKGPSVFPLAPSSKSTSGGTAALGCLVKDYFPEPV
TVSWNSGALTSGVHTFPAVLQSSGLYSLSSVVTVPSSSLGTQTYICNVNHKPSNTKVDKKVEPK
;
D,H
#
loop_
_chem_comp.id
_chem_comp.type
_chem_comp.name
_chem_comp.formula
BMA D-saccharide, beta linking beta-D-mannopyranose 'C6 H12 O6'
NAG D-saccharide, beta linking 2-acetamido-2-deoxy-beta-D-glucopyranose 'C8 H15 N O6'
#
# COMPACT_ATOMS: atom_id res chain seq x y z
N ILE A 6 32.68 -22.27 -19.66
CA ILE A 6 33.94 -22.18 -20.38
C ILE A 6 34.24 -20.65 -20.41
N ILE A 7 35.44 -20.35 -20.87
CA ILE A 7 35.96 -19.01 -21.07
C ILE A 7 35.34 -18.45 -22.33
N LEU A 8 35.28 -17.11 -22.40
CA LEU A 8 34.89 -16.38 -23.61
C LEU A 8 35.92 -15.29 -23.89
N THR A 9 36.23 -15.04 -25.17
CA THR A 9 37.15 -13.95 -25.46
C THR A 9 36.39 -12.64 -25.42
N LEU A 10 37.10 -11.54 -25.73
CA LEU A 10 36.47 -10.25 -25.81
C LEU A 10 35.28 -10.27 -26.78
N SER A 11 35.45 -10.91 -27.94
CA SER A 11 34.40 -10.90 -28.96
C SER A 11 33.12 -11.57 -28.46
N GLN A 12 33.23 -12.82 -27.96
CA GLN A 12 32.03 -13.54 -27.57
C GLN A 12 31.37 -12.91 -26.36
N GLY A 13 32.16 -12.42 -25.41
CA GLY A 13 31.62 -11.85 -24.20
C GLY A 13 30.90 -10.52 -24.42
N LEU A 14 31.37 -9.71 -25.36
CA LEU A 14 30.69 -8.46 -25.66
C LEU A 14 29.31 -8.72 -26.24
N LYS A 15 29.17 -9.78 -27.04
CA LYS A 15 27.88 -10.12 -27.62
C LYS A 15 26.88 -10.49 -26.53
N LYS A 16 27.29 -11.33 -25.58
CA LYS A 16 26.39 -11.68 -24.49
C LYS A 16 26.11 -10.48 -23.60
N TYR A 17 27.15 -9.67 -23.32
CA TYR A 17 26.96 -8.41 -22.61
C TYR A 17 25.88 -7.55 -23.25
N TYR A 18 25.96 -7.39 -24.57
CA TYR A 18 24.90 -6.68 -25.29
C TYR A 18 23.59 -7.46 -25.23
N GLY A 19 23.66 -8.79 -25.31
CA GLY A 19 22.46 -9.60 -25.24
C GLY A 19 21.67 -9.37 -23.97
N LYS A 20 22.37 -9.19 -22.85
CA LYS A 20 21.70 -8.87 -21.59
C LYS A 20 21.06 -7.49 -21.64
N ILE A 21 21.74 -6.51 -22.26
CA ILE A 21 21.18 -5.17 -22.35
C ILE A 21 19.90 -5.18 -23.18
N LEU A 22 19.91 -5.90 -24.31
CA LEU A 22 18.72 -5.98 -25.15
C LEU A 22 17.56 -6.62 -24.40
N ARG A 23 17.85 -7.58 -23.51
CA ARG A 23 16.79 -8.21 -22.73
C ARG A 23 16.22 -7.24 -21.69
N LEU A 24 17.09 -6.53 -20.98
CA LEU A 24 16.61 -5.61 -19.96
C LEU A 24 15.86 -4.45 -20.58
N LEU A 25 16.27 -4.00 -21.77
CA LEU A 25 15.51 -2.98 -22.48
C LEU A 25 14.15 -3.47 -22.95
N GLN A 26 13.88 -4.77 -22.81
CA GLN A 26 12.62 -5.38 -23.24
C GLN A 26 12.45 -5.34 -24.77
N LEU A 27 13.56 -5.35 -25.49
CA LEU A 27 13.54 -5.55 -26.93
C LEU A 27 13.63 -7.01 -27.31
N THR A 28 14.22 -7.86 -26.46
CA THR A 28 14.24 -9.30 -26.67
C THR A 28 13.59 -9.99 -25.48
N LEU A 29 13.08 -11.19 -25.73
CA LEU A 29 12.51 -12.03 -24.68
C LEU A 29 13.40 -13.21 -24.35
N GLU A 30 14.56 -13.31 -25.00
CA GLU A 30 15.52 -14.37 -24.79
C GLU A 30 16.92 -13.77 -24.68
N GLU A 31 17.86 -14.59 -24.25
CA GLU A 31 19.24 -14.16 -24.08
C GLU A 31 20.15 -15.38 -24.05
N ASP A 32 21.41 -15.15 -24.36
CA ASP A 32 22.48 -16.11 -24.08
C ASP A 32 23.49 -15.38 -23.20
N THR A 33 23.41 -15.59 -21.89
CA THR A 33 24.30 -14.92 -20.95
C THR A 33 25.21 -15.91 -20.22
N GLU A 34 25.37 -17.13 -20.74
CA GLU A 34 26.19 -18.11 -20.06
C GLU A 34 27.67 -17.79 -20.22
N GLY A 35 28.38 -17.68 -19.09
CA GLY A 35 29.75 -17.23 -19.08
C GLY A 35 29.93 -15.75 -18.88
N LEU A 36 28.85 -14.97 -18.93
CA LEU A 36 28.98 -13.51 -18.88
C LEU A 36 29.49 -13.04 -17.52
N LEU A 37 28.97 -13.61 -16.44
CA LEU A 37 29.33 -13.15 -15.09
C LEU A 37 30.83 -13.17 -14.87
N GLU A 38 31.49 -14.28 -15.25
CA GLU A 38 32.95 -14.29 -15.18
C GLU A 38 33.47 -13.20 -16.08
N TRP A 39 33.04 -13.19 -17.34
CA TRP A 39 33.58 -12.26 -18.34
C TRP A 39 33.68 -10.83 -17.79
N CYS A 40 32.69 -10.40 -16.99
CA CYS A 40 32.77 -9.08 -16.36
C CYS A 40 33.79 -9.06 -15.23
N LYS A 41 33.99 -10.18 -14.53
CA LYS A 41 35.06 -10.21 -13.52
C LYS A 41 36.43 -10.14 -14.17
N ARG A 42 36.61 -10.82 -15.31
CA ARG A 42 37.93 -10.92 -15.93
C ARG A 42 38.28 -9.69 -16.76
N ASN A 43 37.35 -9.23 -17.60
CA ASN A 43 37.64 -8.10 -18.49
C ASN A 43 37.23 -6.75 -17.92
N LEU A 44 36.34 -6.73 -16.93
CA LEU A 44 35.88 -5.48 -16.33
C LEU A 44 36.15 -5.40 -14.84
N GLY A 45 36.57 -6.49 -14.20
CA GLY A 45 36.91 -6.45 -12.78
C GLY A 45 35.76 -6.08 -11.87
N LEU A 46 34.54 -6.50 -12.20
CA LEU A 46 33.39 -6.20 -11.35
C LEU A 46 32.37 -7.32 -11.45
N ASP A 47 31.31 -7.20 -10.66
CA ASP A 47 30.18 -8.13 -10.66
C ASP A 47 29.03 -7.47 -11.42
N CYS A 48 28.74 -7.98 -12.62
CA CYS A 48 27.72 -7.36 -13.47
C CYS A 48 26.37 -8.06 -13.24
N ASP A 49 25.80 -7.78 -12.08
CA ASP A 49 24.45 -8.24 -11.75
C ASP A 49 23.44 -7.34 -12.47
N ASP A 50 22.14 -7.53 -12.17
CA ASP A 50 21.11 -6.74 -12.83
C ASP A 50 21.17 -5.27 -12.42
N THR A 51 21.51 -5.00 -11.16
CA THR A 51 21.65 -3.61 -10.71
C THR A 51 22.72 -2.87 -11.52
N PHE A 52 23.88 -3.51 -11.72
CA PHE A 52 24.93 -2.90 -12.54
C PHE A 52 24.42 -2.58 -13.94
N PHE A 53 23.70 -3.52 -14.57
CA PHE A 53 23.26 -3.32 -15.94
C PHE A 53 22.21 -2.22 -16.04
N GLN A 54 21.34 -2.08 -15.04
CA GLN A 54 20.40 -0.97 -15.06
C GLN A 54 21.14 0.35 -15.00
N LYS A 55 22.20 0.44 -14.17
CA LYS A 55 22.98 1.66 -14.09
C LYS A 55 23.63 1.99 -15.42
N ARG A 56 24.05 0.98 -16.17
CA ARG A 56 24.65 1.23 -17.48
C ARG A 56 23.62 1.73 -18.47
N ILE A 57 22.43 1.15 -18.45
CA ILE A 57 21.37 1.61 -19.33
C ILE A 57 20.94 3.03 -18.96
N GLU A 58 20.73 3.27 -17.67
CA GLU A 58 20.31 4.59 -17.22
C GLU A 58 21.34 5.65 -17.55
N GLU A 59 22.63 5.34 -17.36
CA GLU A 59 23.66 6.33 -17.59
C GLU A 59 23.90 6.56 -19.09
N PHE A 60 23.72 5.52 -19.90
CA PHE A 60 23.93 5.68 -21.34
C PHE A 60 22.81 6.49 -21.98
N PHE A 61 21.57 6.29 -21.56
CA PHE A 61 20.44 6.92 -22.22
C PHE A 61 20.01 8.23 -21.58
N ILE A 62 20.33 8.45 -20.30
CA ILE A 62 19.86 9.66 -19.62
C ILE A 62 21.00 10.40 -18.95
N THR A 63 21.52 9.84 -17.85
CA THR A 63 22.46 10.55 -16.98
C THR A 63 23.90 10.38 -17.45
N GLY A 64 24.15 10.78 -18.70
CA GLY A 64 25.48 10.66 -19.27
C GLY A 64 26.51 11.48 -18.52
N GLU A 65 27.78 11.18 -18.79
CA GLU A 65 28.90 11.83 -18.12
C GLU A 65 30.01 12.12 -19.11
N GLY A 66 29.65 12.50 -20.33
CA GLY A 66 30.64 12.82 -21.34
C GLY A 66 30.90 11.73 -22.36
N HIS A 67 31.96 10.97 -22.15
CA HIS A 67 32.43 9.95 -23.10
C HIS A 67 32.16 8.56 -22.57
N PHE A 68 31.62 7.70 -23.43
CA PHE A 68 31.31 6.32 -23.09
C PHE A 68 32.19 5.37 -23.87
N ASN A 69 32.37 4.16 -23.32
CA ASN A 69 33.13 3.12 -23.99
C ASN A 69 32.16 2.11 -24.60
N GLU A 70 32.68 0.94 -25.00
CA GLU A 70 31.84 -0.07 -25.64
C GLU A 70 30.94 -0.80 -24.65
N VAL A 71 31.26 -0.76 -23.36
CA VAL A 71 30.48 -1.46 -22.35
C VAL A 71 29.62 -0.49 -21.54
N LEU A 72 29.42 0.72 -22.05
CA LEU A 72 28.46 1.68 -21.51
C LEU A 72 28.92 2.28 -20.18
N GLN A 73 30.23 2.44 -20.01
CA GLN A 73 30.79 3.15 -18.87
C GLN A 73 31.22 4.53 -19.33
N PHE A 74 31.12 5.50 -18.42
CA PHE A 74 31.43 6.89 -18.78
C PHE A 74 32.68 7.42 -18.07
N PRO A 95 41.15 -3.69 -21.40
CA PRO A 95 40.19 -3.62 -22.51
C PRO A 95 39.15 -2.50 -22.33
N PHE A 96 38.57 -2.06 -23.44
CA PHE A 96 37.47 -1.10 -23.43
C PHE A 96 37.88 0.24 -22.82
N LYS A 97 39.11 0.65 -23.12
CA LYS A 97 39.60 1.96 -22.70
C LYS A 97 39.39 3.03 -23.77
N SER A 98 38.97 2.65 -24.97
CA SER A 98 38.73 3.61 -26.05
C SER A 98 37.33 4.18 -25.88
N TYR A 99 37.24 5.38 -25.29
CA TYR A 99 35.95 6.01 -25.03
C TYR A 99 35.58 6.91 -26.20
N PHE A 100 34.33 6.82 -26.64
CA PHE A 100 33.87 7.58 -27.80
C PHE A 100 33.24 8.89 -27.37
N ALA A 101 32.27 9.39 -28.12
CA ALA A 101 31.79 10.73 -27.87
C ALA A 101 30.26 10.77 -27.83
N LYS A 102 29.67 11.10 -28.97
CA LYS A 102 28.23 11.02 -29.16
C LYS A 102 27.92 9.89 -30.14
N GLY A 103 26.65 9.76 -30.47
CA GLY A 103 26.24 8.83 -31.50
C GLY A 103 25.66 7.56 -30.92
N PHE A 104 26.20 6.43 -31.33
CA PHE A 104 25.50 5.16 -31.17
C PHE A 104 26.49 4.05 -30.89
N LEU A 105 26.07 3.14 -30.01
CA LEU A 105 26.66 1.83 -29.89
C LEU A 105 25.79 0.86 -30.67
N SER A 106 26.42 -0.07 -31.36
CA SER A 106 25.71 -1.13 -32.06
C SER A 106 25.58 -2.30 -31.08
N ILE A 107 24.62 -2.17 -30.17
CA ILE A 107 24.30 -3.23 -29.21
C ILE A 107 23.85 -4.46 -29.98
N ASP A 108 24.81 -5.31 -30.33
CA ASP A 108 24.60 -6.45 -31.21
C ASP A 108 25.04 -7.70 -30.46
N SER A 109 24.09 -8.59 -30.20
CA SER A 109 24.37 -9.86 -29.57
C SER A 109 24.57 -10.99 -30.58
N GLY A 110 24.64 -10.67 -31.86
CA GLY A 110 24.62 -11.70 -32.91
C GLY A 110 23.24 -12.23 -33.17
N TYR A 111 22.52 -12.61 -32.11
CA TYR A 111 21.13 -13.02 -32.25
C TYR A 111 20.23 -11.86 -32.64
N TYR A 112 20.57 -10.64 -32.19
CA TYR A 112 19.74 -9.47 -32.41
C TYR A 112 20.59 -8.24 -32.15
N SER A 113 20.15 -7.11 -32.68
CA SER A 113 20.94 -5.89 -32.60
C SER A 113 20.02 -4.68 -32.65
N ALA A 114 20.51 -3.58 -32.09
CA ALA A 114 19.80 -2.31 -32.10
C ALA A 114 20.82 -1.19 -32.10
N LYS A 115 20.61 -0.19 -32.94
CA LYS A 115 21.45 1.00 -33.01
C LYS A 115 20.89 1.99 -32.00
N CYS A 116 21.54 2.10 -30.84
CA CYS A 116 21.04 2.92 -29.74
C CYS A 116 21.92 4.13 -29.55
N TYR A 117 21.28 5.26 -29.26
CA TYR A 117 21.95 6.54 -29.14
C TYR A 117 22.05 6.94 -27.69
N SER A 118 23.16 7.58 -27.35
CA SER A 118 23.40 8.05 -26.00
C SER A 118 22.59 9.32 -25.73
N GLY A 119 22.34 9.56 -24.44
CA GLY A 119 21.68 10.78 -24.03
C GLY A 119 22.56 12.02 -24.14
N THR A 120 23.88 11.83 -24.27
CA THR A 120 24.79 12.93 -24.52
C THR A 120 24.60 13.52 -25.91
N SER A 121 24.11 12.70 -26.85
CA SER A 121 23.84 13.14 -28.23
C SER A 121 22.42 13.65 -28.42
N ASN A 122 21.66 13.78 -27.34
CA ASN A 122 20.28 14.24 -27.38
C ASN A 122 20.20 15.63 -26.75
N SER A 123 19.39 16.50 -27.36
CA SER A 123 19.32 17.88 -26.88
C SER A 123 18.65 17.95 -25.51
N GLY A 124 17.45 17.37 -25.39
CA GLY A 124 16.71 17.31 -24.16
C GLY A 124 16.39 15.87 -23.81
N LEU A 125 15.27 15.69 -23.10
CA LEU A 125 14.79 14.37 -22.71
C LEU A 125 13.67 13.99 -23.68
N GLN A 126 14.02 13.17 -24.68
CA GLN A 126 13.05 12.64 -25.64
C GLN A 126 12.40 11.36 -25.13
N LEU A 127 12.34 11.17 -23.81
CA LEU A 127 11.65 10.05 -23.20
C LEU A 127 10.46 10.55 -22.41
N ILE A 128 9.46 9.68 -22.24
CA ILE A 128 8.31 9.97 -21.40
C ILE A 128 8.25 8.95 -20.28
N ASN A 129 7.66 9.35 -19.16
CA ASN A 129 7.63 8.56 -17.94
C ASN A 129 6.28 7.86 -17.85
N ILE A 130 6.27 6.54 -18.07
CA ILE A 130 4.99 5.82 -18.20
C ILE A 130 4.49 5.26 -16.88
N THR A 131 5.26 5.40 -15.79
CA THR A 131 4.69 5.11 -14.48
C THR A 131 3.77 6.23 -14.02
N ARG A 132 4.04 7.47 -14.46
CA ARG A 132 3.14 8.59 -14.25
C ARG A 132 1.78 8.31 -14.86
N HIS A 133 0.74 8.90 -14.27
CA HIS A 133 -0.63 8.54 -14.62
C HIS A 133 -0.94 8.81 -16.10
N SER A 134 -1.83 7.99 -16.65
CA SER A 134 -2.22 8.06 -18.06
C SER A 134 -3.52 8.86 -18.20
N THR A 135 -3.53 9.79 -19.14
CA THR A 135 -4.77 10.51 -19.48
C THR A 135 -5.86 9.51 -19.84
N ARG A 136 -7.06 9.74 -19.30
CA ARG A 136 -8.19 8.84 -19.53
C ARG A 136 -8.64 8.91 -20.99
N ILE A 137 -8.75 7.75 -21.64
CA ILE A 137 -9.27 7.68 -23.01
C ILE A 137 -10.35 6.60 -23.05
N VAL A 138 -11.60 7.02 -23.22
CA VAL A 138 -12.71 6.08 -23.27
C VAL A 138 -12.89 5.53 -24.67
N ASP A 139 -13.43 4.32 -24.73
CA ASP A 139 -13.68 3.69 -26.01
C ASP A 139 -15.01 4.16 -26.58
N THR A 140 -15.14 4.05 -27.89
CA THR A 140 -16.28 4.60 -28.59
C THR A 140 -16.46 3.79 -29.87
N PRO A 141 -17.65 3.78 -30.45
CA PRO A 141 -17.80 3.16 -31.77
C PRO A 141 -17.09 4.00 -32.82
N GLY A 142 -16.53 3.32 -33.81
CA GLY A 142 -15.79 4.00 -34.85
C GLY A 142 -15.42 3.07 -35.99
N PRO A 143 -14.88 3.66 -37.06
CA PRO A 143 -14.58 2.88 -38.27
C PRO A 143 -13.60 1.75 -37.99
N LYS A 144 -13.99 0.53 -38.39
CA LYS A 144 -13.12 -0.62 -38.20
C LYS A 144 -11.90 -0.58 -39.11
N ILE A 145 -12.06 -0.03 -40.31
CA ILE A 145 -10.96 0.14 -41.26
C ILE A 145 -10.67 1.62 -41.39
N THR A 146 -9.39 1.99 -41.28
CA THR A 146 -8.96 3.36 -41.50
C THR A 146 -8.02 3.37 -42.69
N ASN A 147 -8.29 4.27 -43.65
CA ASN A 147 -7.44 4.36 -44.81
C ASN A 147 -6.13 5.05 -44.48
N LEU A 148 -5.03 4.55 -45.07
CA LEU A 148 -3.71 5.11 -44.78
C LEU A 148 -3.59 6.55 -45.21
N LYS A 149 -4.37 6.98 -46.22
CA LYS A 149 -4.39 8.36 -46.66
C LYS A 149 -5.36 9.24 -45.88
N THR A 150 -6.15 8.67 -44.95
CA THR A 150 -7.15 9.44 -44.20
C THR A 150 -7.13 9.00 -42.73
N ILE A 151 -6.04 9.37 -42.04
CA ILE A 151 -5.83 8.97 -40.65
C ILE A 151 -6.06 10.21 -39.79
N ASN A 152 -7.25 10.28 -39.18
CA ASN A 152 -7.64 11.37 -38.30
C ASN A 152 -7.25 11.11 -36.85
N CYS A 153 -6.61 9.98 -36.57
CA CYS A 153 -6.08 9.71 -35.24
C CYS A 153 -4.98 10.70 -34.89
N ILE A 154 -5.01 11.21 -33.65
CA ILE A 154 -3.97 12.13 -33.20
C ILE A 154 -2.72 11.42 -32.74
N ASN A 155 -2.78 10.10 -32.52
CA ASN A 155 -1.60 9.34 -32.11
C ASN A 155 -0.79 8.82 -33.28
N LEU A 156 -1.28 8.95 -34.51
CA LEU A 156 -0.63 8.39 -35.69
C LEU A 156 -0.60 9.43 -36.81
N LYS A 157 0.53 9.52 -37.49
CA LYS A 157 0.69 10.43 -38.62
C LYS A 157 1.47 9.69 -39.71
N ALA A 158 0.91 9.62 -40.91
CA ALA A 158 1.43 8.75 -41.95
C ALA A 158 2.04 9.56 -43.08
N SER A 159 3.14 9.06 -43.63
CA SER A 159 3.77 9.61 -44.82
C SER A 159 3.89 8.51 -45.86
N ILE A 160 3.25 8.69 -47.01
CA ILE A 160 3.32 7.74 -48.12
C ILE A 160 4.35 8.25 -49.11
N PHE A 161 5.31 7.40 -49.46
CA PHE A 161 6.38 7.76 -50.39
C PHE A 161 6.24 6.88 -51.63
N LYS A 162 5.30 7.24 -52.51
CA LYS A 162 5.01 6.42 -53.68
C LYS A 162 6.23 6.26 -54.57
N GLU A 163 7.11 7.26 -54.59
CA GLU A 163 8.33 7.17 -55.39
C GLU A 163 9.23 6.04 -54.91
N HIS A 164 9.36 5.90 -53.59
CA HIS A 164 10.21 4.86 -53.00
C HIS A 164 9.43 3.62 -52.58
N ARG A 165 8.11 3.62 -52.78
CA ARG A 165 7.26 2.50 -52.41
C ARG A 165 7.47 2.10 -50.95
N GLU A 166 7.51 3.12 -50.08
CA GLU A 166 7.67 2.88 -48.65
C GLU A 166 6.73 3.80 -47.88
N VAL A 167 6.37 3.34 -46.68
CA VAL A 167 5.47 4.08 -45.80
C VAL A 167 6.16 4.27 -44.47
N GLU A 168 6.05 5.49 -43.93
CA GLU A 168 6.57 5.81 -42.60
C GLU A 168 5.42 6.27 -41.73
N ILE A 169 5.18 5.54 -40.65
CA ILE A 169 4.12 5.83 -39.68
C ILE A 169 4.77 6.44 -38.46
N ASN A 170 4.42 7.68 -38.15
CA ASN A 170 4.96 8.40 -37.02
C ASN A 170 3.98 8.24 -35.85
N VAL A 171 4.42 7.54 -34.82
CA VAL A 171 3.60 7.31 -33.64
C VAL A 171 3.83 8.43 -32.64
N LEU A 172 2.79 9.23 -32.39
CA LEU A 172 2.92 10.40 -31.52
C LEU A 172 2.57 10.12 -30.07
N LEU A 173 1.73 9.11 -29.80
CA LEU A 173 1.39 8.68 -28.43
C LEU A 173 1.82 7.23 -28.28
N PRO A 174 3.09 6.98 -27.97
CA PRO A 174 3.60 5.60 -27.90
C PRO A 174 2.96 4.77 -26.80
N GLN A 175 2.31 5.39 -25.82
CA GLN A 175 1.66 4.59 -24.79
C GLN A 175 0.43 3.87 -25.34
N VAL A 176 -0.13 4.34 -26.45
CA VAL A 176 -1.22 3.64 -27.13
C VAL A 176 -0.60 2.59 -28.04
N ALA A 177 -0.97 1.33 -27.87
CA ALA A 177 -0.26 0.26 -28.55
C ALA A 177 -0.54 0.30 -30.05
N VAL A 178 0.48 -0.07 -30.83
CA VAL A 178 0.37 -0.34 -32.25
C VAL A 178 0.80 -1.77 -32.46
N ASN A 179 -0.03 -2.56 -33.13
CA ASN A 179 0.20 -3.99 -33.32
C ASN A 179 0.44 -4.29 -34.79
N LEU A 180 1.51 -5.03 -35.05
CA LEU A 180 1.84 -5.43 -36.40
C LEU A 180 1.20 -6.77 -36.74
N SER A 181 0.87 -6.95 -38.01
CA SER A 181 0.22 -8.18 -38.49
C SER A 181 0.81 -8.50 -39.87
N ASN A 182 1.70 -9.50 -39.92
CA ASN A 182 2.44 -9.87 -41.13
C ASN A 182 3.23 -8.67 -41.67
N CYS A 183 3.98 -8.03 -40.79
CA CYS A 183 4.76 -6.84 -41.14
C CYS A 183 6.23 -7.11 -40.89
N HIS A 184 7.07 -6.49 -41.72
CA HIS A 184 8.52 -6.52 -41.56
C HIS A 184 8.97 -5.05 -41.64
N VAL A 185 9.19 -4.47 -40.47
CA VAL A 185 9.33 -3.03 -40.32
C VAL A 185 10.67 -2.73 -39.64
N VAL A 186 11.08 -1.46 -39.73
CA VAL A 186 12.20 -0.95 -38.96
C VAL A 186 11.68 0.15 -38.05
N ILE A 187 11.95 0.03 -36.75
CA ILE A 187 11.55 1.04 -35.78
C ILE A 187 12.69 2.04 -35.62
N LYS A 188 12.39 3.32 -35.78
CA LYS A 188 13.36 4.38 -35.63
C LYS A 188 12.91 5.36 -34.55
N SER A 189 13.85 5.77 -33.70
CA SER A 189 13.55 6.71 -32.62
C SER A 189 14.85 7.39 -32.20
N HIS A 190 14.72 8.40 -31.34
CA HIS A 190 15.88 9.07 -30.76
C HIS A 190 16.55 8.23 -29.68
N VAL A 191 16.00 7.07 -29.34
CA VAL A 191 16.57 6.19 -28.33
C VAL A 191 17.31 5.04 -29.00
N CYS A 192 16.58 4.18 -29.71
CA CYS A 192 17.16 3.03 -30.40
C CYS A 192 16.50 2.87 -31.76
N ASP A 193 17.24 2.22 -32.66
CA ASP A 193 16.75 1.83 -33.97
C ASP A 193 16.94 0.33 -34.12
N TYR A 194 15.89 -0.37 -34.55
CA TYR A 194 15.94 -1.83 -34.60
C TYR A 194 14.85 -2.31 -35.55
N SER A 195 14.97 -3.58 -35.94
CA SER A 195 14.02 -4.21 -36.83
C SER A 195 13.02 -5.07 -36.05
N LEU A 196 11.78 -5.10 -36.54
CA LEU A 196 10.73 -5.92 -35.97
C LEU A 196 10.13 -6.79 -37.06
N ASP A 197 9.96 -8.08 -36.77
CA ASP A 197 9.41 -9.03 -37.72
C ASP A 197 8.32 -9.90 -37.11
N ILE A 198 7.96 -9.66 -35.85
CA ILE A 198 7.08 -10.54 -35.08
C ILE A 198 5.74 -9.86 -34.88
N ASP A 199 4.67 -10.62 -35.02
CA ASP A 199 3.32 -10.08 -34.87
C ASP A 199 3.09 -9.61 -33.43
N GLY A 200 2.20 -8.62 -33.29
CA GLY A 200 1.80 -8.12 -32.00
C GLY A 200 2.26 -6.70 -31.78
N ALA A 201 2.18 -6.27 -30.52
CA ALA A 201 2.45 -4.87 -30.17
C ALA A 201 3.91 -4.51 -30.41
N VAL A 202 4.13 -3.31 -30.94
CA VAL A 202 5.49 -2.84 -31.18
C VAL A 202 6.23 -2.80 -29.86
N ARG A 203 7.37 -3.50 -29.80
CA ARG A 203 8.27 -3.43 -28.66
C ARG A 203 9.06 -2.14 -28.69
N LEU A 204 9.14 -1.45 -27.54
CA LEU A 204 9.90 -0.22 -27.40
C LEU A 204 10.92 -0.34 -26.27
N PRO A 205 12.02 0.41 -26.32
CA PRO A 205 13.03 0.32 -25.26
C PRO A 205 12.49 0.83 -23.93
N HIS A 206 12.72 0.05 -22.88
CA HIS A 206 12.33 0.43 -21.52
C HIS A 206 13.58 0.71 -20.70
N ILE A 207 13.64 1.93 -20.15
CA ILE A 207 14.75 2.37 -19.31
C ILE A 207 14.19 2.74 -17.96
N TYR A 208 14.88 2.33 -16.89
CA TYR A 208 14.47 2.65 -15.53
C TYR A 208 15.32 3.78 -14.97
N HIS A 209 14.66 4.88 -14.62
CA HIS A 209 15.26 6.06 -14.00
C HIS A 209 14.18 6.58 -13.05
N GLU A 210 14.12 5.98 -11.85
CA GLU A 210 13.12 6.31 -10.84
C GLU A 210 11.71 6.30 -11.46
N GLY A 211 11.42 5.22 -12.15
CA GLY A 211 10.22 5.10 -12.97
C GLY A 211 10.57 4.51 -14.32
N VAL A 212 9.57 4.16 -15.11
CA VAL A 212 9.78 3.51 -16.40
C VAL A 212 9.70 4.55 -17.51
N PHE A 213 10.67 4.52 -18.41
CA PHE A 213 10.77 5.49 -19.49
C PHE A 213 10.79 4.79 -20.85
N ILE A 214 10.02 5.32 -21.79
CA ILE A 214 10.04 4.87 -23.17
C ILE A 214 10.24 6.08 -24.07
N PRO A 215 10.52 5.91 -25.36
CA PRO A 215 10.67 7.09 -26.22
C PRO A 215 9.36 7.86 -26.32
N GLY A 216 9.48 9.18 -26.49
CA GLY A 216 8.31 10.03 -26.63
C GLY A 216 7.63 9.96 -27.98
N THR A 217 8.35 9.54 -29.02
CA THR A 217 7.80 9.29 -30.34
C THR A 217 8.67 8.23 -31.00
N TYR A 218 8.09 7.53 -31.97
CA TYR A 218 8.87 6.62 -32.78
C TYR A 218 8.27 6.55 -34.16
N LYS A 219 9.03 5.95 -35.07
CA LYS A 219 8.66 5.87 -36.48
C LYS A 219 8.69 4.40 -36.90
N ILE A 220 7.61 3.97 -37.55
CA ILE A 220 7.54 2.65 -38.17
C ILE A 220 7.79 2.84 -39.67
N VAL A 221 8.84 2.21 -40.17
CA VAL A 221 9.19 2.27 -41.59
C VAL A 221 8.83 0.94 -42.23
N ILE A 222 7.93 0.98 -43.20
CA ILE A 222 7.45 -0.20 -43.91
C ILE A 222 7.86 -0.09 -45.37
N ASP A 223 8.71 -1.01 -45.81
CA ASP A 223 9.16 -1.05 -47.20
C ASP A 223 8.23 -1.96 -47.98
N LYS A 224 7.39 -1.36 -48.82
CA LYS A 224 6.44 -2.13 -49.62
C LYS A 224 7.10 -2.83 -50.81
N LYS A 225 8.38 -2.53 -51.08
CA LYS A 225 9.14 -3.28 -52.07
C LYS A 225 9.58 -4.65 -51.58
N ASN A 226 9.34 -4.96 -50.31
CA ASN A 226 9.64 -6.27 -49.76
C ASN A 226 8.40 -7.14 -49.81
N LYS A 227 8.54 -8.33 -50.42
CA LYS A 227 7.41 -9.27 -50.54
C LYS A 227 6.85 -9.65 -49.18
N LEU A 228 7.66 -9.55 -48.12
CA LEU A 228 7.21 -9.90 -46.78
C LEU A 228 6.15 -8.95 -46.24
N ASN A 229 5.95 -7.80 -46.88
CA ASN A 229 4.98 -6.82 -46.41
C ASN A 229 3.71 -6.81 -47.24
N ASP A 230 3.50 -7.85 -48.07
CA ASP A 230 2.36 -7.87 -48.97
C ASP A 230 1.02 -7.78 -48.23
N ARG A 231 0.99 -8.21 -46.97
CA ARG A 231 -0.25 -8.20 -46.19
C ARG A 231 -0.09 -7.43 -44.90
N CYS A 232 0.86 -6.49 -44.87
CA CYS A 232 1.13 -5.73 -43.65
C CYS A 232 -0.09 -4.91 -43.27
N THR A 233 -0.56 -5.11 -42.02
CA THR A 233 -1.69 -4.39 -41.46
C THR A 233 -1.34 -3.88 -40.08
N LEU A 234 -1.76 -2.65 -39.78
CA LEU A 234 -1.59 -2.06 -38.46
C LEU A 234 -2.90 -2.13 -37.71
N PHE A 235 -2.86 -2.62 -36.48
CA PHE A 235 -4.01 -2.63 -35.57
C PHE A 235 -3.68 -1.69 -34.43
N THR A 236 -4.55 -0.72 -34.18
CA THR A 236 -4.30 0.25 -33.12
C THR A 236 -5.62 0.84 -32.65
N ASP A 237 -5.52 1.60 -31.56
CA ASP A 237 -6.61 2.45 -31.07
C ASP A 237 -6.47 3.83 -31.69
N CYS A 238 -7.45 4.21 -32.50
CA CYS A 238 -7.47 5.54 -33.09
C CYS A 238 -7.98 6.55 -32.05
N VAL A 239 -7.06 7.35 -31.49
CA VAL A 239 -7.42 8.36 -30.49
C VAL A 239 -7.89 9.63 -31.18
N ILE A 240 -8.98 10.21 -30.67
CA ILE A 240 -9.65 11.34 -31.29
C ILE A 240 -9.94 12.40 -30.24
N LYS A 241 -9.65 13.66 -30.56
CA LYS A 241 -10.07 14.79 -29.74
C LYS A 241 -11.56 15.04 -29.96
N GLY A 242 -12.35 14.95 -28.88
CA GLY A 242 -13.77 15.24 -28.97
C GLY A 242 -14.06 16.72 -28.93
N ARG A 243 -15.29 17.08 -29.26
CA ARG A 243 -15.67 18.50 -29.29
C ARG A 243 -15.65 19.11 -27.89
N GLU A 244 -15.93 18.31 -26.87
CA GLU A 244 -16.05 18.81 -25.52
C GLU A 244 -14.68 19.13 -24.93
N VAL A 245 -14.58 20.28 -24.28
CA VAL A 245 -13.41 20.67 -23.49
C VAL A 245 -13.82 20.64 -22.02
N ARG A 246 -13.20 19.74 -21.27
CA ARG A 246 -13.46 19.58 -19.85
C ARG A 246 -12.13 19.67 -19.13
N LYS A 247 -12.12 20.38 -18.00
CA LYS A 247 -10.88 20.62 -17.26
C LYS A 247 -9.82 21.21 -18.18
N GLY A 248 -10.23 22.23 -18.93
CA GLY A 248 -9.35 22.93 -19.87
C GLY A 248 -8.64 22.06 -20.89
N GLN A 249 -9.22 20.90 -21.22
CA GLN A 249 -8.59 19.98 -22.15
C GLN A 249 -9.65 19.36 -23.03
N SER A 250 -9.28 19.03 -24.27
CA SER A 250 -10.15 18.23 -25.12
C SER A 250 -10.26 16.83 -24.54
N VAL A 251 -11.51 16.36 -24.38
CA VAL A 251 -11.73 14.98 -23.94
C VAL A 251 -11.25 14.04 -25.04
N LEU A 252 -10.78 12.87 -24.66
CA LEU A 252 -10.22 11.94 -25.61
C LEU A 252 -11.11 10.71 -25.70
N ARG A 253 -11.39 10.28 -26.93
CA ARG A 253 -12.08 9.03 -27.20
C ARG A 253 -11.26 8.24 -28.20
N GLN A 254 -11.49 6.93 -28.23
CA GLN A 254 -10.71 6.07 -29.11
C GLN A 254 -11.56 4.92 -29.60
N TYR A 255 -11.23 4.41 -30.78
CA TYR A 255 -11.85 3.21 -31.30
C TYR A 255 -10.80 2.32 -31.94
N LYS A 256 -11.01 1.01 -31.84
CA LYS A 256 -10.11 0.07 -32.49
C LYS A 256 -10.27 0.16 -34.00
N THR A 257 -9.15 0.10 -34.72
CA THR A 257 -9.19 0.22 -36.17
C THR A 257 -8.03 -0.55 -36.80
N GLU A 258 -8.18 -0.84 -38.09
CA GLU A 258 -7.14 -1.43 -38.93
C GLU A 258 -6.66 -0.42 -39.95
N ILE A 259 -5.35 -0.32 -40.11
CA ILE A 259 -4.77 0.42 -41.22
C ILE A 259 -4.07 -0.60 -42.09
N ARG A 260 -4.60 -0.82 -43.29
CA ARG A 260 -4.03 -1.79 -44.20
C ARG A 260 -2.95 -1.14 -45.03
N ILE A 261 -1.76 -1.72 -45.02
CA ILE A 261 -0.59 -1.15 -45.66
C ILE A 261 -0.10 -1.99 -46.82
N GLY A 262 -0.13 -3.32 -46.68
CA GLY A 262 0.26 -4.18 -47.78
C GLY A 262 -0.69 -4.09 -48.95
N LYS A 263 -0.22 -4.58 -50.10
CA LYS A 263 -1.05 -4.63 -51.30
C LYS A 263 -2.28 -5.51 -51.08
N ALA A 264 -2.06 -6.78 -50.76
CA ALA A 264 -3.13 -7.76 -50.56
C ALA A 264 -3.54 -7.88 -49.09
N SER A 265 -3.65 -6.77 -48.36
CA SER A 265 -4.10 -6.79 -46.96
C SER A 265 -5.62 -6.93 -46.88
N ILE B 6 17.15 -19.51 -36.57
CA ILE B 6 17.54 -20.10 -35.30
C ILE B 6 16.58 -21.24 -34.93
N ILE B 7 16.68 -22.35 -35.67
CA ILE B 7 15.86 -23.54 -35.43
C ILE B 7 16.69 -24.52 -34.62
N LEU B 8 16.19 -24.89 -33.45
CA LEU B 8 16.79 -25.93 -32.62
C LEU B 8 16.04 -27.24 -32.80
N THR B 9 16.77 -28.35 -32.67
CA THR B 9 16.14 -29.66 -32.67
C THR B 9 15.51 -29.96 -31.31
N LEU B 10 15.10 -31.22 -31.13
CA LEU B 10 14.54 -31.63 -29.85
C LEU B 10 15.57 -31.49 -28.73
N SER B 11 16.80 -31.93 -28.98
CA SER B 11 17.80 -32.01 -27.92
C SER B 11 18.26 -30.63 -27.48
N GLN B 12 18.54 -29.73 -28.43
CA GLN B 12 19.04 -28.41 -28.03
C GLN B 12 17.93 -27.58 -27.39
N GLY B 13 16.71 -27.66 -27.94
CA GLY B 13 15.61 -26.91 -27.34
C GLY B 13 15.25 -27.43 -25.96
N LEU B 14 15.30 -28.75 -25.76
CA LEU B 14 15.03 -29.28 -24.44
C LEU B 14 16.07 -28.81 -23.44
N LYS B 15 17.33 -28.68 -23.87
CA LYS B 15 18.37 -28.20 -22.97
C LYS B 15 18.16 -26.72 -22.62
N LYS B 16 17.77 -25.91 -23.61
CA LYS B 16 17.45 -24.52 -23.31
C LYS B 16 16.17 -24.37 -22.51
N TYR B 17 15.23 -25.31 -22.68
CA TYR B 17 14.03 -25.35 -21.85
C TYR B 17 14.39 -25.56 -20.38
N TYR B 18 15.27 -26.52 -20.10
CA TYR B 18 15.71 -26.77 -18.73
C TYR B 18 16.53 -25.61 -18.19
N GLY B 19 17.31 -24.95 -19.05
CA GLY B 19 18.06 -23.79 -18.61
C GLY B 19 17.14 -22.70 -18.10
N LYS B 20 16.06 -22.43 -18.83
CA LYS B 20 15.08 -21.45 -18.38
C LYS B 20 14.51 -21.83 -17.02
N ILE B 21 14.25 -23.12 -16.79
CA ILE B 21 13.69 -23.55 -15.52
C ILE B 21 14.71 -23.36 -14.39
N LEU B 22 15.95 -23.78 -14.62
CA LEU B 22 17.00 -23.59 -13.62
C LEU B 22 17.17 -22.12 -13.23
N ARG B 23 16.91 -21.19 -14.16
CA ARG B 23 17.07 -19.79 -13.86
C ARG B 23 15.88 -19.24 -13.09
N LEU B 24 14.65 -19.64 -13.48
CA LEU B 24 13.46 -19.25 -12.73
C LEU B 24 13.48 -19.83 -11.31
N LEU B 25 14.08 -21.00 -11.13
CA LEU B 25 14.27 -21.55 -9.78
C LEU B 25 15.36 -20.83 -9.00
N GLN B 26 16.10 -19.93 -9.64
CA GLN B 26 17.20 -19.17 -9.06
C GLN B 26 18.40 -20.04 -8.69
N LEU B 27 18.53 -21.21 -9.29
CA LEU B 27 19.73 -22.00 -9.12
C LEU B 27 20.87 -21.52 -9.99
N THR B 28 20.57 -20.73 -11.02
CA THR B 28 21.57 -20.12 -11.88
C THR B 28 21.25 -18.64 -12.06
N LEU B 29 22.26 -17.89 -12.49
CA LEU B 29 22.12 -16.48 -12.80
C LEU B 29 22.31 -16.19 -14.27
N GLU B 30 22.50 -17.22 -15.09
CA GLU B 30 22.70 -17.10 -16.52
C GLU B 30 21.82 -18.13 -17.21
N GLU B 31 21.67 -17.98 -18.53
CA GLU B 31 20.80 -18.85 -19.30
C GLU B 31 21.13 -18.69 -20.78
N ASP B 32 20.73 -19.70 -21.56
CA ASP B 32 20.73 -19.65 -23.03
C ASP B 32 19.32 -20.03 -23.48
N THR B 33 18.47 -19.03 -23.70
CA THR B 33 17.10 -19.23 -24.12
C THR B 33 16.85 -18.79 -25.57
N GLU B 34 17.90 -18.54 -26.34
CA GLU B 34 17.70 -18.07 -27.69
C GLU B 34 17.12 -19.19 -28.55
N GLY B 35 16.08 -18.86 -29.32
CA GLY B 35 15.34 -19.84 -30.08
C GLY B 35 14.39 -20.70 -29.27
N LEU B 36 14.29 -20.48 -27.96
CA LEU B 36 13.45 -21.35 -27.15
C LEU B 36 11.98 -21.09 -27.38
N LEU B 37 11.60 -19.83 -27.61
CA LEU B 37 10.18 -19.52 -27.80
C LEU B 37 9.64 -20.26 -29.02
N GLU B 38 10.35 -20.21 -30.14
CA GLU B 38 9.89 -20.93 -31.33
C GLU B 38 9.94 -22.44 -31.12
N TRP B 39 10.91 -22.92 -30.35
CA TRP B 39 10.99 -24.35 -30.06
C TRP B 39 9.75 -24.82 -29.32
N CYS B 40 9.25 -24.02 -28.37
CA CYS B 40 8.01 -24.36 -27.69
C CYS B 40 6.82 -24.36 -28.64
N LYS B 41 6.84 -23.48 -29.64
CA LYS B 41 5.75 -23.45 -30.60
C LYS B 41 5.77 -24.66 -31.51
N ARG B 42 6.95 -25.00 -32.04
CA ARG B 42 7.07 -26.09 -33.01
C ARG B 42 7.02 -27.47 -32.38
N ASN B 43 7.28 -27.61 -31.08
CA ASN B 43 7.33 -28.92 -30.45
C ASN B 43 6.33 -29.11 -29.32
N LEU B 44 5.85 -28.05 -28.69
CA LEU B 44 4.82 -28.15 -27.66
C LEU B 44 3.52 -27.45 -28.04
N GLY B 45 3.49 -26.74 -29.17
CA GLY B 45 2.26 -26.12 -29.67
C GLY B 45 1.69 -25.03 -28.78
N LEU B 46 2.56 -24.25 -28.15
CA LEU B 46 2.11 -23.19 -27.25
C LEU B 46 3.23 -22.17 -27.11
N ASP B 47 2.93 -21.08 -26.41
CA ASP B 47 3.90 -20.04 -26.11
C ASP B 47 4.44 -20.24 -24.70
N CYS B 48 5.74 -20.43 -24.58
CA CYS B 48 6.35 -20.59 -23.26
C CYS B 48 6.88 -19.24 -22.78
N ASP B 49 5.94 -18.40 -22.37
CA ASP B 49 6.29 -17.15 -21.70
C ASP B 49 6.52 -17.43 -20.21
N ASP B 50 6.77 -16.37 -19.44
CA ASP B 50 7.13 -16.55 -18.04
C ASP B 50 6.01 -17.19 -17.24
N THR B 51 4.76 -16.77 -17.50
CA THR B 51 3.61 -17.35 -16.82
C THR B 51 3.53 -18.85 -17.04
N PHE B 52 3.75 -19.30 -18.28
CA PHE B 52 3.73 -20.74 -18.59
C PHE B 52 4.77 -21.49 -17.76
N PHE B 53 6.01 -21.00 -17.75
CA PHE B 53 7.06 -21.70 -17.02
C PHE B 53 6.76 -21.71 -15.53
N GLN B 54 6.15 -20.66 -14.99
CA GLN B 54 5.82 -20.66 -13.57
C GLN B 54 4.79 -21.72 -13.25
N LYS B 55 3.84 -21.95 -14.17
CA LYS B 55 2.86 -23.03 -13.96
C LYS B 55 3.54 -24.39 -14.00
N ARG B 56 4.47 -24.59 -14.95
CA ARG B 56 5.15 -25.89 -15.02
C ARG B 56 5.96 -26.15 -13.76
N ILE B 57 6.61 -25.12 -13.22
CA ILE B 57 7.35 -25.28 -11.98
C ILE B 57 6.41 -25.53 -10.82
N GLU B 58 5.34 -24.75 -10.75
CA GLU B 58 4.38 -24.90 -9.65
C GLU B 58 3.68 -26.26 -9.71
N GLU B 59 3.45 -26.79 -10.91
CA GLU B 59 2.81 -28.10 -10.99
C GLU B 59 3.79 -29.23 -10.70
N PHE B 60 5.02 -29.16 -11.22
CA PHE B 60 5.93 -30.29 -11.02
C PHE B 60 6.29 -30.46 -9.55
N PHE B 61 6.32 -29.38 -8.77
CA PHE B 61 6.80 -29.43 -7.40
C PHE B 61 5.70 -29.43 -6.35
N ILE B 62 4.50 -28.97 -6.70
CA ILE B 62 3.43 -28.80 -5.71
C ILE B 62 2.14 -29.42 -6.23
N THR B 63 1.35 -28.66 -6.99
CA THR B 63 0.02 -29.10 -7.38
C THR B 63 0.08 -30.09 -8.54
N GLY B 64 -0.95 -30.91 -8.66
CA GLY B 64 -1.02 -31.85 -9.77
C GLY B 64 -0.51 -33.23 -9.42
N GLU B 65 -1.33 -34.26 -9.69
CA GLU B 65 -1.07 -35.60 -9.17
C GLU B 65 -0.98 -36.66 -10.28
N GLY B 66 -0.92 -36.25 -11.55
CA GLY B 66 -0.84 -37.18 -12.65
C GLY B 66 0.57 -37.62 -12.96
N HIS B 67 0.73 -38.21 -14.14
CA HIS B 67 2.05 -38.51 -14.67
C HIS B 67 2.60 -37.30 -15.42
N PHE B 68 3.92 -37.21 -15.48
CA PHE B 68 4.58 -36.06 -16.10
C PHE B 68 5.54 -36.52 -17.18
N ASN B 69 5.80 -35.63 -18.13
CA ASN B 69 6.77 -35.88 -19.18
C ASN B 69 8.02 -35.05 -18.91
N GLU B 70 8.94 -35.05 -19.88
CA GLU B 70 10.22 -34.38 -19.69
C GLU B 70 10.09 -32.86 -19.67
N VAL B 71 8.99 -32.31 -20.16
CA VAL B 71 8.78 -30.87 -20.18
C VAL B 71 7.78 -30.44 -19.10
N LEU B 72 7.53 -31.30 -18.12
CA LEU B 72 6.87 -30.95 -16.86
C LEU B 72 5.38 -30.66 -17.05
N GLN B 73 4.73 -31.38 -17.96
CA GLN B 73 3.29 -31.34 -18.10
C GLN B 73 2.67 -32.58 -17.42
N PHE B 74 1.40 -32.48 -17.07
CA PHE B 74 0.70 -33.55 -16.38
C PHE B 74 -0.43 -34.12 -17.24
N ARG B 75 -0.84 -35.33 -16.92
CA ARG B 75 -1.89 -36.01 -17.66
C ARG B 75 -2.65 -36.95 -16.74
N THR B 76 -3.80 -37.43 -17.24
CA THR B 76 -4.70 -38.33 -16.52
C THR B 76 -4.94 -37.89 -15.08
N PRO B 95 6.88 -36.83 -29.93
CA PRO B 95 7.82 -35.90 -29.29
C PRO B 95 8.01 -36.17 -27.80
N PHE B 96 7.09 -35.70 -26.96
CA PHE B 96 7.20 -35.88 -25.52
C PHE B 96 6.01 -36.63 -24.97
N LYS B 97 5.69 -37.78 -25.55
CA LYS B 97 4.52 -38.56 -25.20
C LYS B 97 4.78 -39.59 -24.11
N SER B 98 5.96 -39.55 -23.46
CA SER B 98 6.32 -40.49 -22.40
C SER B 98 6.06 -39.83 -21.06
N TYR B 99 5.07 -40.33 -20.32
CA TYR B 99 4.64 -39.73 -19.06
C TYR B 99 5.03 -40.64 -17.91
N PHE B 100 6.03 -40.21 -17.13
CA PHE B 100 6.51 -40.98 -16.00
C PHE B 100 5.60 -40.79 -14.79
N ALA B 101 5.36 -41.88 -14.07
CA ALA B 101 4.42 -41.85 -12.95
C ALA B 101 4.88 -40.88 -11.87
N LYS B 102 6.03 -41.17 -11.27
CA LYS B 102 6.62 -40.29 -10.27
C LYS B 102 8.12 -40.44 -10.35
N GLY B 103 8.82 -39.60 -9.58
CA GLY B 103 10.25 -39.68 -9.57
C GLY B 103 10.95 -38.37 -9.86
N PHE B 104 12.15 -38.46 -10.40
CA PHE B 104 13.00 -37.31 -10.61
C PHE B 104 13.13 -37.01 -12.10
N LEU B 105 13.42 -35.76 -12.40
CA LEU B 105 13.74 -35.32 -13.74
C LEU B 105 15.10 -34.65 -13.71
N SER B 106 15.97 -35.00 -14.66
CA SER B 106 17.30 -34.42 -14.73
C SER B 106 17.22 -33.11 -15.52
N ILE B 107 16.88 -32.03 -14.82
CA ILE B 107 16.83 -30.69 -15.39
C ILE B 107 18.26 -30.29 -15.74
N ASP B 108 18.70 -30.62 -16.96
CA ASP B 108 20.08 -30.43 -17.39
C ASP B 108 20.10 -29.49 -18.58
N SER B 109 20.75 -28.34 -18.41
CA SER B 109 20.90 -27.37 -19.49
C SER B 109 22.22 -27.52 -20.24
N GLY B 110 23.02 -28.52 -19.90
CA GLY B 110 24.35 -28.64 -20.48
C GLY B 110 25.34 -27.77 -19.73
N TYR B 111 24.93 -26.52 -19.46
CA TYR B 111 25.75 -25.60 -18.68
C TYR B 111 25.68 -25.92 -17.19
N TYR B 112 24.56 -26.46 -16.74
CA TYR B 112 24.32 -26.77 -15.33
C TYR B 112 23.20 -27.80 -15.27
N SER B 113 23.13 -28.52 -14.14
CA SER B 113 22.14 -29.58 -14.00
C SER B 113 21.64 -29.63 -12.57
N ALA B 114 20.48 -30.27 -12.41
CA ALA B 114 19.91 -30.49 -11.09
C ALA B 114 18.93 -31.65 -11.17
N LYS B 115 18.99 -32.55 -10.19
CA LYS B 115 18.10 -33.69 -10.11
C LYS B 115 16.91 -33.28 -9.24
N CYS B 116 15.76 -33.10 -9.88
CA CYS B 116 14.59 -32.51 -9.22
C CYS B 116 13.47 -33.53 -9.11
N TYR B 117 12.84 -33.56 -7.95
CA TYR B 117 11.84 -34.56 -7.61
C TYR B 117 10.46 -33.96 -7.70
N SER B 118 9.52 -34.76 -8.22
CA SER B 118 8.15 -34.30 -8.36
C SER B 118 7.47 -34.26 -6.99
N GLY B 119 6.48 -33.38 -6.87
CA GLY B 119 5.75 -33.28 -5.62
C GLY B 119 4.97 -34.53 -5.31
N THR B 120 4.59 -35.29 -6.34
CA THR B 120 3.92 -36.56 -6.12
C THR B 120 4.80 -37.55 -5.36
N SER B 121 6.12 -37.33 -5.35
CA SER B 121 7.05 -38.23 -4.69
C SER B 121 7.18 -37.96 -3.20
N ASN B 122 6.67 -36.85 -2.70
CA ASN B 122 6.83 -36.49 -1.30
C ASN B 122 5.57 -36.85 -0.52
N SER B 123 5.76 -37.30 0.72
CA SER B 123 4.63 -37.76 1.52
C SER B 123 3.87 -36.60 2.14
N GLY B 124 4.56 -35.51 2.48
CA GLY B 124 3.90 -34.42 3.17
C GLY B 124 4.32 -33.04 2.73
N LEU B 125 4.58 -32.17 3.71
CA LEU B 125 4.87 -30.76 3.50
C LEU B 125 6.38 -30.59 3.56
N GLN B 126 7.00 -30.45 2.38
CA GLN B 126 8.45 -30.32 2.30
C GLN B 126 8.90 -28.92 1.92
N LEU B 127 7.98 -27.97 1.79
CA LEU B 127 8.28 -26.62 1.39
C LEU B 127 7.77 -25.65 2.44
N ILE B 128 8.42 -24.50 2.52
CA ILE B 128 8.05 -23.47 3.47
C ILE B 128 7.80 -22.19 2.69
N ASN B 129 6.81 -21.41 3.12
CA ASN B 129 6.41 -20.18 2.46
C ASN B 129 7.20 -19.02 3.08
N ILE B 130 8.17 -18.49 2.34
CA ILE B 130 9.02 -17.42 2.85
C ILE B 130 8.60 -16.05 2.29
N THR B 131 7.36 -15.92 1.83
CA THR B 131 6.83 -14.60 1.47
C THR B 131 6.71 -13.69 2.68
N ARG B 132 6.18 -14.21 3.78
CA ARG B 132 6.16 -13.47 5.03
C ARG B 132 7.58 -13.28 5.54
N HIS B 133 7.82 -12.15 6.20
CA HIS B 133 9.12 -11.93 6.81
C HIS B 133 9.40 -13.00 7.87
N SER B 134 10.65 -13.43 7.92
CA SER B 134 11.07 -14.45 8.86
C SER B 134 10.88 -13.98 10.30
N THR B 135 11.00 -14.93 11.22
CA THR B 135 10.91 -14.58 12.63
C THR B 135 12.11 -13.74 13.05
N ARG B 136 11.89 -12.91 14.08
CA ARG B 136 12.92 -12.01 14.58
C ARG B 136 14.01 -12.76 15.34
N ILE B 137 15.24 -12.71 14.81
CA ILE B 137 16.41 -13.26 15.46
C ILE B 137 17.40 -12.13 15.68
N VAL B 138 17.60 -11.73 16.93
CA VAL B 138 18.50 -10.64 17.26
C VAL B 138 19.95 -11.14 17.26
N ASP B 139 20.85 -10.26 16.87
CA ASP B 139 22.27 -10.57 16.90
C ASP B 139 22.80 -10.48 18.33
N THR B 140 23.76 -11.34 18.63
CA THR B 140 24.36 -11.36 19.94
C THR B 140 25.82 -11.73 19.80
N PRO B 141 26.68 -11.29 20.72
CA PRO B 141 28.09 -11.72 20.67
C PRO B 141 28.22 -13.21 20.94
N GLY B 142 29.16 -13.85 20.25
CA GLY B 142 29.33 -15.28 20.38
C GLY B 142 30.59 -15.78 19.72
N PRO B 143 30.85 -17.09 19.86
CA PRO B 143 32.10 -17.67 19.36
C PRO B 143 32.29 -17.47 17.86
N LYS B 144 33.48 -16.99 17.48
CA LYS B 144 33.76 -16.73 16.09
C LYS B 144 33.97 -18.02 15.31
N ILE B 145 34.49 -19.04 15.97
CA ILE B 145 34.76 -20.33 15.35
C ILE B 145 33.97 -21.39 16.10
N THR B 146 33.22 -22.19 15.35
CA THR B 146 32.43 -23.27 15.91
C THR B 146 33.02 -24.60 15.47
N ASN B 147 33.15 -25.52 16.42
CA ASN B 147 33.71 -26.83 16.15
C ASN B 147 32.65 -27.72 15.49
N LEU B 148 33.00 -28.32 14.36
CA LEU B 148 32.03 -29.12 13.61
C LEU B 148 31.51 -30.29 14.43
N LYS B 149 32.37 -30.88 15.26
CA LYS B 149 31.97 -32.07 16.01
C LYS B 149 30.96 -31.77 17.10
N THR B 150 30.84 -30.51 17.54
CA THR B 150 30.04 -30.17 18.72
C THR B 150 29.18 -28.95 18.46
N ILE B 151 28.67 -28.81 17.24
CA ILE B 151 27.85 -27.65 16.90
C ILE B 151 26.64 -27.59 17.82
N ASN B 152 26.32 -26.38 18.29
CA ASN B 152 25.23 -26.14 19.23
C ASN B 152 24.07 -25.37 18.62
N CYS B 153 24.21 -24.87 17.39
CA CYS B 153 23.14 -24.17 16.70
C CYS B 153 21.91 -25.06 16.53
N ILE B 154 20.73 -24.43 16.53
CA ILE B 154 19.51 -25.18 16.25
C ILE B 154 19.26 -25.31 14.76
N ASN B 155 19.91 -24.49 13.93
CA ASN B 155 19.71 -24.53 12.49
C ASN B 155 20.69 -25.44 11.77
N LEU B 156 21.67 -26.01 12.47
CA LEU B 156 22.73 -26.79 11.85
C LEU B 156 22.97 -28.05 12.65
N LYS B 157 22.96 -29.21 11.98
CA LYS B 157 23.38 -30.46 12.57
C LYS B 157 24.36 -31.12 11.62
N ALA B 158 25.42 -31.72 12.18
CA ALA B 158 26.50 -32.30 11.39
C ALA B 158 26.59 -33.79 11.65
N SER B 159 26.99 -34.53 10.61
CA SER B 159 27.24 -35.95 10.71
C SER B 159 28.55 -36.24 10.00
N ILE B 160 29.51 -36.79 10.74
CA ILE B 160 30.84 -37.12 10.22
C ILE B 160 30.91 -38.62 10.00
N PHE B 161 31.06 -39.02 8.73
CA PHE B 161 31.23 -40.42 8.35
C PHE B 161 32.66 -40.60 7.85
N LYS B 162 33.58 -40.85 8.77
CA LYS B 162 34.98 -40.94 8.37
C LYS B 162 35.36 -42.28 7.74
N GLU B 163 34.43 -43.24 7.70
CA GLU B 163 34.65 -44.43 6.86
C GLU B 163 34.69 -44.05 5.39
N HIS B 164 34.02 -42.95 5.01
CA HIS B 164 34.04 -42.43 3.65
C HIS B 164 34.60 -41.02 3.58
N ARG B 165 35.22 -40.51 4.64
CA ARG B 165 35.78 -39.15 4.67
C ARG B 165 34.76 -38.13 4.16
N GLU B 166 33.50 -38.31 4.55
CA GLU B 166 32.42 -37.46 4.09
C GLU B 166 31.77 -36.74 5.26
N VAL B 167 31.43 -35.47 5.07
CA VAL B 167 30.75 -34.67 6.08
C VAL B 167 29.40 -34.26 5.52
N GLU B 168 28.37 -34.40 6.35
CA GLU B 168 27.00 -34.10 5.97
C GLU B 168 26.46 -33.09 6.96
N ILE B 169 26.01 -31.95 6.48
CA ILE B 169 25.55 -30.86 7.33
C ILE B 169 24.07 -30.66 7.04
N ASN B 170 23.24 -30.93 8.05
CA ASN B 170 21.80 -30.80 7.93
C ASN B 170 21.39 -29.38 8.32
N VAL B 171 20.78 -28.67 7.38
CA VAL B 171 20.34 -27.29 7.60
C VAL B 171 18.85 -27.31 7.89
N LEU B 172 18.48 -26.98 9.13
CA LEU B 172 17.09 -27.05 9.56
C LEU B 172 16.36 -25.73 9.45
N LEU B 173 17.08 -24.61 9.26
CA LEU B 173 16.48 -23.29 9.04
C LEU B 173 17.08 -22.69 7.76
N PRO B 174 16.57 -23.08 6.59
CA PRO B 174 17.17 -22.60 5.33
C PRO B 174 17.01 -21.11 5.11
N GLN B 175 16.14 -20.43 5.87
CA GLN B 175 16.05 -18.97 5.80
C GLN B 175 17.33 -18.31 6.26
N VAL B 176 18.14 -18.99 7.07
CA VAL B 176 19.41 -18.46 7.54
C VAL B 176 20.51 -18.89 6.58
N ALA B 177 21.18 -17.91 5.97
CA ALA B 177 22.15 -18.19 4.92
C ALA B 177 23.33 -18.99 5.44
N VAL B 178 23.77 -19.95 4.64
CA VAL B 178 25.00 -20.68 4.87
C VAL B 178 25.91 -20.38 3.68
N ASN B 179 27.09 -19.83 3.96
CA ASN B 179 27.98 -19.31 2.92
C ASN B 179 29.20 -20.22 2.79
N LEU B 180 29.47 -20.67 1.57
CA LEU B 180 30.60 -21.54 1.29
C LEU B 180 31.83 -20.73 0.93
N SER B 181 32.99 -21.24 1.35
CA SER B 181 34.27 -20.61 1.06
C SER B 181 35.25 -21.72 0.71
N ASN B 182 35.68 -21.77 -0.55
CA ASN B 182 36.61 -22.79 -1.02
C ASN B 182 36.05 -24.20 -0.81
N CYS B 183 34.76 -24.37 -1.07
CA CYS B 183 34.09 -25.64 -0.91
C CYS B 183 33.59 -26.15 -2.25
N HIS B 184 33.62 -27.47 -2.41
CA HIS B 184 32.91 -28.14 -3.49
C HIS B 184 31.97 -29.15 -2.84
N VAL B 185 30.68 -28.85 -2.86
CA VAL B 185 29.70 -29.61 -2.10
C VAL B 185 28.57 -30.05 -3.02
N VAL B 186 27.72 -30.93 -2.49
CA VAL B 186 26.51 -31.37 -3.18
C VAL B 186 25.33 -31.06 -2.28
N ILE B 187 24.35 -30.34 -2.81
CA ILE B 187 23.15 -29.99 -2.06
C ILE B 187 22.11 -31.09 -2.29
N LYS B 188 21.63 -31.69 -1.21
CA LYS B 188 20.55 -32.68 -1.26
C LYS B 188 19.36 -32.12 -0.51
N SER B 189 18.19 -32.18 -1.13
CA SER B 189 16.95 -31.78 -0.48
C SER B 189 15.82 -32.58 -1.10
N HIS B 190 14.63 -32.43 -0.54
CA HIS B 190 13.49 -33.13 -1.09
C HIS B 190 12.94 -32.48 -2.35
N VAL B 191 13.49 -31.34 -2.75
CA VAL B 191 13.07 -30.66 -3.96
C VAL B 191 14.03 -31.01 -5.10
N CYS B 192 15.27 -30.53 -5.02
CA CYS B 192 16.28 -30.75 -6.05
C CYS B 192 17.61 -31.14 -5.42
N ASP B 193 18.43 -31.86 -6.20
CA ASP B 193 19.82 -32.18 -5.85
C ASP B 193 20.74 -31.52 -6.88
N TYR B 194 21.79 -30.86 -6.41
CA TYR B 194 22.65 -30.12 -7.33
C TYR B 194 23.99 -29.86 -6.67
N SER B 195 25.00 -29.58 -7.50
CA SER B 195 26.35 -29.31 -7.04
C SER B 195 26.62 -27.82 -6.94
N LEU B 196 27.51 -27.46 -6.03
CA LEU B 196 27.91 -26.07 -5.83
C LEU B 196 29.43 -26.00 -5.71
N ASP B 197 30.04 -25.08 -6.45
CA ASP B 197 31.48 -24.87 -6.39
C ASP B 197 31.86 -23.40 -6.26
N ILE B 198 30.89 -22.50 -6.12
CA ILE B 198 31.11 -21.07 -6.04
C ILE B 198 31.07 -20.63 -4.58
N ASP B 199 31.90 -19.65 -4.22
CA ASP B 199 31.78 -19.05 -2.90
C ASP B 199 30.45 -18.30 -2.81
N GLY B 200 29.96 -18.17 -1.58
CA GLY B 200 28.77 -17.39 -1.31
C GLY B 200 27.65 -18.23 -0.71
N ALA B 201 26.51 -17.57 -0.51
CA ALA B 201 25.37 -18.22 0.12
C ALA B 201 24.84 -19.37 -0.72
N VAL B 202 24.50 -20.46 -0.05
CA VAL B 202 23.97 -21.65 -0.72
C VAL B 202 22.68 -21.28 -1.43
N ARG B 203 22.64 -21.51 -2.73
CA ARG B 203 21.45 -21.23 -3.51
C ARG B 203 20.42 -22.33 -3.30
N LEU B 204 19.16 -21.93 -3.14
CA LEU B 204 18.09 -22.88 -2.93
C LEU B 204 17.03 -22.74 -4.01
N PRO B 205 16.33 -23.83 -4.35
CA PRO B 205 15.24 -23.72 -5.34
C PRO B 205 14.10 -22.87 -4.81
N HIS B 206 13.65 -21.92 -5.62
CA HIS B 206 12.49 -21.08 -5.31
C HIS B 206 11.33 -21.48 -6.20
N ILE B 207 10.20 -21.79 -5.59
CA ILE B 207 8.97 -22.13 -6.32
C ILE B 207 7.94 -21.06 -5.99
N TYR B 208 7.30 -20.53 -7.01
CA TYR B 208 6.21 -19.58 -6.82
C TYR B 208 4.89 -20.33 -6.85
N HIS B 209 4.12 -20.18 -5.77
CA HIS B 209 2.81 -20.80 -5.59
C HIS B 209 2.07 -19.88 -4.62
N GLU B 210 1.54 -18.79 -5.16
CA GLU B 210 0.93 -17.73 -4.35
C GLU B 210 1.89 -17.26 -3.27
N GLY B 211 3.16 -17.13 -3.64
CA GLY B 211 4.21 -16.77 -2.72
C GLY B 211 5.49 -17.52 -3.04
N VAL B 212 6.59 -17.18 -2.36
CA VAL B 212 7.88 -17.84 -2.58
C VAL B 212 8.00 -19.03 -1.63
N PHE B 213 8.37 -20.18 -2.18
CA PHE B 213 8.60 -21.39 -1.40
C PHE B 213 10.01 -21.87 -1.63
N ILE B 214 10.68 -22.26 -0.54
CA ILE B 214 11.99 -22.91 -0.59
C ILE B 214 11.93 -24.22 0.18
N PRO B 215 12.94 -25.09 0.09
CA PRO B 215 12.88 -26.33 0.86
C PRO B 215 12.90 -26.06 2.36
N GLY B 216 12.13 -26.86 3.10
CA GLY B 216 12.11 -26.72 4.55
C GLY B 216 13.40 -27.14 5.22
N THR B 217 14.09 -28.14 4.66
CA THR B 217 15.41 -28.54 5.12
C THR B 217 16.24 -28.83 3.88
N TYR B 218 17.56 -28.90 4.06
CA TYR B 218 18.43 -29.41 3.02
C TYR B 218 19.75 -29.80 3.66
N LYS B 219 20.52 -30.61 2.94
CA LYS B 219 21.76 -31.17 3.45
C LYS B 219 22.92 -30.76 2.55
N ILE B 220 24.01 -30.32 3.17
CA ILE B 220 25.25 -30.01 2.48
C ILE B 220 26.17 -31.21 2.66
N VAL B 221 26.46 -31.91 1.57
CA VAL B 221 27.37 -33.05 1.59
C VAL B 221 28.73 -32.58 1.10
N ILE B 222 29.77 -32.89 1.85
CA ILE B 222 31.12 -32.42 1.57
C ILE B 222 32.05 -33.62 1.57
N ASP B 223 32.65 -33.92 0.42
CA ASP B 223 33.58 -35.05 0.30
C ASP B 223 35.00 -34.58 0.59
N LYS B 224 35.60 -35.10 1.65
CA LYS B 224 36.92 -34.67 2.06
C LYS B 224 38.05 -35.45 1.37
N LYS B 225 37.73 -36.55 0.68
CA LYS B 225 38.72 -37.18 -0.19
C LYS B 225 39.01 -36.29 -1.40
N ASN B 226 38.06 -35.45 -1.79
CA ASN B 226 38.30 -34.42 -2.80
C ASN B 226 39.30 -33.40 -2.25
N LYS B 227 40.40 -33.18 -2.95
CA LYS B 227 41.43 -32.29 -2.43
C LYS B 227 41.07 -30.82 -2.66
N LEU B 228 40.13 -30.53 -3.55
CA LEU B 228 39.61 -29.19 -3.68
C LEU B 228 38.69 -28.79 -2.51
N ASN B 229 38.57 -29.60 -1.45
CA ASN B 229 37.86 -29.22 -0.23
C ASN B 229 38.80 -29.02 0.95
N ASP B 230 40.11 -29.07 0.71
CA ASP B 230 41.07 -29.02 1.81
C ASP B 230 40.96 -27.73 2.63
N ARG B 231 40.50 -26.65 2.01
CA ARG B 231 40.36 -25.37 2.69
C ARG B 231 38.90 -24.98 2.88
N CYS B 232 37.99 -25.96 2.80
CA CYS B 232 36.57 -25.67 2.82
C CYS B 232 36.15 -25.14 4.19
N THR B 233 35.44 -24.00 4.18
CA THR B 233 34.96 -23.36 5.38
C THR B 233 33.52 -22.89 5.16
N LEU B 234 32.73 -22.96 6.23
CA LEU B 234 31.35 -22.47 6.24
C LEU B 234 31.27 -21.23 7.12
N PHE B 235 30.59 -20.21 6.62
CA PHE B 235 30.24 -19.02 7.39
C PHE B 235 28.73 -18.96 7.50
N THR B 236 28.21 -18.90 8.72
CA THR B 236 26.78 -18.86 8.91
C THR B 236 26.44 -18.13 10.20
N ASP B 237 25.15 -18.10 10.52
CA ASP B 237 24.66 -17.56 11.77
C ASP B 237 24.20 -18.73 12.63
N CYS B 238 24.79 -18.84 13.80
CA CYS B 238 24.45 -19.89 14.75
C CYS B 238 23.26 -19.40 15.58
N VAL B 239 22.11 -20.06 15.43
CA VAL B 239 20.89 -19.62 16.10
C VAL B 239 20.72 -20.40 17.41
N ILE B 240 20.55 -19.66 18.51
CA ILE B 240 20.44 -20.23 19.85
C ILE B 240 19.11 -19.84 20.46
N LYS B 241 18.49 -20.78 21.16
CA LYS B 241 17.25 -20.53 21.90
C LYS B 241 17.60 -20.07 23.31
N GLY B 242 17.10 -18.89 23.70
CA GLY B 242 17.41 -18.33 25.00
C GLY B 242 16.71 -19.05 26.14
N ARG B 243 17.17 -18.75 27.36
CA ARG B 243 16.67 -19.45 28.54
C ARG B 243 15.23 -19.08 28.88
N GLU B 244 14.93 -17.80 28.96
CA GLU B 244 13.65 -17.36 29.51
C GLU B 244 12.50 -17.66 28.57
N SER B 250 9.66 -18.30 23.46
CA SER B 250 10.93 -17.81 23.99
C SER B 250 11.57 -16.73 23.10
N VAL B 251 12.90 -16.63 23.15
CA VAL B 251 13.67 -15.64 22.41
C VAL B 251 14.76 -16.36 21.62
N LEU B 252 15.03 -15.87 20.42
CA LEU B 252 16.01 -16.47 19.52
C LEU B 252 17.11 -15.45 19.28
N ARG B 253 18.35 -15.83 19.59
CA ARG B 253 19.52 -15.02 19.32
C ARG B 253 20.40 -15.73 18.29
N GLN B 254 21.32 -14.99 17.70
CA GLN B 254 22.22 -15.58 16.72
C GLN B 254 23.54 -14.83 16.72
N TYR B 255 24.60 -15.53 16.32
CA TYR B 255 25.89 -14.90 16.16
C TYR B 255 26.58 -15.48 14.93
N LYS B 256 27.25 -14.61 14.18
CA LYS B 256 28.05 -15.08 13.05
C LYS B 256 29.16 -15.98 13.56
N THR B 257 29.31 -17.13 12.92
CA THR B 257 30.34 -18.08 13.31
C THR B 257 30.95 -18.67 12.07
N GLU B 258 32.05 -19.39 12.28
CA GLU B 258 32.83 -19.97 11.21
C GLU B 258 33.04 -21.45 11.51
N ILE B 259 32.78 -22.31 10.54
CA ILE B 259 32.89 -23.75 10.74
C ILE B 259 33.91 -24.28 9.74
N ARG B 260 35.08 -24.66 10.23
CA ARG B 260 36.13 -25.15 9.37
C ARG B 260 35.93 -26.65 9.17
N ILE B 261 35.97 -27.08 7.91
CA ILE B 261 35.75 -28.48 7.54
C ILE B 261 37.01 -29.12 6.98
N GLY B 262 37.66 -28.44 6.03
CA GLY B 262 38.88 -28.97 5.45
C GLY B 262 40.00 -29.09 6.45
N LYS B 263 41.01 -29.89 6.08
CA LYS B 263 42.16 -30.08 6.97
C LYS B 263 43.00 -28.83 7.06
N ALA B 264 43.18 -28.13 5.93
CA ALA B 264 44.00 -26.92 5.85
C ALA B 264 43.16 -25.64 5.89
N SER B 265 41.94 -25.71 6.42
CA SER B 265 41.05 -24.56 6.45
C SER B 265 41.48 -23.59 7.54
N THR B 266 41.70 -22.33 7.14
CA THR B 266 42.07 -21.23 8.04
C THR B 266 41.40 -19.96 7.51
N GLY B 267 40.07 -19.91 7.62
CA GLY B 267 39.32 -18.75 7.16
C GLY B 267 39.42 -17.56 8.10
N SER B 268 39.06 -16.39 7.57
CA SER B 268 39.13 -15.13 8.32
C SER B 268 38.03 -15.04 9.38
N SER C 1 29.62 2.63 11.68
CA SER C 1 29.25 2.27 13.04
C SER C 1 27.84 2.75 13.36
N TYR C 2 27.10 1.87 14.03
CA TYR C 2 25.68 2.09 14.26
C TYR C 2 25.48 3.19 15.30
N VAL C 3 24.62 4.16 14.97
CA VAL C 3 24.43 5.36 15.77
C VAL C 3 23.10 5.26 16.49
N LEU C 4 23.11 5.48 17.81
CA LEU C 4 21.91 5.55 18.62
C LEU C 4 21.65 6.99 19.04
N THR C 5 20.38 7.42 19.02
CA THR C 5 20.01 8.81 19.27
C THR C 5 19.00 8.91 20.41
N GLN C 6 19.43 9.51 21.53
CA GLN C 6 18.64 9.82 22.71
C GLN C 6 18.45 11.32 22.85
N PRO C 7 17.29 11.77 23.36
CA PRO C 7 17.17 13.19 23.70
C PRO C 7 18.09 13.54 24.86
N PRO C 8 18.62 14.77 24.90
CA PRO C 8 19.55 15.13 25.98
C PRO C 8 18.94 15.08 27.37
N SER C 9 17.68 15.47 27.50
CA SER C 9 17.04 15.54 28.80
C SER C 9 15.53 15.42 28.65
N VAL C 10 14.88 15.09 29.77
CA VAL C 10 13.42 15.04 29.85
C VAL C 10 13.02 15.41 31.27
N SER C 11 11.99 16.25 31.37
CA SER C 11 11.49 16.71 32.66
C SER C 11 10.10 16.15 32.90
N VAL C 12 9.84 15.76 34.14
CA VAL C 12 8.57 15.13 34.49
C VAL C 12 8.18 15.55 35.90
N ALA C 13 6.88 15.69 36.13
CA ALA C 13 6.38 15.97 37.46
C ALA C 13 6.27 14.67 38.25
N PRO C 14 6.55 14.70 39.55
CA PRO C 14 6.36 13.50 40.37
C PRO C 14 4.93 12.97 40.24
N GLY C 15 4.82 11.68 39.93
CA GLY C 15 3.55 11.05 39.72
C GLY C 15 3.18 10.82 38.27
N GLN C 16 3.74 11.62 37.36
CA GLN C 16 3.45 11.48 35.95
C GLN C 16 4.29 10.35 35.35
N THR C 17 4.08 10.10 34.07
CA THR C 17 4.86 9.12 33.33
C THR C 17 5.91 9.85 32.50
N ALA C 18 7.15 9.39 32.58
CA ALA C 18 8.23 9.88 31.74
C ALA C 18 8.50 8.88 30.64
N LYS C 19 8.95 9.37 29.50
CA LYS C 19 9.19 8.53 28.33
C LYS C 19 10.49 8.96 27.67
N ILE C 20 11.43 8.02 27.54
CA ILE C 20 12.74 8.27 26.98
C ILE C 20 12.89 7.42 25.72
N THR C 21 13.16 8.07 24.60
CA THR C 21 13.31 7.37 23.33
C THR C 21 14.78 7.11 23.02
N CYS C 22 14.98 6.19 22.08
CA CYS C 22 16.30 5.81 21.61
C CYS C 22 16.15 5.46 20.14
N GLY C 23 16.64 6.31 19.26
CA GLY C 23 16.48 6.11 17.83
C GLY C 23 17.63 5.36 17.20
N GLY C 24 17.30 4.60 16.16
CA GLY C 24 18.29 3.89 15.39
C GLY C 24 17.66 3.29 14.16
N ASN C 25 18.38 3.27 13.05
CA ASN C 25 17.86 2.68 11.83
C ASN C 25 17.56 1.21 12.07
N ASN C 26 16.28 0.84 11.99
CA ASN C 26 15.82 -0.51 12.28
C ASN C 26 16.34 -1.01 13.62
N ILE C 27 16.24 -0.15 14.63
CA ILE C 27 16.58 -0.57 15.98
C ILE C 27 15.64 -1.66 16.46
N GLY C 28 14.46 -1.78 15.86
CA GLY C 28 13.52 -2.80 16.26
C GLY C 28 14.00 -4.21 16.06
N GLY C 29 15.01 -4.40 15.20
CA GLY C 29 15.62 -5.69 14.98
C GLY C 29 16.70 -6.07 15.96
N LYS C 30 17.08 -5.15 16.84
CA LYS C 30 18.12 -5.38 17.85
C LYS C 30 17.47 -5.45 19.23
N SER C 31 18.18 -6.09 20.17
CA SER C 31 17.74 -6.11 21.55
C SER C 31 18.25 -4.86 22.25
N VAL C 32 17.35 -4.03 22.74
CA VAL C 32 17.70 -2.78 23.40
C VAL C 32 17.68 -2.99 24.91
N HIS C 33 18.73 -2.51 25.58
CA HIS C 33 18.84 -2.53 27.02
C HIS C 33 18.93 -1.11 27.54
N TRP C 34 18.48 -0.92 28.79
CA TRP C 34 18.43 0.41 29.40
C TRP C 34 19.14 0.37 30.74
N TYR C 35 20.03 1.35 30.96
CA TYR C 35 20.76 1.47 32.20
C TYR C 35 20.41 2.79 32.88
N GLN C 36 20.22 2.75 34.18
CA GLN C 36 19.99 3.92 35.00
C GLN C 36 21.28 4.26 35.75
N GLN C 37 21.68 5.53 35.74
CA GLN C 37 22.90 5.94 36.39
C GLN C 37 22.63 7.17 37.24
N LYS C 38 22.84 7.04 38.53
CA LYS C 38 22.65 8.14 39.43
C LYS C 38 23.98 8.83 39.71
N PRO C 39 23.95 10.13 39.99
CA PRO C 39 25.20 10.88 40.14
C PRO C 39 26.18 10.24 41.12
N GLY C 40 27.38 9.94 40.64
CA GLY C 40 28.40 9.32 41.46
C GLY C 40 28.36 7.81 41.51
N GLN C 41 27.49 7.18 40.74
CA GLN C 41 27.26 5.74 40.90
C GLN C 41 27.42 5.03 39.56
N ALA C 42 27.63 3.72 39.66
CA ALA C 42 27.76 2.90 38.47
C ALA C 42 26.38 2.69 37.83
N PRO C 43 26.35 2.50 36.51
CA PRO C 43 25.09 2.20 35.83
C PRO C 43 24.43 0.93 36.39
N VAL C 44 23.11 0.94 36.44
CA VAL C 44 22.31 -0.19 36.87
C VAL C 44 21.39 -0.59 35.74
N LEU C 45 21.38 -1.89 35.40
CA LEU C 45 20.50 -2.41 34.36
C LEU C 45 19.07 -2.40 34.87
N VAL C 46 18.19 -1.67 34.19
CA VAL C 46 16.79 -1.60 34.60
C VAL C 46 15.88 -2.33 33.62
N VAL C 47 16.20 -2.34 32.33
CA VAL C 47 15.38 -3.00 31.32
C VAL C 47 16.31 -3.62 30.30
N TYR C 48 16.07 -4.90 29.97
CA TYR C 48 16.89 -5.60 28.99
C TYR C 48 15.99 -6.36 28.01
N ASP C 49 16.53 -6.59 26.81
CA ASP C 49 15.82 -7.27 25.73
C ASP C 49 14.51 -6.54 25.44
N ASP C 50 14.60 -5.21 25.33
CA ASP C 50 13.50 -4.32 24.95
C ASP C 50 12.51 -4.07 26.08
N SER C 51 12.07 -5.12 26.78
CA SER C 51 10.96 -4.98 27.70
C SER C 51 11.10 -5.78 28.99
N ASP C 52 12.16 -6.54 29.18
CA ASP C 52 12.26 -7.39 30.35
C ASP C 52 12.95 -6.66 31.49
N ARG C 53 12.62 -7.05 32.71
CA ARG C 53 13.08 -6.38 33.91
C ARG C 53 13.87 -7.36 34.76
N PRO C 54 15.12 -7.04 35.12
CA PRO C 54 15.82 -7.87 36.09
C PRO C 54 15.11 -7.84 37.43
N SER C 55 15.37 -8.86 38.25
CA SER C 55 14.79 -8.89 39.59
C SER C 55 15.16 -7.64 40.35
N GLY C 56 14.22 -7.18 41.18
CA GLY C 56 14.41 -5.98 41.98
C GLY C 56 13.99 -4.68 41.32
N ILE C 57 13.90 -4.62 40.00
CA ILE C 57 13.48 -3.40 39.33
C ILE C 57 11.95 -3.30 39.40
N PRO C 58 11.40 -2.18 39.89
CA PRO C 58 9.94 -2.08 40.04
C PRO C 58 9.23 -2.15 38.70
N GLU C 59 7.98 -2.63 38.73
CA GLU C 59 7.20 -2.76 37.50
C GLU C 59 6.89 -1.41 36.85
N ARG C 60 7.11 -0.30 37.54
CA ARG C 60 6.93 1.01 36.92
C ARG C 60 7.87 1.23 35.75
N PHE C 61 8.94 0.45 35.66
CA PHE C 61 9.85 0.52 34.53
C PHE C 61 9.35 -0.43 33.44
N SER C 62 9.26 0.08 32.22
CA SER C 62 8.65 -0.62 31.11
C SER C 62 9.35 -0.19 29.83
N GLY C 63 9.41 -1.08 28.87
CA GLY C 63 10.15 -0.83 27.65
C GLY C 63 9.42 -1.38 26.45
N SER C 64 9.69 -0.77 25.30
CA SER C 64 9.17 -1.27 24.03
C SER C 64 10.18 -0.93 22.94
N ASN C 65 10.06 -1.62 21.81
CA ASN C 65 10.99 -1.43 20.71
C ASN C 65 10.34 -1.91 19.43
N SER C 66 10.17 -1.00 18.46
CA SER C 66 9.72 -1.39 17.14
C SER C 66 10.16 -0.35 16.12
N GLY C 67 10.32 -0.79 14.89
CA GLY C 67 10.72 0.13 13.83
C GLY C 67 12.05 0.80 14.13
N ASN C 68 12.04 2.12 14.11
CA ASN C 68 13.26 2.90 14.28
C ASN C 68 13.39 3.53 15.66
N THR C 69 12.54 3.14 16.62
CA THR C 69 12.55 3.75 17.94
C THR C 69 12.33 2.73 19.05
N ALA C 70 13.15 2.83 20.10
CA ALA C 70 12.94 2.12 21.35
C ALA C 70 12.55 3.14 22.41
N THR C 71 11.62 2.76 23.29
CA THR C 71 11.09 3.68 24.27
C THR C 71 11.16 3.05 25.66
N LEU C 72 11.75 3.79 26.61
CA LEU C 72 11.73 3.42 28.02
C LEU C 72 10.64 4.24 28.71
N THR C 73 9.72 3.56 29.39
CA THR C 73 8.61 4.20 30.07
C THR C 73 8.74 4.00 31.57
N ILE C 74 8.79 5.11 32.31
CA ILE C 74 8.78 5.11 33.77
C ILE C 74 7.47 5.73 34.20
N SER C 75 6.55 4.91 34.72
CA SER C 75 5.28 5.41 35.19
C SER C 75 5.35 5.72 36.69
N ARG C 76 4.43 6.58 37.14
CA ARG C 76 4.39 7.07 38.52
C ARG C 76 5.79 7.44 39.01
N VAL C 77 6.38 8.42 38.31
CA VAL C 77 7.75 8.81 38.59
C VAL C 77 7.90 9.35 40.01
N GLU C 78 8.98 8.95 40.67
CA GLU C 78 9.34 9.43 42.01
C GLU C 78 10.65 10.20 41.96
N ALA C 79 10.89 10.99 43.00
CA ALA C 79 12.07 11.83 43.07
C ALA C 79 13.34 11.03 42.84
N GLY C 80 13.41 9.81 43.39
CA GLY C 80 14.59 8.98 43.25
C GLY C 80 14.82 8.41 41.89
N ASP C 81 13.92 8.68 40.92
CA ASP C 81 14.11 8.23 39.56
C ASP C 81 14.97 9.19 38.73
N GLU C 82 15.30 10.36 39.31
CA GLU C 82 16.24 11.28 38.68
C GLU C 82 17.57 10.58 38.46
N ALA C 83 18.00 10.51 37.21
CA ALA C 83 19.23 9.84 36.85
C ALA C 83 19.48 10.08 35.37
N GLY C 84 20.62 9.62 34.91
CA GLY C 84 20.87 9.49 33.49
C GLY C 84 20.43 8.09 33.04
N TYR C 85 19.84 8.03 31.85
CA TYR C 85 19.37 6.79 31.29
C TYR C 85 20.04 6.57 29.95
N PHE C 86 20.67 5.40 29.80
CA PHE C 86 21.38 5.04 28.59
C PHE C 86 20.73 3.83 27.94
N CYS C 87 20.44 3.93 26.65
CA CYS C 87 20.09 2.76 25.87
C CYS C 87 21.35 2.13 25.28
N GLN C 88 21.26 0.85 24.95
CA GLN C 88 22.43 0.11 24.51
C GLN C 88 21.98 -1.05 23.65
N VAL C 89 22.74 -1.32 22.59
CA VAL C 89 22.51 -2.49 21.75
C VAL C 89 23.86 -3.13 21.43
N TRP C 90 23.79 -4.38 20.99
CA TRP C 90 24.89 -5.04 20.32
C TRP C 90 24.66 -4.90 18.82
N ASP C 91 25.63 -4.31 18.13
CA ASP C 91 25.54 -4.08 16.70
C ASP C 91 26.25 -5.22 16.00
N GLY C 92 25.45 -6.14 15.44
CA GLY C 92 26.02 -7.31 14.80
C GLY C 92 26.81 -7.00 13.53
N SER C 93 26.42 -5.95 12.81
CA SER C 93 27.13 -5.62 11.58
C SER C 93 28.51 -5.06 11.86
N GLY C 94 28.65 -4.27 12.91
CA GLY C 94 29.93 -3.75 13.35
C GLY C 94 30.59 -4.51 14.48
N ASP C 95 29.97 -5.58 14.96
CA ASP C 95 30.48 -6.41 16.06
C ASP C 95 30.92 -5.56 17.25
N GLN C 96 30.01 -4.73 17.74
CA GLN C 96 30.38 -3.79 18.79
C GLN C 96 29.18 -3.45 19.66
N VAL C 97 29.49 -3.04 20.89
CA VAL C 97 28.51 -2.46 21.79
C VAL C 97 28.38 -0.98 21.48
N VAL C 98 27.15 -0.52 21.31
CA VAL C 98 26.86 0.89 21.07
C VAL C 98 25.98 1.40 22.21
N PHE C 99 26.37 2.51 22.80
CA PHE C 99 25.63 3.19 23.85
C PHE C 99 25.03 4.46 23.29
N GLY C 100 23.81 4.77 23.70
CA GLY C 100 23.25 6.07 23.41
C GLY C 100 23.96 7.15 24.20
N GLY C 101 23.68 8.40 23.85
CA GLY C 101 24.39 9.49 24.50
C GLY C 101 23.94 9.78 25.91
N GLY C 102 22.90 9.10 26.39
CA GLY C 102 22.35 9.37 27.70
C GLY C 102 21.27 10.43 27.71
N THR C 103 20.24 10.22 28.52
CA THR C 103 19.17 11.20 28.74
C THR C 103 19.12 11.54 30.23
N LYS C 104 19.20 12.83 30.53
CA LYS C 104 19.11 13.31 31.91
C LYS C 104 17.63 13.53 32.26
N LEU C 105 17.10 12.68 33.14
CA LEU C 105 15.73 12.82 33.65
C LEU C 105 15.75 13.63 34.95
N THR C 106 15.00 14.73 34.97
CA THR C 106 14.84 15.51 36.18
C THR C 106 13.38 15.47 36.62
N VAL C 107 13.16 15.43 37.92
CA VAL C 107 11.83 15.37 38.52
C VAL C 107 11.59 16.70 39.20
N LEU C 108 10.52 17.39 38.80
CA LEU C 108 10.22 18.71 39.32
C LEU C 108 10.13 18.67 40.84
N GLN C 109 10.76 19.65 41.49
CA GLN C 109 10.77 19.71 42.94
C GLN C 109 10.63 21.17 43.36
N PRO C 110 10.08 21.42 44.56
CA PRO C 110 9.93 22.81 45.02
C PRO C 110 11.28 23.49 45.20
N LYS C 111 11.24 24.82 45.29
CA LYS C 111 12.44 25.57 45.64
C LYS C 111 12.82 25.28 47.09
N ALA C 112 14.13 25.15 47.33
CA ALA C 112 14.66 24.82 48.64
C ALA C 112 15.79 25.80 48.99
N ALA C 113 15.74 26.34 50.20
CA ALA C 113 16.69 27.36 50.60
C ALA C 113 18.01 26.73 51.04
N PRO C 114 19.15 27.30 50.65
CA PRO C 114 20.43 26.70 50.99
C PRO C 114 20.76 26.79 52.47
N SER C 115 21.46 25.77 52.96
CA SER C 115 22.05 25.76 54.29
C SER C 115 23.53 26.11 54.14
N VAL C 116 24.01 27.03 54.98
CA VAL C 116 25.36 27.55 54.84
C VAL C 116 26.08 27.41 56.16
N THR C 117 27.31 26.87 56.11
CA THR C 117 28.19 26.76 57.26
C THR C 117 29.55 27.31 56.86
N LEU C 118 30.10 28.19 57.68
CA LEU C 118 31.40 28.81 57.44
C LEU C 118 32.38 28.41 58.54
N PHE C 119 33.55 27.93 58.15
CA PHE C 119 34.55 27.48 59.11
C PHE C 119 35.79 28.37 59.01
N PRO C 120 36.33 28.83 60.14
CA PRO C 120 37.58 29.59 60.12
C PRO C 120 38.77 28.65 59.92
N PRO C 121 39.99 29.17 59.77
CA PRO C 121 41.15 28.28 59.68
C PRO C 121 41.42 27.60 61.03
N SER C 122 41.75 26.31 60.97
CA SER C 122 42.12 25.60 62.17
C SER C 122 43.48 26.08 62.69
N SER C 123 43.70 25.87 63.98
CA SER C 123 44.99 26.26 64.57
C SER C 123 46.14 25.47 63.97
N GLU C 124 45.90 24.20 63.62
CA GLU C 124 46.95 23.39 63.00
C GLU C 124 47.36 23.98 61.64
N GLU C 125 46.38 24.43 60.87
CA GLU C 125 46.71 25.03 59.58
C GLU C 125 47.43 26.36 59.77
N LEU C 126 47.02 27.17 60.74
CA LEU C 126 47.71 28.42 60.99
C LEU C 126 49.15 28.17 61.41
N GLN C 127 49.41 27.11 62.18
CA GLN C 127 50.79 26.76 62.52
C GLN C 127 51.59 26.34 61.30
N ALA C 128 50.93 25.92 60.22
CA ALA C 128 51.60 25.57 58.98
C ALA C 128 51.78 26.77 58.04
N ASN C 129 51.61 27.99 58.55
CA ASN C 129 51.77 29.21 57.77
C ASN C 129 50.78 29.25 56.60
N LYS C 130 49.56 28.77 56.85
CA LYS C 130 48.50 28.80 55.86
C LYS C 130 47.19 29.09 56.59
N ALA C 131 46.16 29.40 55.80
CA ALA C 131 44.85 29.74 56.35
C ALA C 131 43.81 29.56 55.25
N THR C 132 42.75 28.81 55.55
CA THR C 132 41.69 28.56 54.60
C THR C 132 40.35 28.73 55.28
N LEU C 133 39.48 29.54 54.68
CA LEU C 133 38.09 29.63 55.10
C LEU C 133 37.28 28.68 54.23
N VAL C 134 36.42 27.88 54.86
CA VAL C 134 35.62 26.88 54.18
C VAL C 134 34.16 27.27 54.30
N CYS C 135 33.50 27.47 53.18
CA CYS C 135 32.09 27.85 53.11
C CYS C 135 31.33 26.74 52.40
N LEU C 136 30.47 26.05 53.14
CA LEU C 136 29.76 24.88 52.63
C LEU C 136 28.29 25.20 52.46
N ILE C 137 27.76 24.89 51.29
CA ILE C 137 26.38 25.20 50.93
C ILE C 137 25.70 23.90 50.51
N SER C 138 24.52 23.64 51.08
CA SER C 138 23.85 22.38 50.80
C SER C 138 22.35 22.56 50.80
N ASP C 139 21.67 21.60 50.15
CA ASP C 139 20.22 21.42 50.22
C ASP C 139 19.43 22.51 49.51
N PHE C 140 19.95 23.05 48.41
CA PHE C 140 19.26 24.12 47.69
C PHE C 140 18.82 23.66 46.30
N TYR C 141 17.68 24.20 45.83
CA TYR C 141 17.22 24.04 44.47
C TYR C 141 16.60 25.37 44.05
N PRO C 142 16.91 25.87 42.84
CA PRO C 142 17.72 25.27 41.78
C PRO C 142 19.23 25.25 42.05
N GLY C 143 20.00 24.79 41.06
CA GLY C 143 21.45 24.68 41.23
C GLY C 143 22.15 26.01 41.41
N ALA C 144 21.75 27.02 40.65
CA ALA C 144 22.43 28.31 40.67
C ALA C 144 22.59 28.85 42.08
N VAL C 145 23.80 29.31 42.40
CA VAL C 145 24.11 29.97 43.65
C VAL C 145 25.21 30.99 43.39
N THR C 146 25.05 32.19 43.94
CA THR C 146 26.09 33.21 43.95
C THR C 146 26.82 33.18 45.28
N VAL C 147 28.15 33.12 45.24
CA VAL C 147 28.96 33.11 46.45
C VAL C 147 29.92 34.28 46.38
N ALA C 148 29.86 35.15 47.38
CA ALA C 148 30.73 36.32 47.48
C ALA C 148 31.46 36.31 48.81
N TRP C 149 32.71 36.76 48.81
CA TRP C 149 33.54 36.82 50.00
C TRP C 149 33.83 38.28 50.36
N LYS C 150 33.68 38.62 51.63
CA LYS C 150 33.98 39.96 52.12
C LYS C 150 35.07 39.87 53.17
N ALA C 151 36.05 40.76 53.09
CA ALA C 151 37.00 40.99 54.16
C ALA C 151 36.48 42.19 54.93
N ASP C 152 36.08 41.97 56.18
CA ASP C 152 35.28 42.94 56.91
C ASP C 152 34.02 43.24 56.10
N SER C 153 33.87 44.44 55.55
CA SER C 153 32.71 44.73 54.71
C SER C 153 33.09 44.92 53.26
N SER C 154 34.34 44.61 52.88
CA SER C 154 34.84 44.97 51.56
C SER C 154 35.09 43.72 50.72
N PRO C 155 34.89 43.81 49.40
CA PRO C 155 34.95 42.61 48.56
C PRO C 155 36.37 42.07 48.46
N VAL C 156 36.50 40.76 48.65
CA VAL C 156 37.76 40.05 48.43
C VAL C 156 37.96 39.87 46.93
N LYS C 157 39.19 40.06 46.47
CA LYS C 157 39.48 40.04 45.04
C LYS C 157 40.53 38.99 44.66
N ALA C 158 40.77 38.00 45.51
CA ALA C 158 41.76 36.96 45.22
C ALA C 158 41.54 35.81 46.20
N GLY C 159 42.21 34.70 45.91
CA GLY C 159 42.22 33.56 46.82
C GLY C 159 40.94 32.78 46.92
N VAL C 160 39.96 33.01 46.02
CA VAL C 160 38.67 32.32 46.05
C VAL C 160 38.68 31.16 45.06
N GLU C 161 38.19 30.00 45.50
CA GLU C 161 37.88 28.87 44.64
C GLU C 161 36.47 28.40 44.95
N THR C 162 35.67 28.13 43.92
CA THR C 162 34.29 27.72 44.13
C THR C 162 33.95 26.56 43.21
N THR C 163 33.24 25.58 43.75
CA THR C 163 32.81 24.43 42.95
C THR C 163 31.51 24.77 42.24
N THR C 164 31.36 24.22 41.04
CA THR C 164 30.03 24.25 40.44
C THR C 164 29.08 23.41 41.30
N PRO C 165 27.81 23.78 41.37
CA PRO C 165 26.86 23.02 42.19
C PRO C 165 26.69 21.59 41.68
N SER C 166 26.76 20.64 42.60
CA SER C 166 26.64 19.21 42.29
C SER C 166 25.42 18.64 42.99
N LYS C 167 24.86 17.58 42.41
CA LYS C 167 23.63 17.00 42.91
C LYS C 167 23.92 16.06 44.08
N GLN C 168 23.32 16.33 45.24
CA GLN C 168 23.34 15.41 46.37
C GLN C 168 22.44 14.22 46.07
N SER C 169 22.39 13.28 47.03
CA SER C 169 21.53 12.12 46.87
C SER C 169 20.06 12.51 46.85
N ASN C 170 19.68 13.55 47.62
CA ASN C 170 18.30 14.04 47.70
C ASN C 170 17.87 14.85 46.48
N ASN C 171 18.73 14.90 45.47
CA ASN C 171 18.58 15.67 44.23
C ASN C 171 18.62 17.18 44.45
N LYS C 172 18.78 17.65 45.67
CA LYS C 172 19.15 19.05 45.87
C LYS C 172 20.64 19.20 45.64
N TYR C 173 21.09 20.45 45.47
CA TYR C 173 22.45 20.73 45.06
C TYR C 173 23.31 21.20 46.22
N ALA C 174 24.62 20.96 46.11
CA ALA C 174 25.60 21.35 47.11
C ALA C 174 26.79 22.00 46.41
N ALA C 175 27.46 22.91 47.13
CA ALA C 175 28.59 23.60 46.56
C ALA C 175 29.50 24.06 47.69
N SER C 176 30.79 24.18 47.40
CA SER C 176 31.74 24.64 48.39
C SER C 176 32.48 25.84 47.82
N SER C 177 32.95 26.70 48.72
CA SER C 177 33.81 27.82 48.36
C SER C 177 34.94 27.91 49.38
N TYR C 178 36.14 28.19 48.89
CA TYR C 178 37.33 28.24 49.72
C TYR C 178 38.03 29.58 49.52
N LEU C 179 38.40 30.22 50.62
CA LEU C 179 39.19 31.46 50.59
C LEU C 179 40.55 31.16 51.18
N SER C 180 41.60 31.31 50.37
CA SER C 180 42.96 31.11 50.83
C SER C 180 43.56 32.45 51.23
N LEU C 181 43.99 32.56 52.47
CA LEU C 181 44.60 33.78 53.00
C LEU C 181 45.96 33.44 53.60
N THR C 182 46.80 34.47 53.75
CA THR C 182 47.94 34.26 54.64
C THR C 182 47.47 34.41 56.09
N PRO C 183 48.12 33.73 57.03
CA PRO C 183 47.76 33.91 58.44
C PRO C 183 47.78 35.37 58.87
N GLU C 184 48.66 36.18 58.29
CA GLU C 184 48.73 37.60 58.63
C GLU C 184 47.52 38.36 58.11
N GLN C 185 46.99 37.97 56.94
CA GLN C 185 45.72 38.55 56.47
C GLN C 185 44.58 38.20 57.41
N TRP C 186 44.49 36.92 57.79
CA TRP C 186 43.40 36.46 58.66
C TRP C 186 43.40 37.20 59.99
N LYS C 187 44.57 37.39 60.60
CA LYS C 187 44.65 38.05 61.89
C LYS C 187 44.44 39.56 61.79
N SER C 188 44.68 40.16 60.61
CA SER C 188 44.68 41.62 60.49
C SER C 188 43.29 42.20 60.28
N HIS C 189 42.36 41.43 59.73
CA HIS C 189 41.01 41.92 59.53
C HIS C 189 40.13 41.55 60.72
N ARG C 190 39.08 42.34 60.92
CA ARG C 190 38.20 42.13 62.06
C ARG C 190 37.31 40.91 61.85
N SER C 191 36.87 40.69 60.61
CA SER C 191 35.99 39.57 60.29
C SER C 191 36.10 39.23 58.81
N TYR C 192 35.56 38.08 58.44
CA TYR C 192 35.46 37.61 57.07
C TYR C 192 34.09 36.96 56.91
N SER C 193 33.44 37.24 55.78
CA SER C 193 32.08 36.78 55.56
C SER C 193 31.98 35.98 54.27
N CYS C 194 31.04 35.06 54.26
CA CYS C 194 30.67 34.31 53.06
C CYS C 194 29.22 34.66 52.79
N GLN C 195 28.96 35.30 51.65
CA GLN C 195 27.62 35.71 51.26
C GLN C 195 27.12 34.77 50.16
N VAL C 196 26.04 34.06 50.44
CA VAL C 196 25.45 33.13 49.50
C VAL C 196 24.10 33.70 49.08
N THR C 197 23.95 33.98 47.78
CA THR C 197 22.69 34.44 47.23
C THR C 197 22.09 33.31 46.40
N HIS C 198 20.85 32.96 46.70
CA HIS C 198 20.15 31.91 45.99
C HIS C 198 18.74 32.41 45.70
N GLU C 199 18.46 32.66 44.42
CA GLU C 199 17.16 33.11 43.96
C GLU C 199 16.67 34.32 44.75
N GLY C 200 17.42 35.41 44.61
CA GLY C 200 17.06 36.68 45.22
C GLY C 200 17.39 36.79 46.70
N SER C 201 17.39 35.67 47.42
CA SER C 201 17.58 35.69 48.86
C SER C 201 19.04 35.40 49.20
N THR C 202 19.59 36.24 50.09
CA THR C 202 21.00 36.21 50.44
C THR C 202 21.16 35.83 51.90
N VAL C 203 21.98 34.82 52.17
CA VAL C 203 22.37 34.49 53.53
C VAL C 203 23.84 34.87 53.72
N GLU C 204 24.21 35.11 54.97
CA GLU C 204 25.53 35.60 55.32
C GLU C 204 26.03 34.85 56.54
N LYS C 205 27.28 34.41 56.49
CA LYS C 205 27.92 33.82 57.65
C LYS C 205 29.26 34.51 57.86
N THR C 206 29.63 34.70 59.14
CA THR C 206 30.80 35.49 59.51
C THR C 206 31.67 34.72 60.49
N VAL C 207 32.98 34.78 60.28
CA VAL C 207 33.95 34.25 61.22
C VAL C 207 34.92 35.37 61.59
N ALA C 208 35.52 35.24 62.77
CA ALA C 208 36.47 36.19 63.32
C ALA C 208 37.72 35.46 63.76
N PRO C 209 38.87 36.14 63.76
CA PRO C 209 40.11 35.46 64.18
C PRO C 209 40.10 34.97 65.63
N THR C 210 39.69 35.81 66.58
CA THR C 210 39.56 35.42 67.99
C THR C 210 40.67 34.48 68.49
N GLN D 1 26.00 -14.54 44.81
CA GLN D 1 25.90 -13.17 44.32
C GLN D 1 27.24 -12.74 43.74
N LEU D 2 27.36 -12.88 42.42
CA LEU D 2 28.58 -12.48 41.74
C LEU D 2 28.81 -10.98 41.89
N GLN D 3 30.07 -10.63 42.16
CA GLN D 3 30.47 -9.25 42.39
C GLN D 3 31.75 -8.95 41.63
N LEU D 4 31.83 -7.74 41.09
CA LEU D 4 32.98 -7.29 40.30
C LEU D 4 33.65 -6.12 41.00
N GLN D 5 34.98 -6.06 40.92
CA GLN D 5 35.74 -5.04 41.63
C GLN D 5 36.93 -4.60 40.79
N GLU D 6 36.89 -3.37 40.28
CA GLU D 6 38.01 -2.82 39.54
C GLU D 6 39.18 -2.51 40.46
N SER D 7 40.39 -2.75 39.94
CA SER D 7 41.61 -2.42 40.67
C SER D 7 42.60 -1.81 39.67
N GLY D 8 43.14 -0.64 40.02
CA GLY D 8 43.96 0.09 39.08
C GLY D 8 44.74 1.21 39.75
N PRO D 9 45.66 1.86 39.00
CA PRO D 9 46.67 2.69 39.67
C PRO D 9 46.20 4.08 40.07
N GLY D 10 45.06 4.57 39.58
CA GLY D 10 44.61 5.89 39.96
C GLY D 10 45.21 6.99 39.10
N LEU D 11 46.51 6.89 38.82
CA LEU D 11 47.25 7.88 38.05
C LEU D 11 48.17 7.18 37.07
N GLU D 12 48.14 7.62 35.81
CA GLU D 12 49.06 7.12 34.80
C GLU D 12 49.64 8.29 34.02
N LYS D 13 50.90 8.15 33.61
CA LYS D 13 51.61 9.21 32.91
C LYS D 13 51.27 9.18 31.42
N PRO D 14 51.32 10.34 30.76
CA PRO D 14 51.08 10.37 29.32
C PRO D 14 52.08 9.50 28.58
N SER D 15 51.58 8.78 27.57
CA SER D 15 52.33 7.88 26.69
C SER D 15 52.69 6.56 27.36
N GLU D 16 52.24 6.34 28.58
CA GLU D 16 52.40 5.05 29.24
C GLU D 16 51.19 4.17 28.97
N THR D 17 51.29 2.92 29.40
CA THR D 17 50.18 1.96 29.31
C THR D 17 49.44 1.91 30.64
N LEU D 18 48.13 2.09 30.58
CA LEU D 18 47.25 2.00 31.74
C LEU D 18 46.74 0.56 31.86
N SER D 19 46.92 -0.05 33.02
CA SER D 19 46.51 -1.43 33.26
C SER D 19 45.48 -1.46 34.38
N LEU D 20 44.39 -2.20 34.15
CA LEU D 20 43.32 -2.38 35.11
C LEU D 20 42.98 -3.87 35.19
N THR D 21 42.57 -4.29 36.38
CA THR D 21 42.17 -5.67 36.61
C THR D 21 40.84 -5.69 37.34
N CYS D 22 39.97 -6.61 36.93
CA CYS D 22 38.68 -6.83 37.58
C CYS D 22 38.77 -8.11 38.39
N ILE D 23 38.59 -7.99 39.69
CA ILE D 23 38.56 -9.14 40.59
C ILE D 23 37.11 -9.61 40.69
N VAL D 24 36.85 -10.86 40.29
CA VAL D 24 35.51 -11.44 40.31
C VAL D 24 35.39 -12.37 41.51
N SER D 25 34.27 -12.25 42.23
CA SER D 25 34.03 -13.07 43.41
C SER D 25 32.58 -13.53 43.43
N GLY D 26 32.31 -14.54 44.28
CA GLY D 26 30.97 -15.09 44.35
C GLY D 26 30.55 -15.88 43.14
N GLY D 27 31.49 -16.31 42.32
CA GLY D 27 31.17 -16.99 41.07
C GLY D 27 32.37 -17.15 40.17
N SER D 28 32.34 -18.11 39.27
CA SER D 28 33.48 -18.38 38.42
C SER D 28 33.41 -17.57 37.14
N ILE D 29 34.58 -17.14 36.67
CA ILE D 29 34.67 -16.45 35.39
C ILE D 29 34.61 -17.43 34.22
N SER D 30 34.79 -18.73 34.49
CA SER D 30 34.90 -19.74 33.44
C SER D 30 33.52 -20.29 33.09
N SER D 31 32.71 -19.42 32.48
CA SER D 31 31.36 -19.76 32.07
C SER D 31 31.20 -19.56 30.57
N SER D 32 30.50 -20.48 29.94
CA SER D 32 30.26 -20.38 28.50
C SER D 32 29.19 -19.36 28.14
N ASP D 33 28.40 -18.89 29.11
CA ASP D 33 27.24 -18.04 28.83
C ASP D 33 27.50 -16.56 29.01
N TYR D 34 28.74 -16.15 29.31
CA TYR D 34 29.02 -14.76 29.57
C TYR D 34 30.41 -14.42 29.04
N PHE D 35 30.65 -13.14 28.82
CA PHE D 35 32.00 -12.64 28.65
C PHE D 35 32.15 -11.36 29.46
N TRP D 36 33.37 -10.84 29.52
CA TRP D 36 33.78 -9.91 30.56
C TRP D 36 34.33 -8.66 29.92
N GLY D 37 33.71 -7.51 30.22
CA GLY D 37 33.94 -6.32 29.42
C GLY D 37 34.35 -5.13 30.27
N TRP D 38 34.90 -4.14 29.57
CA TRP D 38 35.32 -2.88 30.16
C TRP D 38 34.55 -1.76 29.49
N ILE D 39 34.00 -0.86 30.29
CA ILE D 39 33.25 0.29 29.82
C ILE D 39 33.76 1.49 30.59
N ARG D 40 34.03 2.59 29.89
CA ARG D 40 34.57 3.77 30.54
C ARG D 40 33.65 4.97 30.32
N GLN D 41 33.85 5.97 31.18
CA GLN D 41 33.04 7.18 31.17
C GLN D 41 33.95 8.37 31.47
N PRO D 42 34.36 9.12 30.45
CA PRO D 42 35.13 10.34 30.72
C PRO D 42 34.30 11.31 31.53
N PRO D 43 34.95 12.21 32.29
CA PRO D 43 34.20 13.15 33.15
C PRO D 43 33.15 13.95 32.39
N GLY D 44 31.91 13.90 32.83
CA GLY D 44 30.85 14.68 32.21
C GLY D 44 30.29 14.11 30.93
N LYS D 45 30.82 13.01 30.43
CA LYS D 45 30.36 12.43 29.18
C LYS D 45 29.63 11.11 29.45
N GLY D 46 29.32 10.38 28.37
CA GLY D 46 28.55 9.16 28.45
C GLY D 46 29.41 7.91 28.57
N LEU D 47 28.76 6.76 28.37
CA LEU D 47 29.44 5.48 28.49
C LEU D 47 30.04 5.07 27.15
N GLU D 48 31.22 4.45 27.19
CA GLU D 48 31.84 3.95 25.98
C GLU D 48 32.44 2.57 26.25
N TRP D 49 32.05 1.60 25.43
CA TRP D 49 32.54 0.25 25.53
C TRP D 49 33.96 0.17 24.98
N ILE D 50 34.86 -0.45 25.73
CA ILE D 50 36.23 -0.64 25.28
C ILE D 50 36.41 -2.00 24.63
N GLY D 51 36.01 -3.04 25.33
CA GLY D 51 36.07 -4.38 24.77
C GLY D 51 35.71 -5.40 25.82
N SER D 52 35.46 -6.62 25.34
CA SER D 52 35.08 -7.72 26.20
C SER D 52 35.90 -8.95 25.84
N ILE D 53 36.03 -9.86 26.80
CA ILE D 53 36.84 -11.05 26.62
C ILE D 53 36.10 -12.27 27.18
N TYR D 54 36.03 -13.31 26.37
CA TYR D 54 35.51 -14.61 26.75
C TYR D 54 36.58 -15.39 27.53
N TYR D 55 36.14 -16.25 28.45
CA TYR D 55 37.10 -16.85 29.38
C TYR D 55 38.15 -17.71 28.68
N SER D 56 37.91 -18.11 27.43
CA SER D 56 38.92 -18.85 26.70
C SER D 56 40.02 -17.97 26.14
N GLY D 57 39.88 -16.65 26.25
CA GLY D 57 40.83 -15.72 25.68
C GLY D 57 40.33 -14.99 24.45
N SER D 58 39.21 -15.42 23.88
CA SER D 58 38.64 -14.76 22.70
C SER D 58 38.23 -13.33 23.01
N THR D 59 38.65 -12.38 22.16
CA THR D 59 38.51 -10.97 22.44
C THR D 59 37.64 -10.25 21.41
N TYR D 60 36.96 -9.21 21.87
CA TYR D 60 36.02 -8.42 21.08
C TYR D 60 36.26 -6.96 21.44
N TYR D 61 36.72 -6.16 20.49
CA TYR D 61 37.10 -4.79 20.77
C TYR D 61 36.19 -3.78 20.07
N ASN D 62 36.11 -2.60 20.68
CA ASN D 62 35.57 -1.40 20.06
C ASN D 62 36.45 -1.04 18.87
N PRO D 63 35.90 -1.00 17.64
CA PRO D 63 36.73 -0.66 16.47
C PRO D 63 37.51 0.63 16.59
N SER D 64 36.99 1.62 17.34
CA SER D 64 37.68 2.89 17.46
C SER D 64 38.92 2.80 18.34
N LEU D 65 38.95 1.85 19.26
CA LEU D 65 40.05 1.71 20.20
C LEU D 65 40.92 0.48 19.97
N LYS D 66 40.59 -0.36 18.98
CA LYS D 66 41.29 -1.64 18.82
C LYS D 66 42.78 -1.45 18.58
N SER D 67 43.19 -0.34 17.96
CA SER D 67 44.61 -0.13 17.69
C SER D 67 45.44 0.06 18.96
N ARG D 68 44.83 0.30 20.12
CA ARG D 68 45.67 0.50 21.29
C ARG D 68 45.11 -0.06 22.59
N VAL D 69 44.10 -0.92 22.57
CA VAL D 69 43.64 -1.57 23.79
C VAL D 69 43.80 -3.07 23.62
N THR D 70 44.08 -3.74 24.74
CA THR D 70 44.17 -5.19 24.78
C THR D 70 43.52 -5.69 26.07
N THR D 71 42.99 -6.91 26.04
CA THR D 71 42.38 -7.52 27.21
C THR D 71 42.92 -8.95 27.38
N SER D 72 43.01 -9.39 28.64
CA SER D 72 43.42 -10.74 28.95
C SER D 72 42.51 -11.26 30.07
N VAL D 73 42.55 -12.58 30.27
CA VAL D 73 41.78 -13.25 31.30
C VAL D 73 42.71 -14.20 32.03
N ASP D 74 42.57 -14.29 33.35
CA ASP D 74 43.34 -15.23 34.17
C ASP D 74 42.31 -16.08 34.93
N THR D 75 41.97 -17.22 34.34
CA THR D 75 40.93 -18.07 34.92
C THR D 75 41.35 -18.71 36.23
N SER D 76 42.65 -18.83 36.49
CA SER D 76 43.06 -19.41 37.76
C SER D 76 42.96 -18.40 38.90
N LYS D 77 43.10 -17.11 38.61
CA LYS D 77 42.87 -16.08 39.63
C LYS D 77 41.46 -15.51 39.58
N ASN D 78 40.63 -15.98 38.64
CA ASN D 78 39.26 -15.48 38.48
C ASN D 78 39.25 -13.97 38.19
N GLN D 79 40.10 -13.55 37.26
CA GLN D 79 40.27 -12.14 36.96
C GLN D 79 40.40 -11.95 35.45
N PHE D 80 40.08 -10.73 35.01
CA PHE D 80 40.37 -10.31 33.65
C PHE D 80 40.87 -8.87 33.70
N SER D 81 41.55 -8.46 32.63
CA SER D 81 42.33 -7.24 32.69
C SER D 81 42.19 -6.44 31.40
N LEU D 82 42.65 -5.20 31.48
CA LEU D 82 42.60 -4.26 30.36
C LEU D 82 43.91 -3.50 30.32
N LYS D 83 44.50 -3.37 29.13
CA LYS D 83 45.62 -2.47 28.91
C LYS D 83 45.22 -1.44 27.85
N VAL D 84 45.43 -0.17 28.16
CA VAL D 84 45.25 0.93 27.21
C VAL D 84 46.64 1.52 26.96
N MET D 85 47.09 1.46 25.72
CA MET D 85 48.44 1.89 25.38
C MET D 85 48.46 3.36 24.98
N SER D 86 49.59 4.00 25.29
CA SER D 86 49.89 5.40 24.93
C SER D 86 48.73 6.32 25.30
N VAL D 87 48.51 6.43 26.61
CA VAL D 87 47.39 7.22 27.12
C VAL D 87 47.71 8.71 27.02
N THR D 88 46.64 9.50 26.92
CA THR D 88 46.68 10.96 27.06
C THR D 88 45.52 11.37 27.95
N ALA D 89 45.38 12.68 28.17
CA ALA D 89 44.25 13.21 28.92
C ALA D 89 42.91 12.75 28.40
N ALA D 90 42.83 12.32 27.13
CA ALA D 90 41.55 11.83 26.64
C ALA D 90 41.16 10.51 27.28
N ASP D 91 42.08 9.84 27.98
CA ASP D 91 41.79 8.58 28.63
C ASP D 91 41.51 8.74 30.12
N THR D 92 41.63 9.95 30.66
CA THR D 92 41.14 10.22 32.00
C THR D 92 39.66 9.91 32.07
N ALA D 93 39.28 8.93 32.90
CA ALA D 93 37.89 8.50 32.92
C ALA D 93 37.64 7.59 34.11
N MET D 94 36.35 7.41 34.41
CA MET D 94 35.89 6.32 35.25
C MET D 94 35.81 5.04 34.43
N TYR D 95 36.48 3.99 34.90
CA TYR D 95 36.57 2.72 34.19
C TYR D 95 35.75 1.65 34.94
N TYR D 96 34.78 1.06 34.26
CA TYR D 96 33.93 0.03 34.81
C TYR D 96 34.25 -1.33 34.21
N CYS D 97 34.20 -2.38 35.03
CA CYS D 97 34.14 -3.74 34.49
C CYS D 97 32.73 -4.26 34.66
N ALA D 98 32.35 -5.20 33.80
CA ALA D 98 30.95 -5.59 33.75
C ALA D 98 30.81 -6.96 33.09
N ARG D 99 29.72 -7.64 33.42
CA ARG D 99 29.43 -8.96 32.87
C ARG D 99 28.28 -8.88 31.89
N GLY D 100 28.48 -9.42 30.70
CA GLY D 100 27.44 -9.45 29.68
C GLY D 100 27.25 -10.84 29.12
N GLY D 101 26.02 -11.09 28.65
CA GLY D 101 25.71 -12.38 28.05
C GLY D 101 26.52 -12.63 26.80
N TYR D 102 26.70 -13.91 26.49
CA TYR D 102 27.54 -14.32 25.38
C TYR D 102 27.06 -15.69 24.90
N GLY D 103 26.88 -15.83 23.59
CA GLY D 103 26.58 -17.12 23.02
C GLY D 103 25.11 -17.42 22.84
N GLY D 104 24.22 -16.53 23.26
CA GLY D 104 22.82 -16.61 22.92
C GLY D 104 21.91 -17.14 24.01
N TYR D 105 22.45 -17.87 24.98
CA TYR D 105 21.60 -18.39 26.03
C TYR D 105 21.08 -17.27 26.92
N GLU D 106 21.95 -16.39 27.35
CA GLU D 106 21.56 -15.26 28.19
C GLU D 106 21.50 -13.98 27.36
N SER D 107 20.69 -13.03 27.84
CA SER D 107 20.66 -11.71 27.22
C SER D 107 22.05 -11.09 27.21
N ASP D 108 22.33 -10.32 26.16
CA ASP D 108 23.64 -9.70 26.00
C ASP D 108 23.76 -8.39 26.75
N ALA D 109 22.75 -8.02 27.53
CA ALA D 109 22.87 -6.88 28.42
C ALA D 109 23.98 -7.13 29.44
N TYR D 110 24.55 -6.03 29.93
CA TYR D 110 25.56 -6.06 30.98
C TYR D 110 24.84 -5.90 32.31
N ASP D 111 24.63 -7.01 33.02
CA ASP D 111 23.74 -7.03 34.17
C ASP D 111 24.47 -6.80 35.50
N ILE D 112 25.75 -7.16 35.59
CA ILE D 112 26.51 -6.96 36.82
C ILE D 112 27.66 -6.02 36.50
N TRP D 113 27.78 -4.94 37.27
CA TRP D 113 28.80 -3.92 37.07
C TRP D 113 29.67 -3.80 38.32
N GLY D 114 30.96 -3.55 38.11
CA GLY D 114 31.80 -3.11 39.20
C GLY D 114 31.43 -1.71 39.65
N GLN D 115 32.09 -1.25 40.71
CA GLN D 115 31.80 0.08 41.24
C GLN D 115 32.48 1.19 40.44
N GLY D 116 33.51 0.87 39.68
CA GLY D 116 34.23 1.85 38.88
C GLY D 116 35.48 2.35 39.56
N THR D 117 36.58 2.47 38.82
CA THR D 117 37.79 3.10 39.35
C THR D 117 38.19 4.30 38.50
N MET D 118 38.63 5.36 39.15
CA MET D 118 38.98 6.59 38.48
C MET D 118 40.45 6.56 38.08
N VAL D 119 40.72 6.91 36.83
CA VAL D 119 42.08 7.00 36.30
C VAL D 119 42.28 8.40 35.72
N THR D 120 43.29 9.10 36.21
CA THR D 120 43.68 10.40 35.69
C THR D 120 45.02 10.27 34.98
N VAL D 121 45.10 10.81 33.77
CA VAL D 121 46.35 10.86 33.02
C VAL D 121 46.97 12.23 33.23
N SER D 122 48.21 12.25 33.71
CA SER D 122 48.88 13.48 34.07
C SER D 122 50.37 13.19 34.17
N SER D 123 51.17 14.24 33.96
CA SER D 123 52.60 14.13 34.19
C SER D 123 52.95 14.41 35.65
N ALA D 124 52.02 14.95 36.44
CA ALA D 124 52.29 15.25 37.84
C ALA D 124 52.30 13.98 38.69
N SER D 125 53.02 14.03 39.80
CA SER D 125 53.09 12.92 40.73
C SER D 125 51.92 12.96 41.70
N THR D 126 51.63 11.82 42.34
CA THR D 126 50.60 11.80 43.37
C THR D 126 51.02 12.69 44.53
N LYS D 127 50.02 13.16 45.26
CA LYS D 127 50.25 13.98 46.43
C LYS D 127 49.17 13.63 47.44
N GLY D 128 49.61 13.19 48.62
CA GLY D 128 48.71 12.87 49.70
C GLY D 128 48.12 14.12 50.33
N PRO D 129 46.92 13.99 50.90
CA PRO D 129 46.23 15.16 51.45
C PRO D 129 46.84 15.61 52.78
N SER D 130 46.59 16.86 53.11
CA SER D 130 46.78 17.40 54.45
C SER D 130 45.40 17.56 55.07
N VAL D 131 45.21 17.01 56.26
CA VAL D 131 43.91 16.95 56.90
C VAL D 131 43.93 17.90 58.08
N PHE D 132 42.99 18.85 58.09
CA PHE D 132 42.86 19.78 59.20
C PHE D 132 41.45 19.69 59.79
N PRO D 133 41.30 19.85 61.09
CA PRO D 133 39.97 19.74 61.68
C PRO D 133 39.20 21.04 61.55
N LEU D 134 37.91 20.92 61.25
CA LEU D 134 36.99 22.04 61.23
C LEU D 134 36.21 22.01 62.55
N ALA D 135 36.65 22.84 63.50
CA ALA D 135 36.18 22.70 64.87
C ALA D 135 34.69 23.01 64.97
N PRO D 136 33.97 22.33 65.86
CA PRO D 136 32.52 22.53 66.00
C PRO D 136 32.10 23.99 66.06
N SER D 137 31.13 24.33 65.23
CA SER D 137 30.44 25.61 65.21
C SER D 137 28.94 25.36 65.14
N SER D 138 28.17 26.32 65.63
CA SER D 138 26.72 26.17 65.69
C SER D 138 26.13 26.07 64.30
N LYS D 139 25.19 25.13 64.13
CA LYS D 139 24.47 24.93 62.87
C LYS D 139 22.97 25.14 63.05
N SER D 140 22.56 25.76 64.16
CA SER D 140 21.15 25.98 64.43
C SER D 140 21.00 27.24 65.25
N THR D 141 19.86 27.92 65.07
CA THR D 141 19.56 29.08 65.92
C THR D 141 19.64 28.71 67.39
N SER D 142 19.01 27.60 67.78
CA SER D 142 19.14 27.05 69.12
C SER D 142 18.55 25.65 69.14
N GLY D 143 18.73 24.90 68.05
CA GLY D 143 18.19 23.55 67.98
C GLY D 143 19.23 22.51 68.33
N GLY D 144 20.15 22.87 69.24
CA GLY D 144 21.13 21.95 69.79
C GLY D 144 21.94 21.24 68.74
N THR D 145 21.99 21.80 67.54
CA THR D 145 22.71 21.24 66.41
C THR D 145 24.03 21.96 66.23
N ALA D 146 25.13 21.20 66.12
CA ALA D 146 26.44 21.74 65.81
C ALA D 146 27.00 21.08 64.56
N ALA D 147 27.89 21.79 63.87
CA ALA D 147 28.55 21.27 62.68
C ALA D 147 30.05 21.23 62.93
N LEU D 148 30.67 20.11 62.56
CA LEU D 148 32.10 19.93 62.68
C LEU D 148 32.54 19.12 61.47
N GLY D 149 33.83 19.16 61.16
CA GLY D 149 34.27 18.39 60.02
C GLY D 149 35.77 18.38 59.82
N CYS D 150 36.17 17.91 58.65
CA CYS D 150 37.57 17.76 58.25
C CYS D 150 37.79 18.45 56.92
N LEU D 151 38.86 19.23 56.84
CA LEU D 151 39.33 19.80 55.58
C LEU D 151 40.41 18.88 55.01
N VAL D 152 40.15 18.32 53.83
CA VAL D 152 41.09 17.43 53.15
C VAL D 152 41.73 18.23 52.02
N LYS D 153 42.96 18.71 52.25
CA LYS D 153 43.57 19.78 51.46
C LYS D 153 44.65 19.26 50.54
N ASP D 154 44.62 19.72 49.28
CA ASP D 154 45.78 19.69 48.39
C ASP D 154 46.25 18.26 48.09
N TYR D 155 45.35 17.45 47.55
CA TYR D 155 45.72 16.10 47.14
C TYR D 155 45.54 15.96 45.64
N PHE D 156 46.21 14.95 45.09
CA PHE D 156 46.14 14.64 43.66
C PHE D 156 46.49 13.19 43.40
N PRO D 157 45.67 12.45 42.65
CA PRO D 157 44.41 12.84 42.03
C PRO D 157 43.17 12.38 42.81
N GLU D 158 42.01 12.43 42.18
CA GLU D 158 40.80 11.91 42.79
C GLU D 158 40.85 10.38 42.84
N PRO D 159 40.12 9.76 43.78
CA PRO D 159 39.32 10.34 44.85
C PRO D 159 39.94 10.19 46.23
N VAL D 160 39.38 10.87 47.24
CA VAL D 160 39.59 10.50 48.63
C VAL D 160 38.25 10.04 49.17
N THR D 161 38.30 9.11 50.09
CA THR D 161 37.12 8.68 50.84
C THR D 161 37.29 9.13 52.27
N VAL D 162 36.17 9.53 52.88
CA VAL D 162 36.16 9.99 54.26
C VAL D 162 35.07 9.23 54.99
N SER D 163 35.43 8.63 56.12
CA SER D 163 34.47 8.09 57.05
C SER D 163 34.70 8.71 58.42
N TRP D 164 33.77 8.48 59.34
CA TRP D 164 33.83 9.08 60.66
C TRP D 164 33.76 8.00 61.72
N ASN D 165 34.67 8.07 62.69
CA ASN D 165 34.78 7.09 63.76
C ASN D 165 34.85 5.68 63.22
N SER D 166 35.71 5.50 62.21
CA SER D 166 35.96 4.21 61.59
C SER D 166 34.67 3.59 61.02
N GLY D 167 33.78 4.43 60.51
CA GLY D 167 32.55 3.96 59.92
C GLY D 167 31.38 3.84 60.87
N ALA D 168 31.61 3.94 62.18
CA ALA D 168 30.51 3.84 63.13
C ALA D 168 29.58 5.04 63.08
N LEU D 169 29.97 6.12 62.40
CA LEU D 169 29.16 7.33 62.28
C LEU D 169 28.81 7.52 60.81
N THR D 170 27.56 7.21 60.44
CA THR D 170 27.12 7.39 59.06
C THR D 170 26.03 8.43 58.89
N SER D 171 25.11 8.54 59.85
CA SER D 171 24.00 9.48 59.71
C SER D 171 24.49 10.90 59.97
N GLY D 172 23.94 11.85 59.22
CA GLY D 172 24.33 13.23 59.34
C GLY D 172 25.72 13.55 58.82
N VAL D 173 26.27 12.73 57.94
CA VAL D 173 27.57 12.97 57.33
C VAL D 173 27.34 13.44 55.90
N HIS D 174 27.93 14.58 55.55
CA HIS D 174 27.91 15.09 54.18
C HIS D 174 29.34 15.38 53.78
N THR D 175 29.90 14.55 52.90
CA THR D 175 31.20 14.79 52.32
C THR D 175 31.00 15.49 50.98
N PHE D 176 31.56 16.69 50.85
CA PHE D 176 31.25 17.52 49.70
C PHE D 176 32.14 17.11 48.51
N PRO D 177 31.67 17.33 47.29
CA PRO D 177 32.55 17.16 46.13
C PRO D 177 33.77 18.07 46.22
N ALA D 178 34.89 17.59 45.70
CA ALA D 178 36.13 18.32 45.78
C ALA D 178 36.13 19.51 44.82
N VAL D 179 36.98 20.48 45.14
CA VAL D 179 37.23 21.62 44.27
C VAL D 179 38.58 21.40 43.60
N LEU D 180 38.69 21.83 42.34
CA LEU D 180 39.90 21.69 41.55
C LEU D 180 40.61 23.03 41.52
N GLN D 181 41.75 23.11 42.19
CA GLN D 181 42.45 24.37 42.25
C GLN D 181 43.23 24.63 40.97
N SER D 182 43.56 25.90 40.75
CA SER D 182 44.36 26.26 39.58
C SER D 182 45.74 25.62 39.62
N SER D 183 46.21 25.24 40.80
CA SER D 183 47.44 24.45 40.90
C SER D 183 47.27 23.03 40.40
N GLY D 184 46.04 22.59 40.17
CA GLY D 184 45.78 21.22 39.78
C GLY D 184 45.52 20.28 40.93
N LEU D 185 45.62 20.76 42.17
CA LEU D 185 45.33 19.93 43.33
C LEU D 185 43.86 20.03 43.68
N TYR D 186 43.37 19.01 44.38
CA TYR D 186 41.99 18.93 44.83
C TYR D 186 41.93 19.20 46.32
N SER D 187 40.79 19.72 46.76
CA SER D 187 40.50 19.86 48.18
C SER D 187 39.02 19.61 48.37
N LEU D 188 38.67 18.87 49.43
CA LEU D 188 37.28 18.70 49.81
C LEU D 188 37.15 18.81 51.32
N SER D 189 35.90 18.93 51.76
CA SER D 189 35.56 18.97 53.17
C SER D 189 34.48 17.94 53.44
N SER D 190 34.54 17.34 54.63
CA SER D 190 33.51 16.43 55.10
C SER D 190 32.98 16.99 56.41
N VAL D 191 31.66 17.12 56.51
CA VAL D 191 31.04 17.70 57.69
C VAL D 191 29.99 16.74 58.24
N VAL D 192 29.96 16.58 59.56
CA VAL D 192 28.93 15.83 60.24
C VAL D 192 28.15 16.79 61.13
N THR D 193 26.84 16.60 61.17
CA THR D 193 25.93 17.39 61.99
C THR D 193 25.60 16.58 63.25
N VAL D 194 25.90 17.14 64.42
CA VAL D 194 25.82 16.40 65.68
C VAL D 194 25.04 17.24 66.68
N PRO D 195 24.48 16.62 67.72
CA PRO D 195 23.88 17.41 68.79
C PRO D 195 24.96 18.11 69.61
N SER D 196 24.68 19.37 69.98
CA SER D 196 25.66 20.15 70.72
C SER D 196 25.94 19.56 72.09
N SER D 197 24.95 18.93 72.72
CA SER D 197 25.14 18.34 74.04
C SER D 197 26.19 17.25 74.06
N SER D 198 26.66 16.78 72.90
CA SER D 198 27.66 15.73 72.83
C SER D 198 29.09 16.26 72.71
N LEU D 199 29.27 17.57 72.52
CA LEU D 199 30.56 18.10 72.12
C LEU D 199 31.63 17.88 73.18
N GLY D 200 31.25 17.74 74.43
CA GLY D 200 32.23 17.52 75.48
C GLY D 200 32.59 16.07 75.75
N THR D 201 31.68 15.14 75.46
CA THR D 201 31.89 13.73 75.78
C THR D 201 32.17 12.88 74.55
N GLN D 202 31.54 13.18 73.43
CA GLN D 202 31.68 12.36 72.23
C GLN D 202 32.94 12.77 71.48
N THR D 203 33.79 11.80 71.16
CA THR D 203 34.95 12.04 70.34
C THR D 203 34.56 11.84 68.88
N TYR D 204 35.07 12.73 68.03
CA TYR D 204 34.78 12.69 66.60
C TYR D 204 36.09 12.61 65.86
N ILE D 205 36.30 11.50 65.17
CA ILE D 205 37.52 11.26 64.39
C ILE D 205 37.11 11.07 62.95
N CYS D 206 37.78 11.75 62.04
CA CYS D 206 37.57 11.49 60.63
C CYS D 206 38.72 10.63 60.12
N ASN D 207 38.38 9.68 59.27
CA ASN D 207 39.30 8.73 58.68
C ASN D 207 39.39 9.05 57.20
N VAL D 208 40.56 9.46 56.75
CA VAL D 208 40.78 9.87 55.38
C VAL D 208 41.66 8.83 54.70
N ASN D 209 41.20 8.34 53.54
CA ASN D 209 41.95 7.41 52.74
C ASN D 209 42.14 8.01 51.35
N HIS D 210 43.38 8.02 50.88
CA HIS D 210 43.71 8.49 49.53
C HIS D 210 44.50 7.38 48.85
N LYS D 211 43.79 6.47 48.19
CA LYS D 211 44.43 5.31 47.56
C LYS D 211 45.55 5.66 46.58
N PRO D 212 45.43 6.66 45.70
CA PRO D 212 46.51 6.87 44.72
C PRO D 212 47.86 7.16 45.35
N SER D 213 47.91 7.80 46.53
CA SER D 213 49.19 8.03 47.20
C SER D 213 49.37 7.12 48.40
N ASN D 214 48.45 6.18 48.61
CA ASN D 214 48.60 5.18 49.67
C ASN D 214 48.69 5.86 51.02
N THR D 215 47.81 6.82 51.24
CA THR D 215 47.81 7.68 52.40
C THR D 215 46.55 7.37 53.21
N LYS D 216 46.75 7.03 54.48
CA LYS D 216 45.67 6.93 55.45
C LYS D 216 46.03 7.88 56.59
N VAL D 217 45.05 8.66 57.05
CA VAL D 217 45.29 9.56 58.16
C VAL D 217 43.99 9.68 58.95
N ASP D 218 44.14 9.78 60.28
CA ASP D 218 43.02 10.04 61.18
C ASP D 218 43.25 11.37 61.88
N LYS D 219 42.18 12.15 62.02
CA LYS D 219 42.24 13.43 62.72
C LYS D 219 41.07 13.55 63.69
N LYS D 220 41.39 13.84 64.95
CA LYS D 220 40.39 14.08 65.98
C LYS D 220 39.94 15.53 65.91
N VAL D 221 38.64 15.76 65.91
CA VAL D 221 38.06 17.09 65.78
C VAL D 221 37.59 17.51 67.17
N GLU D 222 38.35 18.36 67.81
CA GLU D 222 37.98 18.83 69.13
C GLU D 222 37.51 20.29 69.08
N PRO D 223 36.61 20.70 70.01
CA PRO D 223 36.06 22.06 70.16
C PRO D 223 37.11 23.18 70.27
N GLN E 1 -35.51 21.11 -36.68
CA GLN E 1 -34.64 20.21 -35.92
C GLN E 1 -34.65 18.79 -36.52
N LEU E 2 -33.66 18.00 -36.13
CA LEU E 2 -33.53 16.61 -36.55
C LEU E 2 -34.54 15.73 -35.80
N GLN E 3 -35.43 15.10 -36.54
CA GLN E 3 -36.48 14.29 -35.97
C GLN E 3 -36.42 12.90 -36.58
N LEU E 4 -36.64 11.89 -35.74
CA LEU E 4 -36.65 10.49 -36.17
C LEU E 4 -38.06 9.95 -36.04
N GLN E 5 -38.47 9.09 -36.99
CA GLN E 5 -39.81 8.54 -36.97
C GLN E 5 -39.78 7.09 -37.42
N GLU E 6 -40.24 6.19 -36.55
CA GLU E 6 -40.36 4.78 -36.89
C GLU E 6 -41.57 4.55 -37.78
N SER E 7 -41.46 3.54 -38.64
CA SER E 7 -42.53 3.12 -39.53
C SER E 7 -42.54 1.61 -39.50
N GLY E 8 -43.67 1.01 -39.11
CA GLY E 8 -43.72 -0.42 -38.95
C GLY E 8 -45.08 -1.03 -39.28
N PRO E 9 -45.14 -2.36 -39.33
CA PRO E 9 -46.40 -3.02 -39.71
C PRO E 9 -47.36 -3.24 -38.56
N GLY E 10 -46.92 -3.11 -37.31
CA GLY E 10 -47.82 -3.27 -36.18
C GLY E 10 -48.01 -4.72 -35.79
N LEU E 11 -48.09 -5.58 -36.80
CA LEU E 11 -48.44 -6.98 -36.64
C LEU E 11 -47.61 -7.80 -37.61
N GLU E 12 -46.98 -8.86 -37.11
CA GLU E 12 -46.17 -9.74 -37.94
C GLU E 12 -46.47 -11.18 -37.56
N LYS E 13 -46.47 -12.05 -38.57
CA LYS E 13 -46.78 -13.45 -38.36
C LYS E 13 -45.56 -14.22 -37.86
N PRO E 14 -45.78 -15.24 -37.03
CA PRO E 14 -44.66 -16.04 -36.53
C PRO E 14 -43.85 -16.66 -37.67
N SER E 15 -42.53 -16.69 -37.46
CA SER E 15 -41.56 -17.25 -38.41
C SER E 15 -41.46 -16.43 -39.70
N GLU E 16 -41.94 -15.19 -39.67
CA GLU E 16 -41.79 -14.26 -40.77
C GLU E 16 -40.73 -13.22 -40.39
N THR E 17 -40.43 -12.33 -41.33
CA THR E 17 -39.45 -11.28 -41.13
C THR E 17 -40.14 -9.96 -40.80
N LEU E 18 -39.80 -9.40 -39.64
CA LEU E 18 -40.25 -8.06 -39.29
C LEU E 18 -39.34 -7.03 -39.95
N SER E 19 -39.94 -6.03 -40.59
CA SER E 19 -39.18 -4.97 -41.25
C SER E 19 -39.68 -3.63 -40.73
N LEU E 20 -38.75 -2.83 -40.21
CA LEU E 20 -39.05 -1.50 -39.72
C LEU E 20 -38.22 -0.49 -40.47
N THR E 21 -38.77 0.71 -40.63
CA THR E 21 -38.05 1.79 -41.28
C THR E 21 -38.14 3.02 -40.39
N CYS E 22 -37.03 3.72 -40.25
CA CYS E 22 -36.98 5.00 -39.54
C CYS E 22 -36.73 6.08 -40.57
N ILE E 23 -37.62 7.07 -40.65
CA ILE E 23 -37.38 8.21 -41.52
C ILE E 23 -36.71 9.32 -40.72
N VAL E 24 -35.53 9.72 -41.16
CA VAL E 24 -34.81 10.86 -40.59
C VAL E 24 -35.27 12.10 -41.34
N SER E 25 -35.58 13.17 -40.61
CA SER E 25 -36.03 14.40 -41.24
C SER E 25 -35.45 15.60 -40.49
N GLY E 26 -35.38 16.73 -41.21
CA GLY E 26 -34.75 17.92 -40.68
C GLY E 26 -33.24 17.93 -40.77
N GLY E 27 -32.64 16.91 -41.38
CA GLY E 27 -31.20 16.86 -41.55
C GLY E 27 -30.85 15.57 -42.26
N SER E 28 -29.61 15.49 -42.71
CA SER E 28 -29.20 14.35 -43.51
C SER E 28 -28.75 13.18 -42.64
N ILE E 29 -29.15 11.98 -43.04
CA ILE E 29 -28.62 10.75 -42.45
C ILE E 29 -27.13 10.58 -42.73
N SER E 30 -26.60 11.24 -43.77
CA SER E 30 -25.20 11.13 -44.13
C SER E 30 -24.33 12.01 -43.22
N SER E 31 -24.42 11.71 -41.92
CA SER E 31 -23.71 12.44 -40.90
C SER E 31 -22.42 11.71 -40.56
N SER E 32 -21.29 12.42 -40.65
CA SER E 32 -20.03 11.74 -40.41
C SER E 32 -19.79 11.44 -38.94
N ASP E 33 -20.44 12.15 -38.01
CA ASP E 33 -20.15 12.00 -36.59
C ASP E 33 -21.19 11.20 -35.82
N TYR E 34 -22.11 10.54 -36.51
CA TYR E 34 -23.19 9.82 -35.84
C TYR E 34 -23.48 8.55 -36.62
N PHE E 35 -24.09 7.58 -35.96
CA PHE E 35 -24.67 6.45 -36.67
C PHE E 35 -26.05 6.20 -36.08
N TRP E 36 -26.75 5.21 -36.63
CA TRP E 36 -28.19 5.11 -36.50
C TRP E 36 -28.55 3.72 -36.01
N GLY E 37 -29.24 3.66 -34.87
CA GLY E 37 -29.42 2.41 -34.16
C GLY E 37 -30.87 2.11 -33.86
N TRP E 38 -31.12 0.83 -33.61
CA TRP E 38 -32.41 0.29 -33.24
C TRP E 38 -32.32 -0.28 -31.82
N ILE E 39 -33.23 0.15 -30.97
CA ILE E 39 -33.36 -0.34 -29.60
C ILE E 39 -34.79 -0.80 -29.41
N ARG E 40 -34.98 -1.94 -28.78
CA ARG E 40 -36.31 -2.45 -28.53
C ARG E 40 -36.54 -2.67 -27.04
N GLN E 41 -37.79 -2.86 -26.70
CA GLN E 41 -38.20 -2.96 -25.29
C GLN E 41 -39.45 -3.83 -25.24
N PRO E 42 -39.32 -5.08 -24.85
CA PRO E 42 -40.50 -5.95 -24.73
C PRO E 42 -41.38 -5.49 -23.58
N PRO E 43 -42.66 -5.86 -23.60
CA PRO E 43 -43.59 -5.39 -22.55
C PRO E 43 -43.09 -5.72 -21.15
N GLY E 44 -42.96 -4.70 -20.30
CA GLY E 44 -42.52 -4.91 -18.94
C GLY E 44 -41.03 -5.07 -18.74
N LYS E 45 -40.24 -5.11 -19.82
CA LYS E 45 -38.82 -5.37 -19.74
C LYS E 45 -38.04 -4.08 -20.01
N GLY E 46 -36.70 -4.20 -19.94
CA GLY E 46 -35.82 -3.07 -20.15
C GLY E 46 -35.44 -2.88 -21.61
N LEU E 47 -34.51 -1.94 -21.82
CA LEU E 47 -34.04 -1.58 -23.15
C LEU E 47 -32.99 -2.54 -23.66
N GLU E 48 -33.12 -2.94 -24.92
CA GLU E 48 -32.18 -3.85 -25.54
C GLU E 48 -31.73 -3.27 -26.87
N TRP E 49 -30.41 -3.12 -27.03
CA TRP E 49 -29.84 -2.62 -28.27
C TRP E 49 -29.79 -3.74 -29.29
N ILE E 50 -30.25 -3.46 -30.51
CA ILE E 50 -30.25 -4.45 -31.58
C ILE E 50 -29.02 -4.25 -32.47
N GLY E 51 -28.83 -3.04 -32.97
CA GLY E 51 -27.69 -2.77 -33.80
C GLY E 51 -27.70 -1.33 -34.27
N SER E 52 -26.55 -0.91 -34.81
CA SER E 52 -26.38 0.44 -35.30
C SER E 52 -25.63 0.40 -36.63
N ILE E 53 -25.93 1.36 -37.50
CA ILE E 53 -25.37 1.38 -38.84
C ILE E 53 -24.91 2.80 -39.17
N TYR E 54 -23.74 2.89 -39.78
CA TYR E 54 -23.17 4.14 -40.23
C TYR E 54 -23.63 4.40 -41.67
N TYR E 55 -23.75 5.69 -42.03
CA TYR E 55 -24.32 6.03 -43.33
C TYR E 55 -23.55 5.36 -44.47
N SER E 56 -22.26 5.09 -44.27
CA SER E 56 -21.45 4.43 -45.28
C SER E 56 -21.78 2.95 -45.43
N GLY E 57 -22.53 2.38 -44.49
CA GLY E 57 -22.96 0.99 -44.56
C GLY E 57 -22.42 0.10 -43.46
N SER E 58 -21.42 0.54 -42.71
CA SER E 58 -20.82 -0.31 -41.68
C SER E 58 -21.81 -0.57 -40.56
N THR E 59 -21.95 -1.84 -40.20
CA THR E 59 -22.95 -2.26 -39.23
C THR E 59 -22.28 -2.71 -37.93
N TYR E 60 -23.01 -2.53 -36.83
CA TYR E 60 -22.57 -2.93 -35.48
C TYR E 60 -23.75 -3.62 -34.82
N TYR E 61 -23.62 -4.92 -34.54
CA TYR E 61 -24.76 -5.68 -34.05
C TYR E 61 -24.57 -6.12 -32.61
N ASN E 62 -25.68 -6.25 -31.91
CA ASN E 62 -25.72 -6.97 -30.66
C ASN E 62 -25.35 -8.44 -30.90
N PRO E 63 -24.37 -8.99 -30.19
CA PRO E 63 -23.98 -10.37 -30.45
C PRO E 63 -25.08 -11.38 -30.23
N SER E 64 -26.03 -11.11 -29.34
CA SER E 64 -27.08 -12.09 -29.08
C SER E 64 -28.03 -12.23 -30.25
N LEU E 65 -28.17 -11.17 -31.05
CA LEU E 65 -29.11 -11.15 -32.16
C LEU E 65 -28.46 -11.12 -33.53
N LYS E 66 -27.13 -11.05 -33.60
CA LYS E 66 -26.47 -10.88 -34.89
C LYS E 66 -26.89 -11.95 -35.88
N SER E 67 -27.21 -13.15 -35.41
CA SER E 67 -27.51 -14.23 -36.34
C SER E 67 -28.89 -14.11 -36.99
N ARG E 68 -29.74 -13.18 -36.55
CA ARG E 68 -31.05 -13.10 -37.21
C ARG E 68 -31.55 -11.67 -37.40
N VAL E 69 -30.68 -10.67 -37.29
CA VAL E 69 -31.06 -9.30 -37.61
C VAL E 69 -30.08 -8.72 -38.60
N THR E 70 -30.56 -7.73 -39.35
CA THR E 70 -29.75 -7.03 -40.32
C THR E 70 -30.26 -5.60 -40.41
N THR E 71 -29.35 -4.66 -40.68
CA THR E 71 -29.73 -3.26 -40.85
C THR E 71 -29.21 -2.76 -42.18
N SER E 72 -29.96 -1.83 -42.78
CA SER E 72 -29.57 -1.16 -44.01
C SER E 72 -29.74 0.33 -43.84
N VAL E 73 -29.15 1.08 -44.77
CA VAL E 73 -29.28 2.53 -44.80
C VAL E 73 -29.47 2.94 -46.26
N ASP E 74 -30.40 3.85 -46.50
CA ASP E 74 -30.65 4.38 -47.84
C ASP E 74 -30.43 5.89 -47.78
N THR E 75 -29.26 6.33 -48.26
CA THR E 75 -28.92 7.74 -48.11
C THR E 75 -29.78 8.64 -49.00
N SER E 76 -30.27 8.11 -50.13
CA SER E 76 -31.10 8.93 -51.01
C SER E 76 -32.45 9.23 -50.37
N LYS E 77 -33.04 8.24 -49.69
CA LYS E 77 -34.33 8.45 -49.05
C LYS E 77 -34.22 9.01 -47.64
N ASN E 78 -33.00 9.16 -47.12
CA ASN E 78 -32.76 9.65 -45.77
C ASN E 78 -33.42 8.78 -44.72
N GLN E 79 -33.26 7.47 -44.86
CA GLN E 79 -33.78 6.52 -43.89
C GLN E 79 -32.83 5.35 -43.71
N PHE E 80 -32.96 4.68 -42.57
CA PHE E 80 -32.35 3.39 -42.32
C PHE E 80 -33.44 2.44 -41.86
N SER E 81 -33.13 1.14 -41.88
CA SER E 81 -34.16 0.12 -41.72
C SER E 81 -33.61 -1.04 -40.91
N LEU E 82 -34.54 -1.90 -40.49
CA LEU E 82 -34.21 -3.04 -39.64
C LEU E 82 -35.00 -4.25 -40.10
N LYS E 83 -34.34 -5.40 -40.12
CA LYS E 83 -34.98 -6.66 -40.45
C LYS E 83 -34.66 -7.68 -39.35
N VAL E 84 -35.70 -8.34 -38.84
CA VAL E 84 -35.56 -9.36 -37.81
C VAL E 84 -36.15 -10.64 -38.38
N MET E 85 -35.31 -11.65 -38.56
CA MET E 85 -35.69 -12.87 -39.24
C MET E 85 -36.41 -13.84 -38.29
N SER E 86 -37.34 -14.62 -38.85
CA SER E 86 -38.07 -15.68 -38.15
C SER E 86 -38.54 -15.28 -36.76
N VAL E 87 -39.51 -14.35 -36.66
CA VAL E 87 -39.89 -13.80 -35.37
C VAL E 87 -40.82 -14.75 -34.63
N THR E 88 -40.77 -14.70 -33.30
CA THR E 88 -41.75 -15.35 -32.43
C THR E 88 -42.32 -14.32 -31.46
N ALA E 89 -43.15 -14.76 -30.52
CA ALA E 89 -43.72 -13.84 -29.54
C ALA E 89 -42.63 -13.14 -28.70
N ALA E 90 -41.43 -13.70 -28.64
CA ALA E 90 -40.33 -13.04 -27.93
C ALA E 90 -39.92 -11.73 -28.59
N ASP E 91 -40.40 -11.44 -29.79
CA ASP E 91 -40.05 -10.25 -30.53
C ASP E 91 -41.12 -9.17 -30.46
N THR E 92 -42.29 -9.49 -29.90
CA THR E 92 -43.26 -8.47 -29.56
C THR E 92 -42.63 -7.45 -28.63
N ALA E 93 -42.54 -6.20 -29.08
CA ALA E 93 -41.85 -5.16 -28.33
C ALA E 93 -42.16 -3.79 -28.93
N MET E 94 -41.83 -2.76 -28.17
CA MET E 94 -41.73 -1.40 -28.69
C MET E 94 -40.37 -1.26 -29.38
N TYR E 95 -40.36 -0.84 -30.63
CA TYR E 95 -39.10 -0.67 -31.36
C TYR E 95 -38.81 0.82 -31.55
N TYR E 96 -37.60 1.21 -31.17
CA TYR E 96 -37.13 2.59 -31.23
C TYR E 96 -35.96 2.70 -32.20
N CYS E 97 -35.93 3.79 -32.96
CA CYS E 97 -34.72 4.21 -33.64
C CYS E 97 -34.12 5.39 -32.89
N ALA E 98 -32.81 5.55 -33.02
CA ALA E 98 -32.12 6.58 -32.25
C ALA E 98 -30.80 6.89 -32.92
N ARG E 99 -30.29 8.10 -32.64
CA ARG E 99 -29.01 8.55 -33.16
C ARG E 99 -27.97 8.61 -32.05
N GLY E 100 -26.80 8.05 -32.30
CA GLY E 100 -25.70 8.09 -31.34
C GLY E 100 -24.41 8.58 -31.98
N GLY E 101 -23.56 9.17 -31.15
CA GLY E 101 -22.27 9.62 -31.63
C GLY E 101 -21.41 8.48 -32.13
N TYR E 102 -20.59 8.78 -33.14
CA TYR E 102 -19.77 7.78 -33.80
C TYR E 102 -18.47 8.41 -34.28
N GLY E 103 -17.34 7.78 -33.95
CA GLY E 103 -16.06 8.19 -34.48
C GLY E 103 -15.21 9.06 -33.57
N GLY E 104 -15.71 9.40 -32.39
CA GLY E 104 -14.92 10.02 -31.38
C GLY E 104 -15.21 11.48 -31.15
N TYR E 105 -15.70 12.18 -32.16
CA TYR E 105 -15.91 13.61 -32.01
C TYR E 105 -17.03 13.92 -31.02
N GLU E 106 -18.19 13.29 -31.22
CA GLU E 106 -19.32 13.46 -30.34
C GLU E 106 -19.39 12.32 -29.33
N SER E 107 -20.12 12.58 -28.25
CA SER E 107 -20.37 11.54 -27.26
C SER E 107 -21.19 10.40 -27.87
N ASP E 108 -20.87 9.17 -27.50
CA ASP E 108 -21.61 8.04 -28.06
C ASP E 108 -22.98 7.85 -27.43
N ALA E 109 -23.46 8.78 -26.60
CA ALA E 109 -24.81 8.67 -26.08
C ALA E 109 -25.82 8.77 -27.22
N TYR E 110 -27.00 8.22 -26.98
CA TYR E 110 -28.09 8.26 -27.95
C TYR E 110 -28.95 9.46 -27.59
N ASP E 111 -28.72 10.58 -28.28
CA ASP E 111 -29.36 11.84 -27.89
C ASP E 111 -30.76 11.99 -28.48
N ILE E 112 -30.97 11.60 -29.73
CA ILE E 112 -32.25 11.82 -30.41
C ILE E 112 -32.93 10.48 -30.63
N TRP E 113 -34.18 10.38 -30.19
CA TRP E 113 -34.94 9.13 -30.28
C TRP E 113 -36.19 9.33 -31.13
N GLY E 114 -36.69 8.24 -31.69
CA GLY E 114 -37.99 8.24 -32.31
C GLY E 114 -39.10 8.18 -31.27
N GLN E 115 -40.31 7.94 -31.73
CA GLN E 115 -41.45 7.80 -30.85
C GLN E 115 -41.67 6.36 -30.39
N GLY E 116 -41.02 5.40 -31.02
CA GLY E 116 -41.33 4.00 -30.80
C GLY E 116 -42.50 3.54 -31.64
N THR E 117 -42.40 2.37 -32.24
CA THR E 117 -43.51 1.73 -32.94
C THR E 117 -43.74 0.37 -32.32
N MET E 118 -45.01 0.01 -32.14
CA MET E 118 -45.35 -1.24 -31.44
C MET E 118 -45.54 -2.38 -32.43
N VAL E 119 -44.80 -3.46 -32.22
CA VAL E 119 -44.90 -4.65 -33.06
C VAL E 119 -45.37 -5.81 -32.20
N THR E 120 -46.46 -6.45 -32.63
CA THR E 120 -46.96 -7.68 -32.02
C THR E 120 -46.81 -8.84 -33.01
N VAL E 121 -46.23 -9.95 -32.55
CA VAL E 121 -46.10 -11.16 -33.32
C VAL E 121 -47.25 -12.09 -32.96
N SER E 122 -48.10 -12.40 -33.93
CA SER E 122 -49.27 -13.23 -33.71
C SER E 122 -49.69 -13.86 -35.02
N SER E 123 -50.32 -15.03 -34.94
CA SER E 123 -50.95 -15.63 -36.10
C SER E 123 -52.33 -15.01 -36.39
N ALA E 124 -52.87 -14.22 -35.47
CA ALA E 124 -54.20 -13.64 -35.66
C ALA E 124 -54.13 -12.50 -36.68
N SER E 125 -55.25 -12.31 -37.39
CA SER E 125 -55.34 -11.23 -38.35
C SER E 125 -55.69 -9.93 -37.63
N THR E 126 -55.36 -8.82 -38.28
CA THR E 126 -55.74 -7.53 -37.72
C THR E 126 -57.25 -7.41 -37.66
N LYS E 127 -57.73 -6.60 -36.72
CA LYS E 127 -59.16 -6.40 -36.56
C LYS E 127 -59.40 -4.99 -36.04
N GLY E 128 -60.15 -4.20 -36.80
CA GLY E 128 -60.49 -2.86 -36.40
C GLY E 128 -61.58 -2.86 -35.35
N PRO E 129 -61.63 -1.80 -34.55
CA PRO E 129 -62.59 -1.77 -33.44
C PRO E 129 -64.00 -1.38 -33.88
N SER E 130 -64.96 -1.73 -33.04
CA SER E 130 -66.30 -1.18 -33.09
C SER E 130 -66.40 -0.11 -32.02
N VAL E 131 -66.94 1.04 -32.37
CA VAL E 131 -66.96 2.20 -31.49
C VAL E 131 -68.39 2.52 -31.11
N PHE E 132 -68.64 2.60 -29.80
CA PHE E 132 -69.97 2.93 -29.32
C PHE E 132 -69.89 4.12 -28.38
N PRO E 133 -70.92 4.96 -28.33
CA PRO E 133 -70.86 6.14 -27.47
C PRO E 133 -71.21 5.80 -26.03
N LEU E 134 -70.60 6.54 -25.12
CA LEU E 134 -70.91 6.47 -23.69
C LEU E 134 -71.60 7.78 -23.34
N ALA E 135 -72.93 7.74 -23.27
CA ALA E 135 -73.72 8.94 -23.21
C ALA E 135 -73.67 9.59 -21.83
N PRO E 136 -73.69 10.92 -21.77
CA PRO E 136 -73.79 11.61 -20.48
C PRO E 136 -75.17 11.43 -19.87
N SER E 137 -75.23 11.60 -18.55
CA SER E 137 -76.48 11.48 -17.81
C SER E 137 -76.83 12.78 -17.08
N SER E 138 -76.95 13.88 -17.85
CA SER E 138 -77.23 15.22 -17.35
C SER E 138 -76.03 15.84 -16.63
N LYS E 139 -75.46 15.10 -15.65
CA LYS E 139 -74.29 15.51 -14.84
C LYS E 139 -73.68 14.22 -14.29
N SER E 140 -72.98 13.49 -15.17
CA SER E 140 -72.35 12.22 -14.78
C SER E 140 -71.30 12.41 -13.69
N THR E 141 -70.63 13.57 -13.67
CA THR E 141 -69.60 13.88 -12.67
C THR E 141 -69.99 15.17 -11.94
N SER E 142 -70.48 15.03 -10.71
CA SER E 142 -70.88 16.13 -9.81
C SER E 142 -72.00 16.91 -10.52
N GLY E 143 -72.07 18.24 -10.32
CA GLY E 143 -73.17 19.02 -10.83
C GLY E 143 -72.82 19.86 -12.05
N GLY E 144 -71.77 20.68 -11.94
CA GLY E 144 -71.39 21.54 -13.03
C GLY E 144 -70.87 20.80 -14.25
N THR E 145 -70.23 19.65 -14.04
CA THR E 145 -69.58 18.91 -15.11
C THR E 145 -70.36 17.62 -15.43
N ALA E 146 -69.89 16.92 -16.45
CA ALA E 146 -70.50 15.68 -16.91
C ALA E 146 -69.46 14.86 -17.66
N ALA E 147 -69.68 13.55 -17.71
CA ALA E 147 -68.72 12.60 -18.27
C ALA E 147 -69.36 11.85 -19.43
N LEU E 148 -68.66 11.85 -20.57
CA LEU E 148 -69.10 11.15 -21.77
C LEU E 148 -67.88 10.49 -22.37
N GLY E 149 -68.11 9.50 -23.23
CA GLY E 149 -66.96 8.79 -23.73
C GLY E 149 -67.26 7.93 -24.92
N CYS E 150 -66.23 7.18 -25.32
CA CYS E 150 -66.27 6.26 -26.46
C CYS E 150 -65.74 4.91 -26.01
N LEU E 151 -66.51 3.87 -26.25
CA LEU E 151 -66.07 2.50 -26.01
C LEU E 151 -65.47 1.96 -27.29
N VAL E 152 -64.16 1.74 -27.29
CA VAL E 152 -63.43 1.23 -28.45
C VAL E 152 -63.25 -0.26 -28.23
N LYS E 153 -64.09 -1.05 -28.88
CA LYS E 153 -64.36 -2.44 -28.51
C LYS E 153 -63.75 -3.40 -29.53
N ASP E 154 -63.01 -4.39 -29.03
CA ASP E 154 -62.68 -5.60 -29.78
C ASP E 154 -61.81 -5.32 -31.02
N TYR E 155 -60.62 -4.79 -30.78
CA TYR E 155 -59.63 -4.56 -31.84
C TYR E 155 -58.35 -5.33 -31.54
N PHE E 156 -57.49 -5.45 -32.57
CA PHE E 156 -56.22 -6.15 -32.49
C PHE E 156 -55.33 -5.77 -33.68
N PRO E 157 -54.05 -5.47 -33.45
CA PRO E 157 -53.35 -5.37 -32.16
C PRO E 157 -53.34 -3.95 -31.60
N GLU E 158 -52.52 -3.72 -30.58
CA GLU E 158 -52.29 -2.38 -30.07
C GLU E 158 -51.45 -1.58 -31.07
N PRO E 159 -51.60 -0.24 -31.08
CA PRO E 159 -52.51 0.57 -30.27
C PRO E 159 -53.64 1.19 -31.07
N VAL E 160 -54.61 1.78 -30.37
CA VAL E 160 -55.51 2.76 -30.95
C VAL E 160 -55.19 4.10 -30.32
N THR E 161 -55.38 5.17 -31.08
CA THR E 161 -55.31 6.52 -30.55
C THR E 161 -56.70 7.14 -30.65
N VAL E 162 -57.03 7.96 -29.65
CA VAL E 162 -58.34 8.60 -29.59
C VAL E 162 -58.14 10.09 -29.37
N SER E 163 -58.79 10.90 -30.20
CA SER E 163 -58.88 12.33 -29.99
C SER E 163 -60.35 12.74 -29.98
N TRP E 164 -60.61 13.96 -29.55
CA TRP E 164 -61.96 14.47 -29.43
C TRP E 164 -62.12 15.75 -30.24
N ASN E 165 -63.19 15.83 -31.04
CA ASN E 165 -63.48 16.99 -31.87
C ASN E 165 -62.28 17.36 -32.73
N SER E 166 -61.64 16.35 -33.31
CA SER E 166 -60.49 16.53 -34.21
C SER E 166 -59.37 17.31 -33.51
N GLY E 167 -59.22 17.10 -32.21
CA GLY E 167 -58.17 17.75 -31.46
C GLY E 167 -58.56 19.08 -30.84
N ALA E 168 -59.73 19.61 -31.17
CA ALA E 168 -60.16 20.87 -30.58
C ALA E 168 -60.48 20.72 -29.10
N LEU E 169 -60.68 19.50 -28.62
CA LEU E 169 -61.00 19.24 -27.23
C LEU E 169 -59.84 18.47 -26.61
N THR E 170 -59.09 19.12 -25.73
CA THR E 170 -58.03 18.44 -25.01
C THR E 170 -58.16 18.48 -23.50
N SER E 171 -58.88 19.45 -22.94
CA SER E 171 -59.02 19.51 -21.48
C SER E 171 -59.92 18.40 -20.97
N GLY E 172 -59.53 17.78 -19.86
CA GLY E 172 -60.36 16.79 -19.23
C GLY E 172 -60.49 15.49 -19.98
N VAL E 173 -59.57 15.18 -20.90
CA VAL E 173 -59.62 13.94 -21.65
C VAL E 173 -58.75 12.91 -20.97
N HIS E 174 -59.29 11.70 -20.81
CA HIS E 174 -58.58 10.59 -20.17
C HIS E 174 -58.86 9.36 -21.02
N THR E 175 -57.88 8.93 -21.80
CA THR E 175 -57.98 7.66 -22.52
C THR E 175 -57.36 6.58 -21.65
N PHE E 176 -58.12 5.54 -21.38
CA PHE E 176 -57.66 4.53 -20.44
C PHE E 176 -56.86 3.44 -21.15
N PRO E 177 -55.85 2.88 -20.49
CA PRO E 177 -55.17 1.70 -21.03
C PRO E 177 -56.16 0.59 -21.35
N ALA E 178 -55.88 -0.13 -22.44
CA ALA E 178 -56.79 -1.17 -22.90
C ALA E 178 -56.77 -2.38 -21.96
N VAL E 179 -57.86 -3.14 -22.00
CA VAL E 179 -57.92 -4.45 -21.35
C VAL E 179 -57.70 -5.51 -22.42
N LEU E 180 -56.91 -6.53 -22.07
CA LEU E 180 -56.71 -7.69 -22.93
C LEU E 180 -57.74 -8.75 -22.53
N GLN E 181 -58.70 -9.00 -23.42
CA GLN E 181 -59.71 -10.01 -23.15
C GLN E 181 -59.15 -11.41 -23.41
N SER E 182 -59.84 -12.41 -22.88
CA SER E 182 -59.36 -13.78 -23.04
C SER E 182 -59.42 -14.23 -24.50
N SER E 183 -60.15 -13.52 -25.35
CA SER E 183 -60.16 -13.81 -26.78
C SER E 183 -58.91 -13.32 -27.50
N GLY E 184 -58.05 -12.56 -26.82
CA GLY E 184 -56.93 -11.92 -27.47
C GLY E 184 -57.22 -10.55 -28.04
N LEU E 185 -58.49 -10.17 -28.16
CA LEU E 185 -58.87 -8.83 -28.60
C LEU E 185 -58.70 -7.82 -27.48
N TYR E 186 -58.49 -6.56 -27.88
CA TYR E 186 -58.30 -5.45 -26.96
C TYR E 186 -59.57 -4.61 -26.89
N SER E 187 -59.67 -3.82 -25.82
CA SER E 187 -60.77 -2.88 -25.68
C SER E 187 -60.32 -1.76 -24.74
N LEU E 188 -60.70 -0.53 -25.04
CA LEU E 188 -60.45 0.58 -24.13
C LEU E 188 -61.61 1.55 -24.16
N SER E 189 -61.55 2.52 -23.24
CA SER E 189 -62.52 3.60 -23.15
C SER E 189 -61.78 4.93 -23.07
N SER E 190 -62.28 5.91 -23.80
CA SER E 190 -61.83 7.29 -23.67
C SER E 190 -62.98 8.10 -23.09
N VAL E 191 -62.72 8.82 -22.01
CA VAL E 191 -63.75 9.63 -21.35
C VAL E 191 -63.23 11.05 -21.24
N VAL E 192 -64.16 12.00 -21.36
CA VAL E 192 -63.84 13.42 -21.27
C VAL E 192 -64.87 14.09 -20.37
N THR E 193 -64.40 14.95 -19.48
CA THR E 193 -65.25 15.72 -18.58
C THR E 193 -65.51 17.09 -19.21
N VAL E 194 -66.79 17.41 -19.40
CA VAL E 194 -67.21 18.68 -19.98
C VAL E 194 -68.22 19.33 -19.05
N PRO E 195 -68.44 20.63 -19.17
CA PRO E 195 -69.47 21.29 -18.36
C PRO E 195 -70.87 20.85 -18.78
N SER E 196 -71.74 20.71 -17.78
CA SER E 196 -73.10 20.23 -18.02
C SER E 196 -73.89 21.21 -18.88
N SER E 197 -73.68 22.52 -18.67
CA SER E 197 -74.39 23.53 -19.43
C SER E 197 -74.15 23.44 -20.94
N SER E 198 -73.15 22.68 -21.37
CA SER E 198 -72.79 22.59 -22.79
C SER E 198 -73.37 21.37 -23.48
N LEU E 199 -74.02 20.46 -22.76
CA LEU E 199 -74.48 19.20 -23.35
C LEU E 199 -75.51 19.38 -24.46
N GLY E 200 -76.11 20.56 -24.57
CA GLY E 200 -77.11 20.77 -25.60
C GLY E 200 -76.69 21.78 -26.65
N THR E 201 -75.49 22.34 -26.51
CA THR E 201 -74.97 23.33 -27.44
C THR E 201 -73.69 22.91 -28.15
N GLN E 202 -72.91 21.99 -27.58
CA GLN E 202 -71.66 21.55 -28.17
C GLN E 202 -71.79 20.10 -28.63
N THR E 203 -71.42 19.83 -29.88
CA THR E 203 -71.38 18.47 -30.38
C THR E 203 -70.06 17.83 -29.99
N TYR E 204 -70.11 16.62 -29.44
CA TYR E 204 -68.94 15.89 -29.01
C TYR E 204 -68.78 14.66 -29.89
N ILE E 205 -67.68 14.60 -30.64
CA ILE E 205 -67.38 13.53 -31.57
C ILE E 205 -66.00 13.01 -31.22
N CYS E 206 -65.91 11.72 -30.94
CA CYS E 206 -64.60 11.13 -30.72
C CYS E 206 -64.07 10.53 -32.02
N ASN E 207 -62.75 10.56 -32.16
CA ASN E 207 -62.06 10.13 -33.37
C ASN E 207 -61.13 9.00 -32.99
N VAL E 208 -61.42 7.80 -33.48
CA VAL E 208 -60.66 6.60 -33.16
C VAL E 208 -59.84 6.22 -34.38
N ASN E 209 -58.54 6.07 -34.18
CA ASN E 209 -57.63 5.67 -35.25
C ASN E 209 -56.93 4.37 -34.83
N HIS E 210 -56.94 3.39 -35.74
CA HIS E 210 -56.30 2.09 -35.53
C HIS E 210 -55.41 1.87 -36.75
N LYS E 211 -54.16 2.30 -36.64
CA LYS E 211 -53.24 2.18 -37.76
C LYS E 211 -53.04 0.75 -38.26
N PRO E 212 -52.92 -0.28 -37.42
CA PRO E 212 -52.64 -1.62 -37.96
C PRO E 212 -53.71 -2.12 -38.92
N SER E 213 -54.98 -1.75 -38.72
CA SER E 213 -56.04 -2.16 -39.61
C SER E 213 -56.45 -1.06 -40.58
N ASN E 214 -55.80 0.11 -40.52
CA ASN E 214 -56.16 1.24 -41.37
C ASN E 214 -57.62 1.64 -41.16
N THR E 215 -58.05 1.62 -39.90
CA THR E 215 -59.41 1.99 -39.51
C THR E 215 -59.40 3.38 -38.89
N LYS E 216 -60.29 4.25 -39.38
CA LYS E 216 -60.53 5.55 -38.77
C LYS E 216 -62.03 5.68 -38.58
N VAL E 217 -62.47 5.91 -37.34
CA VAL E 217 -63.89 5.97 -37.02
C VAL E 217 -64.17 7.23 -36.24
N ASP E 218 -65.26 7.92 -36.59
CA ASP E 218 -65.79 9.03 -35.82
C ASP E 218 -67.14 8.66 -35.22
N LYS E 219 -67.33 8.95 -33.93
CA LYS E 219 -68.59 8.63 -33.26
C LYS E 219 -69.10 9.86 -32.52
N LYS E 220 -70.28 10.34 -32.91
CA LYS E 220 -70.94 11.39 -32.15
C LYS E 220 -71.49 10.82 -30.85
N VAL E 221 -71.32 11.55 -29.76
CA VAL E 221 -71.77 11.12 -28.44
C VAL E 221 -72.83 12.12 -27.98
N GLU E 222 -74.10 11.75 -28.12
CA GLU E 222 -75.16 12.67 -27.75
C GLU E 222 -75.82 12.25 -26.43
N PRO E 223 -76.37 13.21 -25.68
CA PRO E 223 -77.15 12.86 -24.49
C PRO E 223 -78.40 12.09 -24.88
N LYS E 224 -78.56 10.90 -24.31
CA LYS E 224 -79.76 10.09 -24.54
C LYS E 224 -80.99 10.74 -23.89
N SER F 1 -19.48 -10.27 -22.86
CA SER F 1 -20.79 -9.69 -22.55
C SER F 1 -20.73 -8.92 -21.23
N TYR F 2 -20.31 -7.66 -21.35
CA TYR F 2 -20.23 -6.78 -20.20
C TYR F 2 -21.60 -6.62 -19.56
N VAL F 3 -21.63 -6.70 -18.23
CA VAL F 3 -22.87 -6.69 -17.47
C VAL F 3 -22.93 -5.41 -16.64
N LEU F 4 -24.05 -4.69 -16.73
CA LEU F 4 -24.33 -3.54 -15.90
C LEU F 4 -25.36 -3.93 -14.84
N THR F 5 -25.15 -3.48 -13.60
CA THR F 5 -26.00 -3.84 -12.48
C THR F 5 -26.63 -2.59 -11.86
N GLN F 6 -27.96 -2.47 -12.01
CA GLN F 6 -28.77 -1.41 -11.40
C GLN F 6 -29.70 -1.99 -10.34
N PRO F 7 -29.94 -1.27 -9.24
CA PRO F 7 -30.99 -1.67 -8.30
C PRO F 7 -32.35 -1.65 -8.98
N PRO F 8 -33.25 -2.55 -8.62
CA PRO F 8 -34.57 -2.58 -9.29
C PRO F 8 -35.39 -1.33 -9.05
N SER F 9 -35.26 -0.69 -7.90
CA SER F 9 -36.09 0.46 -7.57
C SER F 9 -35.42 1.29 -6.49
N VAL F 10 -35.97 2.48 -6.28
CA VAL F 10 -35.54 3.38 -5.21
C VAL F 10 -36.70 4.35 -4.95
N SER F 11 -36.98 4.58 -3.67
CA SER F 11 -38.02 5.51 -3.26
C SER F 11 -37.38 6.73 -2.62
N VAL F 12 -38.09 7.85 -2.69
CA VAL F 12 -37.59 9.12 -2.17
C VAL F 12 -38.78 9.99 -1.81
N ALA F 13 -38.66 10.76 -0.74
CA ALA F 13 -39.69 11.75 -0.43
C ALA F 13 -39.44 13.00 -1.26
N PRO F 14 -40.48 13.79 -1.52
CA PRO F 14 -40.29 15.03 -2.29
C PRO F 14 -39.31 15.96 -1.59
N GLY F 15 -38.35 16.47 -2.35
CA GLY F 15 -37.35 17.36 -1.82
C GLY F 15 -36.07 16.68 -1.37
N GLN F 16 -36.12 15.38 -1.11
CA GLN F 16 -34.92 14.64 -0.73
C GLN F 16 -34.08 14.36 -1.98
N THR F 17 -32.94 13.70 -1.78
CA THR F 17 -32.02 13.39 -2.86
C THR F 17 -32.11 11.91 -3.16
N ALA F 18 -32.23 11.57 -4.44
CA ALA F 18 -32.23 10.18 -4.87
C ALA F 18 -30.90 9.86 -5.52
N LYS F 19 -30.47 8.63 -5.35
CA LYS F 19 -29.25 8.13 -5.94
C LYS F 19 -29.55 6.79 -6.59
N ILE F 20 -29.11 6.62 -7.83
CA ILE F 20 -29.29 5.39 -8.58
C ILE F 20 -27.90 4.96 -9.04
N THR F 21 -27.48 3.78 -8.63
CA THR F 21 -26.16 3.29 -9.00
C THR F 21 -26.21 2.38 -10.22
N CYS F 22 -25.09 2.34 -10.93
CA CYS F 22 -24.89 1.42 -12.04
C CYS F 22 -23.54 0.75 -11.80
N GLY F 23 -23.56 -0.54 -11.55
CA GLY F 23 -22.35 -1.28 -11.28
C GLY F 23 -21.81 -1.97 -12.52
N GLY F 24 -20.50 -1.96 -12.66
CA GLY F 24 -19.84 -2.70 -13.71
C GLY F 24 -18.36 -2.78 -13.41
N ASN F 25 -17.73 -3.80 -13.97
CA ASN F 25 -16.31 -3.98 -13.70
C ASN F 25 -15.53 -2.87 -14.37
N ASN F 26 -14.78 -2.11 -13.57
CA ASN F 26 -14.01 -0.97 -14.07
C ASN F 26 -14.86 -0.07 -14.97
N ILE F 27 -16.10 0.19 -14.51
CA ILE F 27 -16.98 1.05 -15.29
C ILE F 27 -16.42 2.47 -15.35
N GLY F 28 -15.59 2.87 -14.38
CA GLY F 28 -14.96 4.19 -14.45
C GLY F 28 -14.17 4.41 -15.72
N GLY F 29 -13.72 3.33 -16.36
CA GLY F 29 -13.04 3.44 -17.62
C GLY F 29 -13.94 3.66 -18.80
N LYS F 30 -15.25 3.63 -18.61
CA LYS F 30 -16.20 3.81 -19.69
C LYS F 30 -16.97 5.12 -19.50
N SER F 31 -17.55 5.59 -20.60
CA SER F 31 -18.46 6.73 -20.57
C SER F 31 -19.87 6.24 -20.30
N VAL F 32 -20.45 6.66 -19.19
CA VAL F 32 -21.77 6.19 -18.77
C VAL F 32 -22.79 7.27 -19.11
N HIS F 33 -23.90 6.85 -19.70
CA HIS F 33 -25.00 7.74 -20.02
C HIS F 33 -26.24 7.26 -19.28
N TRP F 34 -27.15 8.21 -19.01
CA TRP F 34 -28.36 7.91 -18.25
C TRP F 34 -29.56 8.37 -19.06
N TYR F 35 -30.58 7.53 -19.11
CA TYR F 35 -31.82 7.83 -19.80
C TYR F 35 -32.98 7.75 -18.83
N GLN F 36 -33.88 8.71 -18.91
CA GLN F 36 -35.10 8.71 -18.11
C GLN F 36 -36.25 8.31 -19.01
N GLN F 37 -37.14 7.43 -18.52
CA GLN F 37 -38.24 6.96 -19.35
C GLN F 37 -39.52 6.96 -18.53
N LYS F 38 -40.44 7.71 -18.96
CA LYS F 38 -41.72 7.79 -18.28
C LYS F 38 -42.72 6.88 -18.98
N PRO F 39 -43.77 6.43 -18.26
CA PRO F 39 -44.69 5.43 -18.83
C PRO F 39 -45.19 5.76 -20.23
N GLY F 40 -44.90 4.86 -21.18
CA GLY F 40 -45.42 5.00 -22.53
C GLY F 40 -44.68 6.00 -23.40
N GLN F 41 -43.47 6.39 -23.02
CA GLN F 41 -42.72 7.41 -23.74
C GLN F 41 -41.36 6.85 -24.10
N ALA F 42 -40.79 7.41 -25.16
CA ALA F 42 -39.43 7.07 -25.52
C ALA F 42 -38.48 7.52 -24.40
N PRO F 43 -37.34 6.85 -24.24
CA PRO F 43 -36.36 7.30 -23.25
C PRO F 43 -35.84 8.68 -23.62
N VAL F 44 -35.31 9.38 -22.62
CA VAL F 44 -34.75 10.72 -22.78
C VAL F 44 -33.37 10.76 -22.13
N LEU F 45 -32.36 11.16 -22.90
CA LEU F 45 -31.02 11.34 -22.36
C LEU F 45 -31.00 12.48 -21.32
N VAL F 46 -30.67 12.16 -20.08
CA VAL F 46 -30.58 13.16 -19.03
C VAL F 46 -29.14 13.45 -18.60
N VAL F 47 -28.25 12.46 -18.66
CA VAL F 47 -26.83 12.66 -18.34
C VAL F 47 -26.00 11.85 -19.32
N TYR F 48 -24.93 12.46 -19.84
CA TYR F 48 -24.02 11.77 -20.75
C TYR F 48 -22.58 12.00 -20.33
N ASP F 49 -21.72 11.03 -20.67
CA ASP F 49 -20.29 11.11 -20.38
C ASP F 49 -20.06 11.23 -18.87
N ASP F 50 -20.78 10.41 -18.10
CA ASP F 50 -20.70 10.33 -16.64
C ASP F 50 -21.41 11.47 -15.94
N SER F 51 -21.23 12.71 -16.42
CA SER F 51 -21.70 13.84 -15.64
C SER F 51 -22.10 15.08 -16.44
N ASP F 52 -22.25 15.01 -17.76
CA ASP F 52 -22.71 16.15 -18.52
C ASP F 52 -24.22 16.07 -18.75
N ARG F 53 -24.84 17.23 -18.84
CA ARG F 53 -26.28 17.28 -19.06
C ARG F 53 -26.58 17.86 -20.43
N PRO F 54 -27.44 17.22 -21.20
CA PRO F 54 -27.96 17.87 -22.41
C PRO F 54 -28.72 19.14 -22.04
N SER F 55 -28.84 20.04 -23.02
CA SER F 55 -29.65 21.23 -22.84
C SER F 55 -31.07 20.87 -22.39
N GLY F 56 -31.62 21.68 -21.48
CA GLY F 56 -32.96 21.46 -20.98
C GLY F 56 -33.07 20.53 -19.79
N ILE F 57 -31.98 19.86 -19.41
CA ILE F 57 -32.00 18.98 -18.24
C ILE F 57 -31.69 19.83 -17.01
N PRO F 58 -32.53 19.78 -15.96
CA PRO F 58 -32.31 20.65 -14.80
C PRO F 58 -31.02 20.31 -14.06
N GLU F 59 -30.48 21.34 -13.40
CA GLU F 59 -29.24 21.20 -12.64
C GLU F 59 -29.35 20.16 -11.52
N ARG F 60 -30.57 19.84 -11.07
CA ARG F 60 -30.73 18.86 -10.00
C ARG F 60 -30.22 17.48 -10.40
N PHE F 61 -30.12 17.21 -11.69
CA PHE F 61 -29.52 15.96 -12.16
C PHE F 61 -28.00 16.11 -12.22
N SER F 62 -27.29 15.11 -11.76
CA SER F 62 -25.83 15.15 -11.77
C SER F 62 -25.31 13.73 -11.74
N GLY F 63 -24.14 13.52 -12.33
CA GLY F 63 -23.59 12.19 -12.46
C GLY F 63 -22.15 12.12 -12.00
N SER F 64 -21.74 10.90 -11.62
CA SER F 64 -20.36 10.61 -11.29
C SER F 64 -20.06 9.17 -11.68
N ASN F 65 -18.79 8.88 -11.90
CA ASN F 65 -18.40 7.55 -12.35
C ASN F 65 -16.95 7.32 -11.97
N SER F 66 -16.68 6.30 -11.16
CA SER F 66 -15.31 5.90 -10.87
C SER F 66 -15.30 4.49 -10.29
N GLY F 67 -14.13 3.85 -10.35
CA GLY F 67 -14.00 2.48 -9.87
C GLY F 67 -14.97 1.54 -10.59
N ASN F 68 -15.84 0.89 -9.81
CA ASN F 68 -16.81 -0.06 -10.33
C ASN F 68 -18.26 0.43 -10.25
N THR F 69 -18.47 1.70 -9.92
CA THR F 69 -19.84 2.17 -9.79
C THR F 69 -19.97 3.58 -10.35
N ALA F 70 -21.04 3.77 -11.12
CA ALA F 70 -21.48 5.07 -11.59
C ALA F 70 -22.78 5.43 -10.88
N THR F 71 -22.98 6.71 -10.63
CA THR F 71 -24.11 7.13 -9.81
C THR F 71 -24.83 8.29 -10.48
N LEU F 72 -26.15 8.15 -10.61
CA LEU F 72 -27.03 9.25 -10.97
C LEU F 72 -27.62 9.82 -9.68
N THR F 73 -27.49 11.12 -9.50
CA THR F 73 -28.01 11.82 -8.33
C THR F 73 -29.02 12.85 -8.79
N ILE F 74 -30.20 12.84 -8.19
CA ILE F 74 -31.25 13.82 -8.44
C ILE F 74 -31.53 14.54 -7.14
N SER F 75 -31.25 15.82 -7.10
CA SER F 75 -31.49 16.60 -5.90
C SER F 75 -32.89 17.17 -5.92
N ARG F 76 -33.37 17.57 -4.75
CA ARG F 76 -34.66 18.24 -4.56
C ARG F 76 -35.73 17.61 -5.46
N VAL F 77 -35.90 16.30 -5.27
CA VAL F 77 -36.74 15.51 -6.17
C VAL F 77 -38.16 16.02 -6.18
N GLU F 78 -38.74 16.07 -7.38
CA GLU F 78 -40.13 16.47 -7.57
C GLU F 78 -40.94 15.26 -8.05
N ALA F 79 -42.26 15.37 -7.93
CA ALA F 79 -43.14 14.30 -8.38
C ALA F 79 -42.83 13.87 -9.82
N GLY F 80 -42.60 14.85 -10.70
CA GLY F 80 -42.36 14.57 -12.10
C GLY F 80 -41.07 13.81 -12.37
N ASP F 81 -40.23 13.62 -11.36
CA ASP F 81 -39.01 12.83 -11.54
C ASP F 81 -39.29 11.34 -11.49
N GLU F 82 -40.50 10.93 -11.11
CA GLU F 82 -40.83 9.52 -11.03
C GLU F 82 -40.80 8.90 -12.43
N ALA F 83 -39.92 7.93 -12.63
CA ALA F 83 -39.69 7.31 -13.93
C ALA F 83 -38.73 6.14 -13.75
N GLY F 84 -38.52 5.40 -14.84
CA GLY F 84 -37.42 4.46 -14.91
C GLY F 84 -36.16 5.17 -15.40
N TYR F 85 -35.03 4.81 -14.80
CA TYR F 85 -33.74 5.34 -15.19
C TYR F 85 -32.83 4.20 -15.63
N PHE F 86 -32.24 4.35 -16.80
CA PHE F 86 -31.35 3.34 -17.37
C PHE F 86 -29.95 3.92 -17.51
N CYS F 87 -28.95 3.15 -17.08
CA CYS F 87 -27.56 3.44 -17.41
C CYS F 87 -27.18 2.74 -18.70
N GLN F 88 -26.14 3.25 -19.36
CA GLN F 88 -25.77 2.73 -20.66
C GLN F 88 -24.31 3.06 -20.93
N VAL F 89 -23.60 2.08 -21.49
CA VAL F 89 -22.22 2.24 -21.90
C VAL F 89 -22.01 1.56 -23.25
N TRP F 90 -20.98 2.02 -23.96
CA TRP F 90 -20.42 1.28 -25.08
C TRP F 90 -19.30 0.41 -24.53
N ASP F 91 -19.40 -0.89 -24.78
CA ASP F 91 -18.40 -1.86 -24.35
C ASP F 91 -17.39 -2.05 -25.49
N GLY F 92 -16.18 -1.52 -25.30
CA GLY F 92 -15.17 -1.63 -26.34
C GLY F 92 -14.67 -3.05 -26.56
N SER F 93 -14.71 -3.89 -25.53
CA SER F 93 -14.25 -5.26 -25.69
C SER F 93 -15.21 -6.07 -26.56
N GLY F 94 -16.50 -6.07 -26.20
CA GLY F 94 -17.51 -6.78 -26.95
C GLY F 94 -18.09 -6.04 -28.13
N ASP F 95 -17.68 -4.79 -28.37
CA ASP F 95 -18.15 -3.98 -29.50
C ASP F 95 -19.68 -3.90 -29.53
N GLN F 96 -20.28 -3.51 -28.41
CA GLN F 96 -21.73 -3.53 -28.26
C GLN F 96 -22.20 -2.44 -27.30
N VAL F 97 -23.47 -2.09 -27.43
CA VAL F 97 -24.15 -1.21 -26.49
C VAL F 97 -24.72 -2.08 -25.37
N VAL F 98 -24.53 -1.63 -24.13
CA VAL F 98 -25.07 -2.34 -22.97
C VAL F 98 -25.92 -1.37 -22.16
N PHE F 99 -27.15 -1.76 -21.89
CA PHE F 99 -28.06 -1.03 -21.02
C PHE F 99 -28.16 -1.74 -19.69
N GLY F 100 -28.16 -0.97 -18.60
CA GLY F 100 -28.55 -1.53 -17.33
C GLY F 100 -30.00 -1.97 -17.35
N GLY F 101 -30.38 -2.78 -16.35
CA GLY F 101 -31.75 -3.28 -16.32
C GLY F 101 -32.79 -2.23 -15.97
N GLY F 102 -32.37 -1.04 -15.58
CA GLY F 102 -33.31 0.01 -15.22
C GLY F 102 -33.66 0.06 -13.75
N THR F 103 -33.86 1.27 -13.23
CA THR F 103 -34.25 1.51 -11.86
C THR F 103 -35.54 2.31 -11.84
N LYS F 104 -36.59 1.75 -11.23
CA LYS F 104 -37.86 2.46 -11.05
C LYS F 104 -37.75 3.40 -9.85
N LEU F 105 -37.70 4.70 -10.11
CA LEU F 105 -37.75 5.70 -9.05
C LEU F 105 -39.20 6.09 -8.79
N THR F 106 -39.64 5.92 -7.55
CA THR F 106 -40.93 6.43 -7.12
C THR F 106 -40.76 7.54 -6.10
N VAL F 107 -41.61 8.55 -6.19
CA VAL F 107 -41.62 9.67 -5.28
C VAL F 107 -42.82 9.52 -4.37
N LEU F 108 -42.58 9.65 -3.06
CA LEU F 108 -43.62 9.40 -2.08
C LEU F 108 -44.81 10.35 -2.27
N GLN F 109 -46.00 9.79 -2.15
CA GLN F 109 -47.23 10.41 -2.60
C GLN F 109 -48.29 10.27 -1.52
N PRO F 110 -49.17 11.26 -1.36
CA PRO F 110 -50.28 11.10 -0.41
C PRO F 110 -51.28 10.08 -0.94
N LYS F 111 -52.01 9.48 0.00
CA LYS F 111 -53.10 8.59 -0.37
C LYS F 111 -54.19 9.36 -1.12
N ALA F 112 -54.78 8.72 -2.14
CA ALA F 112 -55.78 9.38 -2.98
C ALA F 112 -56.94 8.43 -3.26
N ALA F 113 -58.17 8.91 -3.04
CA ALA F 113 -59.37 8.13 -3.27
C ALA F 113 -59.69 8.06 -4.76
N PRO F 114 -60.27 6.95 -5.21
CA PRO F 114 -60.57 6.81 -6.63
C PRO F 114 -61.79 7.61 -7.05
N SER F 115 -61.77 8.07 -8.30
CA SER F 115 -62.96 8.53 -9.00
C SER F 115 -63.50 7.38 -9.83
N VAL F 116 -64.80 7.12 -9.70
CA VAL F 116 -65.45 6.01 -10.39
C VAL F 116 -66.58 6.55 -11.24
N THR F 117 -66.59 6.17 -12.52
CA THR F 117 -67.70 6.45 -13.42
C THR F 117 -68.16 5.14 -14.02
N LEU F 118 -69.47 4.92 -14.05
CA LEU F 118 -70.06 3.68 -14.55
C LEU F 118 -71.00 4.00 -15.70
N PHE F 119 -70.77 3.39 -16.86
CA PHE F 119 -71.58 3.65 -18.04
C PHE F 119 -72.41 2.43 -18.35
N PRO F 120 -73.70 2.60 -18.65
CA PRO F 120 -74.53 1.49 -19.10
C PRO F 120 -74.27 1.17 -20.56
N PRO F 121 -74.82 0.07 -21.08
CA PRO F 121 -74.66 -0.21 -22.51
C PRO F 121 -75.35 0.84 -23.37
N SER F 122 -74.77 1.10 -24.54
CA SER F 122 -75.38 2.05 -25.46
C SER F 122 -76.50 1.38 -26.25
N SER F 123 -77.41 2.22 -26.78
CA SER F 123 -78.48 1.72 -27.63
C SER F 123 -77.92 1.02 -28.86
N GLU F 124 -76.78 1.48 -29.37
CA GLU F 124 -76.24 0.92 -30.60
C GLU F 124 -75.67 -0.47 -30.35
N GLU F 125 -74.97 -0.66 -29.22
CA GLU F 125 -74.54 -2.00 -28.84
C GLU F 125 -75.74 -2.91 -28.58
N LEU F 126 -76.73 -2.41 -27.84
CA LEU F 126 -77.94 -3.19 -27.62
C LEU F 126 -78.59 -3.58 -28.94
N GLN F 127 -78.56 -2.68 -29.93
CA GLN F 127 -79.09 -3.00 -31.25
C GLN F 127 -78.21 -3.99 -32.01
N ALA F 128 -76.97 -4.19 -31.57
CA ALA F 128 -76.07 -5.17 -32.18
C ALA F 128 -76.07 -6.50 -31.43
N ASN F 129 -77.08 -6.73 -30.57
CA ASN F 129 -77.24 -7.97 -29.81
C ASN F 129 -76.09 -8.19 -28.84
N LYS F 130 -75.60 -7.09 -28.24
CA LYS F 130 -74.52 -7.16 -27.26
C LYS F 130 -74.71 -6.06 -26.22
N ALA F 131 -74.03 -6.21 -25.09
CA ALA F 131 -74.21 -5.30 -23.97
C ALA F 131 -72.96 -5.32 -23.09
N THR F 132 -72.46 -4.14 -22.76
CA THR F 132 -71.23 -4.00 -22.00
C THR F 132 -71.41 -2.92 -20.96
N LEU F 133 -71.06 -3.23 -19.71
CA LEU F 133 -70.97 -2.22 -18.66
C LEU F 133 -69.50 -1.83 -18.51
N VAL F 134 -69.26 -0.54 -18.32
CA VAL F 134 -67.91 0.01 -18.29
C VAL F 134 -67.73 0.76 -16.98
N CYS F 135 -66.78 0.29 -16.16
CA CYS F 135 -66.43 0.93 -14.89
C CYS F 135 -65.04 1.52 -14.99
N LEU F 136 -64.96 2.85 -14.96
CA LEU F 136 -63.69 3.56 -15.09
C LEU F 136 -63.27 4.11 -13.73
N ILE F 137 -62.07 3.72 -13.29
CA ILE F 137 -61.52 4.11 -11.99
C ILE F 137 -60.24 4.90 -12.23
N SER F 138 -60.13 6.06 -11.59
CA SER F 138 -58.96 6.90 -11.84
C SER F 138 -58.59 7.71 -10.61
N ASP F 139 -57.32 8.14 -10.59
CA ASP F 139 -56.80 9.11 -9.62
C ASP F 139 -56.66 8.54 -8.22
N PHE F 140 -56.24 7.29 -8.11
CA PHE F 140 -56.10 6.65 -6.81
C PHE F 140 -54.65 6.25 -6.54
N TYR F 141 -54.24 6.38 -5.28
CA TYR F 141 -52.93 5.94 -4.84
C TYR F 141 -53.13 5.36 -3.45
N PRO F 142 -52.58 4.16 -3.16
CA PRO F 142 -51.74 3.30 -4.00
C PRO F 142 -52.50 2.56 -5.12
N GLY F 143 -51.77 1.91 -6.02
CA GLY F 143 -52.37 1.25 -7.17
C GLY F 143 -52.90 -0.15 -6.88
N ALA F 144 -53.89 -0.24 -6.00
CA ALA F 144 -54.53 -1.51 -5.69
C ALA F 144 -55.99 -1.24 -5.37
N VAL F 145 -56.88 -1.64 -6.27
CA VAL F 145 -58.32 -1.52 -6.06
C VAL F 145 -58.93 -2.90 -6.16
N THR F 146 -59.93 -3.16 -5.31
CA THR F 146 -60.82 -4.29 -5.49
C THR F 146 -62.03 -3.83 -6.29
N VAL F 147 -62.35 -4.55 -7.36
CA VAL F 147 -63.53 -4.26 -8.17
C VAL F 147 -64.51 -5.41 -8.03
N ALA F 148 -65.78 -5.10 -7.80
CA ALA F 148 -66.82 -6.10 -7.60
C ALA F 148 -68.05 -5.68 -8.40
N TRP F 149 -68.55 -6.58 -9.23
CA TRP F 149 -69.76 -6.34 -10.00
C TRP F 149 -70.95 -7.01 -9.31
N LYS F 150 -72.10 -6.34 -9.38
CA LYS F 150 -73.30 -6.83 -8.73
C LYS F 150 -74.47 -6.68 -9.68
N ALA F 151 -75.21 -7.78 -9.89
CA ALA F 151 -76.49 -7.74 -10.57
C ALA F 151 -77.56 -7.67 -9.50
N ASP F 152 -78.38 -6.62 -9.53
CA ASP F 152 -79.18 -6.24 -8.36
C ASP F 152 -78.25 -6.16 -7.15
N SER F 153 -78.49 -7.02 -6.16
CA SER F 153 -77.58 -7.13 -5.02
C SER F 153 -76.68 -8.36 -5.08
N SER F 154 -76.94 -9.29 -6.00
CA SER F 154 -76.19 -10.54 -6.02
C SER F 154 -74.89 -10.39 -6.82
N PRO F 155 -73.84 -11.09 -6.39
CA PRO F 155 -72.54 -10.96 -7.07
C PRO F 155 -72.55 -11.60 -8.45
N VAL F 156 -71.93 -10.91 -9.39
CA VAL F 156 -71.73 -11.46 -10.73
C VAL F 156 -70.56 -12.44 -10.70
N LYS F 157 -70.72 -13.56 -11.40
CA LYS F 157 -69.66 -14.57 -11.41
C LYS F 157 -69.24 -14.95 -12.83
N ALA F 158 -69.42 -14.05 -13.79
CA ALA F 158 -69.07 -14.36 -15.17
C ALA F 158 -69.05 -13.07 -15.98
N GLY F 159 -68.29 -13.12 -17.08
CA GLY F 159 -68.26 -12.03 -18.04
C GLY F 159 -67.60 -10.75 -17.57
N VAL F 160 -66.54 -10.85 -16.78
CA VAL F 160 -65.85 -9.68 -16.23
C VAL F 160 -64.40 -9.69 -16.70
N GLU F 161 -63.92 -8.50 -17.10
CA GLU F 161 -62.51 -8.28 -17.41
C GLU F 161 -62.07 -7.01 -16.70
N THR F 162 -60.88 -7.05 -16.11
CA THR F 162 -60.37 -5.93 -15.32
C THR F 162 -58.89 -5.75 -15.55
N THR F 163 -58.47 -4.51 -15.81
CA THR F 163 -57.08 -4.20 -16.04
C THR F 163 -56.30 -4.17 -14.73
N THR F 164 -54.99 -4.41 -14.85
CA THR F 164 -54.09 -4.11 -13.75
C THR F 164 -53.98 -2.59 -13.60
N PRO F 165 -54.00 -2.06 -12.38
CA PRO F 165 -53.88 -0.61 -12.20
C PRO F 165 -52.56 -0.10 -12.77
N SER F 166 -52.65 0.82 -13.72
CA SER F 166 -51.48 1.39 -14.36
C SER F 166 -51.36 2.86 -13.99
N LYS F 167 -50.13 3.36 -14.03
CA LYS F 167 -49.80 4.71 -13.57
C LYS F 167 -50.23 5.73 -14.63
N GLN F 168 -51.08 6.68 -14.24
CA GLN F 168 -51.44 7.81 -15.08
C GLN F 168 -50.24 8.74 -15.26
N SER F 169 -50.46 9.83 -15.99
CA SER F 169 -49.40 10.82 -16.18
C SER F 169 -49.08 11.58 -14.89
N ASN F 170 -50.08 11.80 -14.03
CA ASN F 170 -49.87 12.51 -12.78
C ASN F 170 -49.35 11.60 -11.66
N ASN F 171 -48.98 10.35 -11.99
CA ASN F 171 -48.44 9.34 -11.09
C ASN F 171 -49.48 8.77 -10.12
N LYS F 172 -50.75 9.17 -10.23
CA LYS F 172 -51.81 8.37 -9.64
C LYS F 172 -52.13 7.20 -10.56
N TYR F 173 -53.05 6.35 -10.15
CA TYR F 173 -53.34 5.13 -10.88
C TYR F 173 -54.73 5.18 -11.49
N ALA F 174 -54.88 4.44 -12.59
CA ALA F 174 -56.15 4.27 -13.28
C ALA F 174 -56.37 2.80 -13.58
N ALA F 175 -57.63 2.41 -13.71
CA ALA F 175 -57.97 1.04 -14.07
C ALA F 175 -59.39 1.00 -14.61
N SER F 176 -59.66 -0.01 -15.43
CA SER F 176 -60.97 -0.22 -16.03
C SER F 176 -61.46 -1.63 -15.73
N SER F 177 -62.78 -1.75 -15.66
CA SER F 177 -63.41 -3.06 -15.58
C SER F 177 -64.62 -3.09 -16.48
N TYR F 178 -64.84 -4.24 -17.11
CA TYR F 178 -65.89 -4.41 -18.12
C TYR F 178 -66.72 -5.63 -17.77
N LEU F 179 -68.04 -5.46 -17.78
CA LEU F 179 -68.98 -6.56 -17.60
C LEU F 179 -69.70 -6.80 -18.93
N SER F 180 -69.58 -8.03 -19.44
CA SER F 180 -70.27 -8.44 -20.66
C SER F 180 -71.59 -9.11 -20.31
N LEU F 181 -72.68 -8.63 -20.91
CA LEU F 181 -74.00 -9.21 -20.73
C LEU F 181 -74.66 -9.39 -22.09
N THR F 182 -75.67 -10.25 -22.10
CA THR F 182 -76.59 -10.26 -23.21
C THR F 182 -77.63 -9.16 -22.99
N PRO F 183 -78.17 -8.58 -24.07
CA PRO F 183 -79.24 -7.59 -23.88
C PRO F 183 -80.37 -8.07 -22.98
N GLU F 184 -80.68 -9.36 -23.00
CA GLU F 184 -81.76 -9.87 -22.15
C GLU F 184 -81.34 -9.88 -20.69
N GLN F 185 -80.09 -10.26 -20.40
CA GLN F 185 -79.60 -10.18 -19.02
C GLN F 185 -79.66 -8.74 -18.51
N TRP F 186 -79.27 -7.78 -19.36
CA TRP F 186 -79.28 -6.37 -18.97
C TRP F 186 -80.68 -5.92 -18.57
N LYS F 187 -81.69 -6.27 -19.38
CA LYS F 187 -83.04 -5.80 -19.11
C LYS F 187 -83.77 -6.64 -18.07
N SER F 188 -83.31 -7.87 -17.78
CA SER F 188 -84.03 -8.72 -16.83
C SER F 188 -83.80 -8.26 -15.40
N HIS F 189 -82.61 -7.78 -15.08
CA HIS F 189 -82.31 -7.30 -13.74
C HIS F 189 -82.70 -5.83 -13.60
N ARG F 190 -82.98 -5.41 -12.37
CA ARG F 190 -83.43 -4.04 -12.15
C ARG F 190 -82.29 -3.04 -12.11
N SER F 191 -81.06 -3.48 -11.86
CA SER F 191 -79.90 -2.59 -11.85
C SER F 191 -78.65 -3.44 -11.74
N TYR F 192 -77.52 -2.84 -12.13
CA TYR F 192 -76.20 -3.41 -11.95
C TYR F 192 -75.32 -2.38 -11.28
N SER F 193 -74.30 -2.86 -10.56
CA SER F 193 -73.45 -1.96 -9.81
C SER F 193 -71.99 -2.32 -9.99
N CYS F 194 -71.14 -1.31 -9.83
CA CYS F 194 -69.70 -1.48 -9.78
C CYS F 194 -69.24 -1.03 -8.39
N GLN F 195 -68.64 -1.95 -7.65
CA GLN F 195 -68.17 -1.67 -6.29
C GLN F 195 -66.65 -1.60 -6.30
N VAL F 196 -66.11 -0.45 -5.95
CA VAL F 196 -64.68 -0.23 -5.93
C VAL F 196 -64.25 0.04 -4.49
N THR F 197 -63.33 -0.78 -3.98
CA THR F 197 -62.77 -0.60 -2.65
C THR F 197 -61.30 -0.22 -2.77
N HIS F 198 -60.89 0.78 -2.00
CA HIS F 198 -59.52 1.27 -2.00
C HIS F 198 -59.15 1.67 -0.58
N GLU F 199 -58.21 0.94 0.02
CA GLU F 199 -57.75 1.20 1.39
C GLU F 199 -58.91 1.22 2.38
N GLY F 200 -59.75 0.18 2.33
CA GLY F 200 -60.84 0.02 3.25
C GLY F 200 -62.11 0.79 2.93
N SER F 201 -62.06 1.76 2.02
CA SER F 201 -63.21 2.58 1.68
C SER F 201 -63.78 2.12 0.34
N THR F 202 -65.09 1.98 0.28
CA THR F 202 -65.78 1.49 -0.90
C THR F 202 -66.61 2.59 -1.54
N VAL F 203 -66.54 2.68 -2.86
CA VAL F 203 -67.39 3.53 -3.68
C VAL F 203 -68.29 2.60 -4.49
N GLU F 204 -69.57 2.96 -4.60
CA GLU F 204 -70.53 2.17 -5.38
C GLU F 204 -71.23 3.06 -6.39
N LYS F 205 -71.23 2.62 -7.64
CA LYS F 205 -72.01 3.27 -8.70
C LYS F 205 -72.95 2.25 -9.31
N THR F 206 -74.16 2.70 -9.64
CA THR F 206 -75.23 1.84 -10.13
C THR F 206 -75.82 2.42 -11.40
N VAL F 207 -76.18 1.55 -12.34
CA VAL F 207 -76.89 1.93 -13.55
C VAL F 207 -78.13 1.05 -13.68
N ALA F 208 -79.11 1.54 -14.44
CA ALA F 208 -80.36 0.80 -14.58
C ALA F 208 -80.77 0.71 -16.03
N PRO F 209 -81.40 -0.42 -16.44
CA PRO F 209 -81.84 -0.60 -17.83
C PRO F 209 -82.71 0.52 -18.38
N THR F 210 -83.17 1.42 -17.51
CA THR F 210 -83.90 2.61 -17.94
C THR F 210 -83.21 3.31 -19.12
C1 NAG G . 7.76 9.11 -12.97
C2 NAG G . 8.66 9.96 -12.08
C3 NAG G . 8.56 9.49 -10.65
C4 NAG G . 7.11 9.53 -10.18
C5 NAG G . 6.18 8.78 -11.15
C6 NAG G . 4.73 9.02 -10.87
C7 NAG G . 10.65 10.99 -13.10
C8 NAG G . 9.82 12.22 -13.27
N2 NAG G . 10.04 9.93 -12.53
O3 NAG G . 9.36 10.35 -9.84
O4 NAG G . 7.01 8.94 -8.89
O5 NAG G . 6.41 9.20 -12.50
O6 NAG G . 3.93 7.91 -11.23
O7 NAG G . 11.82 10.94 -13.46
C1 NAG G . 6.39 9.87 -7.98
C2 NAG G . 5.97 9.08 -6.74
C3 NAG G . 5.34 10.01 -5.70
C4 NAG G . 6.24 11.21 -5.43
C5 NAG G . 6.69 11.88 -6.72
C6 NAG G . 7.74 12.93 -6.50
C7 NAG G . 5.48 6.78 -7.43
C8 NAG G . 4.40 5.80 -7.77
N2 NAG G . 5.06 8.01 -7.09
O3 NAG G . 5.09 9.29 -4.51
O4 NAG G . 5.54 12.16 -4.62
O5 NAG G . 7.27 10.91 -7.61
O6 NAG G . 8.98 12.33 -6.14
O7 NAG G . 6.67 6.49 -7.46
C1 NAG H . -2.72 -4.87 -29.50
C2 NAG H . -4.22 -4.80 -29.19
C3 NAG H . -4.45 -4.63 -27.68
C4 NAG H . -3.66 -5.66 -26.88
C5 NAG H . -2.19 -5.58 -27.29
C6 NAG H . -1.29 -6.55 -26.56
C7 NAG H . -5.68 -3.93 -30.96
C8 NAG H . -6.26 -2.69 -31.59
N2 NAG H . -4.86 -3.73 -29.92
O3 NAG H . -5.84 -4.72 -27.39
O4 NAG H . -3.80 -5.39 -25.50
O5 NAG H . -2.09 -5.86 -28.69
O6 NAG H . -0.93 -7.64 -27.40
O7 NAG H . -5.92 -5.06 -31.39
C1 NAG H . -4.25 -6.58 -24.79
C2 NAG H . -4.17 -6.29 -23.28
C3 NAG H . -4.66 -7.50 -22.49
C4 NAG H . -6.06 -7.88 -22.94
C5 NAG H . -6.09 -8.11 -24.45
C6 NAG H . -7.48 -8.37 -24.99
C7 NAG H . -2.36 -4.67 -22.89
C8 NAG H . -0.92 -4.49 -22.48
N2 NAG H . -2.81 -5.93 -22.90
O3 NAG H . -4.63 -7.22 -21.10
O4 NAG H . -6.49 -9.06 -22.26
O5 NAG H . -5.61 -6.94 -25.14
O6 NAG H . -8.34 -7.27 -24.73
O7 NAG H . -3.08 -3.72 -23.17
C1 NAG I . 2.32 -17.45 1.61
C2 NAG I . 0.85 -17.80 1.35
C3 NAG I . 0.06 -16.56 0.98
C4 NAG I . 0.26 -15.45 2.00
C5 NAG I . 1.76 -15.20 2.20
C6 NAG I . 2.06 -14.19 3.28
C7 NAG I . 0.36 -20.06 0.51
C8 NAG I . 0.06 -20.43 1.93
N2 NAG I . 0.74 -18.80 0.30
O3 NAG I . -1.32 -16.91 0.90
O4 NAG I . -0.33 -14.25 1.51
O5 NAG I . 2.40 -16.42 2.59
O6 NAG I . 1.69 -14.69 4.56
O7 NAG I . 0.28 -20.87 -0.40
C1 NAG I . -1.43 -13.88 2.37
C2 NAG I . -1.77 -12.41 2.14
C3 NAG I . -2.99 -12.01 2.97
C4 NAG I . -4.15 -12.97 2.70
C5 NAG I . -3.71 -14.42 2.89
C6 NAG I . -4.77 -15.41 2.47
C7 NAG I . 0.22 -11.13 1.53
C8 NAG I . 1.33 -10.24 2.02
N2 NAG I . -0.64 -11.55 2.45
O3 NAG I . -3.37 -10.68 2.66
O4 NAG I . -5.23 -12.67 3.58
O5 NAG I . -2.56 -14.69 2.07
O6 NAG I . -4.79 -15.57 1.05
O7 NAG I . 0.12 -11.43 0.34
C1 NAG J . 26.42 -14.75 3.99
C2 NAG J . 26.65 -13.78 5.15
C3 NAG J . 25.52 -12.76 5.22
C4 NAG J . 25.32 -12.07 3.87
C5 NAG J . 25.13 -13.13 2.78
C6 NAG J . 25.04 -12.55 1.39
C7 NAG J . 27.85 -14.46 7.19
C8 NAG J . 29.00 -13.63 6.69
N2 NAG J . 26.76 -14.50 6.41
O3 NAG J . 25.81 -11.79 6.23
O4 NAG J . 24.18 -11.22 3.92
O5 NAG J . 26.25 -14.02 2.77
O6 NAG J . 25.52 -13.46 0.41
O7 NAG J . 27.91 -15.08 8.25
C1 NAG J . 24.52 -9.88 3.50
C2 NAG J . 23.22 -9.16 3.19
C3 NAG J . 23.51 -7.73 2.69
C4 NAG J . 24.40 -6.99 3.68
C5 NAG J . 25.63 -7.82 4.05
C6 NAG J . 26.45 -7.20 5.17
C7 NAG J . 21.37 -10.65 2.54
C8 NAG J . 20.68 -11.33 1.39
N2 NAG J . 22.43 -9.89 2.21
O3 NAG J . 22.28 -7.04 2.49
O4 NAG J . 24.85 -5.76 3.10
O5 NAG J . 25.25 -9.13 4.50
O6 NAG J . 27.52 -8.05 5.55
O7 NAG J . 20.99 -10.77 3.70
C1 BMA J . 24.08 -4.61 3.53
C2 BMA J . 25.01 -3.36 3.56
C3 BMA J . 24.20 -2.07 3.78
C4 BMA J . 22.96 -2.01 2.85
C5 BMA J . 22.11 -3.30 3.02
C6 BMA J . 20.87 -3.35 2.11
O2 BMA J . 25.72 -3.19 2.32
O3 BMA J . 25.01 -0.89 3.63
O4 BMA J . 22.19 -0.86 3.16
O5 BMA J . 22.94 -4.43 2.69
O6 BMA J . 19.95 -2.34 2.50
#